data_2RVF
#
_entry.id   2RVF
#
_cell.length_a   1.000
_cell.length_b   1.000
_cell.length_c   1.000
_cell.angle_alpha   90.00
_cell.angle_beta   90.00
_cell.angle_gamma   90.00
#
_symmetry.space_group_name_H-M   'P 1'
#
_entity_poly.entity_id   1
_entity_poly.type   'polypeptide(L)'
_entity_poly.pdbx_seq_one_letter_code
;GSSGSSGMAEAAAPWYHGPLSRTDAENSLLRMPEGTFLVRDSTSSPGDYVLSCSENGKVTHYKLSAEEGKIRIDTHLFDN
LDAAITFYMEHELEYSSLKQPLQR
;
_entity_poly.pdbx_strand_id   A
#
# COMPACT_ATOMS: atom_id res chain seq x y z
N GLY A 1 -13.85 20.30 21.57
CA GLY A 1 -14.52 19.12 22.14
C GLY A 1 -13.47 18.29 22.81
N SER A 2 -13.48 17.00 22.53
CA SER A 2 -12.46 16.04 22.93
C SER A 2 -11.07 16.37 22.37
N SER A 3 -10.12 15.47 22.64
CA SER A 3 -8.99 15.10 21.77
C SER A 3 -9.33 15.23 20.28
N GLY A 4 -10.58 14.94 19.89
CA GLY A 4 -11.33 15.65 18.82
C GLY A 4 -11.03 15.18 17.40
N SER A 5 -9.78 14.78 17.20
CA SER A 5 -9.17 14.29 15.97
C SER A 5 -8.53 12.90 16.19
N SER A 6 -8.86 12.25 17.31
CA SER A 6 -9.75 11.09 17.16
C SER A 6 -11.20 11.57 17.09
N GLY A 7 -11.68 11.79 15.87
CA GLY A 7 -12.93 11.15 15.49
C GLY A 7 -12.54 9.84 14.80
N MET A 8 -13.03 9.71 13.58
CA MET A 8 -12.14 9.85 12.42
C MET A 8 -10.81 10.57 12.75
N ALA A 9 -9.70 9.88 12.52
CA ALA A 9 -9.05 10.18 11.27
C ALA A 9 -9.50 9.15 10.23
N GLU A 10 -10.38 9.61 9.37
CA GLU A 10 -9.99 9.86 7.97
C GLU A 10 -9.19 8.74 7.29
N ALA A 11 -9.61 7.50 7.53
CA ALA A 11 -10.35 6.69 6.55
C ALA A 11 -9.79 6.49 5.12
N ALA A 12 -8.51 6.76 4.97
CA ALA A 12 -7.66 5.83 4.24
C ALA A 12 -7.72 4.45 4.90
N ALA A 13 -7.58 3.42 4.07
CA ALA A 13 -7.63 2.02 4.49
C ALA A 13 -6.59 1.70 5.61
N PRO A 14 -6.80 0.66 6.43
CA PRO A 14 -5.87 0.34 7.52
C PRO A 14 -4.45 0.01 7.02
N TRP A 15 -4.34 -0.55 5.81
CA TRP A 15 -3.06 -0.85 5.15
C TRP A 15 -2.39 0.34 4.47
N TYR A 16 -3.01 1.53 4.39
CA TYR A 16 -2.40 2.68 3.69
C TYR A 16 -1.54 3.55 4.62
N HIS A 17 -0.30 3.84 4.19
CA HIS A 17 0.72 4.57 4.96
C HIS A 17 1.23 5.84 4.25
N GLY A 18 0.62 6.28 3.14
CA GLY A 18 0.97 7.54 2.47
C GLY A 18 2.38 7.54 1.86
N PRO A 19 3.12 8.68 1.87
CA PRO A 19 4.46 8.81 1.29
C PRO A 19 5.57 8.17 2.14
N LEU A 20 5.41 6.88 2.45
CA LEU A 20 6.38 6.06 3.17
C LEU A 20 7.53 5.65 2.22
N SER A 21 8.78 5.67 2.71
CA SER A 21 9.95 5.18 1.96
C SER A 21 10.11 3.65 2.04
N ARG A 22 10.91 3.09 1.12
CA ARG A 22 11.28 1.66 1.16
C ARG A 22 11.92 1.26 2.48
N THR A 23 12.88 2.03 2.98
CA THR A 23 13.66 1.68 4.19
C THR A 23 12.77 1.54 5.42
N ASP A 24 11.76 2.40 5.56
CA ASP A 24 10.78 2.41 6.65
C ASP A 24 9.78 1.25 6.51
N ALA A 25 9.29 0.98 5.29
CA ALA A 25 8.48 -0.21 5.01
C ALA A 25 9.24 -1.51 5.35
N GLU A 26 10.53 -1.60 4.97
CA GLU A 26 11.39 -2.75 5.24
C GLU A 26 11.70 -2.90 6.74
N ASN A 27 11.96 -1.82 7.48
CA ASN A 27 12.21 -1.86 8.93
C ASN A 27 10.96 -2.15 9.78
N SER A 28 9.77 -1.90 9.23
CA SER A 28 8.49 -2.32 9.83
C SER A 28 8.19 -3.80 9.54
N LEU A 29 8.22 -4.21 8.27
CA LEU A 29 7.82 -5.56 7.86
C LEU A 29 8.83 -6.64 8.25
N LEU A 30 10.13 -6.34 8.32
CA LEU A 30 11.14 -7.27 8.87
C LEU A 30 10.94 -7.55 10.38
N ARG A 31 10.15 -6.71 11.07
CA ARG A 31 9.81 -6.85 12.50
C ARG A 31 8.48 -7.57 12.73
N MET A 32 7.68 -7.72 11.68
CA MET A 32 6.35 -8.32 11.70
C MET A 32 6.39 -9.76 11.16
N PRO A 33 5.41 -10.62 11.50
CA PRO A 33 5.31 -11.94 10.91
C PRO A 33 4.95 -11.87 9.41
N GLU A 34 5.16 -12.98 8.71
CA GLU A 34 4.88 -13.16 7.28
C GLU A 34 3.40 -12.95 6.91
N GLY A 35 3.16 -12.29 5.77
CA GLY A 35 1.82 -11.89 5.30
C GLY A 35 1.34 -10.55 5.89
N THR A 36 2.22 -9.80 6.55
CA THR A 36 1.94 -8.41 6.95
C THR A 36 2.24 -7.49 5.77
N PHE A 37 1.30 -6.61 5.42
CA PHE A 37 1.41 -5.75 4.23
C PHE A 37 1.04 -4.29 4.47
N LEU A 38 1.50 -3.41 3.58
CA LEU A 38 1.15 -2.00 3.52
C LEU A 38 1.09 -1.51 2.06
N VAL A 39 0.38 -0.40 1.83
CA VAL A 39 0.39 0.34 0.57
C VAL A 39 0.85 1.77 0.82
N ARG A 40 1.71 2.28 -0.07
CA ARG A 40 2.34 3.60 0.01
C ARG A 40 2.37 4.29 -1.36
N ASP A 41 2.54 5.61 -1.38
CA ASP A 41 2.83 6.39 -2.59
C ASP A 41 4.18 5.97 -3.22
N SER A 42 4.27 6.04 -4.55
CA SER A 42 5.35 5.39 -5.30
C SER A 42 6.62 6.25 -5.39
N THR A 43 7.72 5.75 -4.82
CA THR A 43 9.04 6.41 -4.73
C THR A 43 9.72 6.75 -6.07
N SER A 44 9.07 6.49 -7.21
CA SER A 44 9.59 6.76 -8.56
C SER A 44 8.60 7.43 -9.51
N SER A 45 7.31 7.49 -9.16
CA SER A 45 6.23 7.81 -10.09
C SER A 45 5.04 8.44 -9.35
N PRO A 46 4.89 9.79 -9.34
CA PRO A 46 3.79 10.42 -8.63
C PRO A 46 2.43 9.98 -9.19
N GLY A 47 1.53 9.53 -8.32
CA GLY A 47 0.21 8.99 -8.70
C GLY A 47 0.15 7.46 -8.87
N ASP A 48 1.29 6.76 -8.98
CA ASP A 48 1.36 5.31 -8.76
C ASP A 48 1.41 5.01 -7.26
N TYR A 49 1.06 3.77 -6.87
CA TYR A 49 1.27 3.24 -5.52
C TYR A 49 2.21 2.03 -5.51
N VAL A 50 2.63 1.58 -4.32
CA VAL A 50 3.43 0.38 -4.10
C VAL A 50 2.85 -0.43 -2.93
N LEU A 51 2.62 -1.72 -3.16
CA LEU A 51 2.33 -2.73 -2.13
C LEU A 51 3.68 -3.27 -1.61
N SER A 52 3.89 -3.28 -0.30
CA SER A 52 5.05 -3.90 0.35
C SER A 52 4.58 -5.03 1.27
N CYS A 53 5.32 -6.15 1.31
CA CYS A 53 4.91 -7.40 1.97
C CYS A 53 6.06 -8.05 2.76
N SER A 54 5.77 -8.66 3.93
CA SER A 54 6.70 -9.58 4.60
C SER A 54 6.51 -11.00 4.06
N GLU A 55 7.51 -11.53 3.35
CA GLU A 55 7.43 -12.81 2.64
C GLU A 55 8.79 -13.52 2.62
N ASN A 56 8.82 -14.84 2.83
CA ASN A 56 10.02 -15.68 2.71
C ASN A 56 11.24 -15.13 3.51
N GLY A 57 10.99 -14.74 4.76
CA GLY A 57 11.99 -14.20 5.69
C GLY A 57 12.58 -12.82 5.32
N LYS A 58 12.02 -12.13 4.33
CA LYS A 58 12.46 -10.81 3.84
C LYS A 58 11.25 -9.88 3.63
N VAL A 59 11.49 -8.76 2.95
CA VAL A 59 10.43 -7.82 2.52
C VAL A 59 10.46 -7.65 0.99
N THR A 60 9.27 -7.65 0.38
CA THR A 60 9.03 -7.53 -1.06
C THR A 60 8.28 -6.23 -1.39
N HIS A 61 8.31 -5.79 -2.65
CA HIS A 61 7.64 -4.57 -3.13
C HIS A 61 7.11 -4.75 -4.55
N TYR A 62 5.85 -4.38 -4.79
CA TYR A 62 5.13 -4.55 -6.05
C TYR A 62 4.43 -3.23 -6.44
N LYS A 63 4.50 -2.83 -7.71
CA LYS A 63 3.89 -1.57 -8.16
C LYS A 63 2.39 -1.74 -8.45
N LEU A 64 1.62 -0.76 -7.99
CA LEU A 64 0.20 -0.57 -8.24
C LEU A 64 0.08 0.68 -9.14
N SER A 65 0.28 0.50 -10.44
CA SER A 65 0.33 1.58 -11.42
C SER A 65 -1.06 2.07 -11.80
N ALA A 66 -1.21 3.37 -12.08
CA ALA A 66 -2.49 3.94 -12.49
C ALA A 66 -2.72 3.82 -14.01
N GLU A 67 -3.82 3.21 -14.43
CA GLU A 67 -4.16 2.95 -15.83
C GLU A 67 -5.63 3.29 -16.10
N GLU A 68 -5.92 4.38 -16.82
CA GLU A 68 -7.29 4.94 -17.01
C GLU A 68 -8.10 5.11 -15.69
N GLY A 69 -7.41 5.40 -14.58
CA GLY A 69 -8.00 5.53 -13.25
C GLY A 69 -8.21 4.22 -12.49
N LYS A 70 -7.92 3.08 -13.12
CA LYS A 70 -7.87 1.73 -12.53
C LYS A 70 -6.45 1.36 -12.10
N ILE A 71 -6.29 0.21 -11.46
CA ILE A 71 -5.05 -0.25 -10.82
C ILE A 71 -4.46 -1.46 -11.56
N ARG A 72 -3.28 -1.29 -12.16
CA ARG A 72 -2.48 -2.36 -12.78
C ARG A 72 -1.40 -2.84 -11.80
N ILE A 73 -1.28 -4.14 -11.58
CA ILE A 73 -0.19 -4.76 -10.78
C ILE A 73 0.26 -6.08 -11.41
N ASP A 74 1.57 -6.19 -11.64
CA ASP A 74 2.14 -7.17 -12.58
C ASP A 74 1.34 -7.14 -13.91
N THR A 75 0.66 -8.23 -14.25
CA THR A 75 -0.21 -8.36 -15.43
C THR A 75 -1.68 -8.05 -15.12
N HIS A 76 -2.10 -8.12 -13.86
CA HIS A 76 -3.49 -8.03 -13.43
C HIS A 76 -4.02 -6.58 -13.42
N LEU A 77 -5.31 -6.41 -13.72
CA LEU A 77 -6.00 -5.11 -13.69
C LEU A 77 -7.23 -5.17 -12.79
N PHE A 78 -7.29 -4.26 -11.81
CA PHE A 78 -8.36 -4.14 -10.82
C PHE A 78 -8.99 -2.76 -10.88
N ASP A 79 -10.25 -2.65 -10.48
CA ASP A 79 -10.96 -1.37 -10.47
C ASP A 79 -10.35 -0.34 -9.51
N ASN A 80 -9.85 -0.79 -8.36
CA ASN A 80 -9.35 0.03 -7.27
C ASN A 80 -8.36 -0.76 -6.38
N LEU A 81 -7.73 -0.08 -5.41
CA LEU A 81 -6.72 -0.70 -4.53
C LEU A 81 -7.28 -1.83 -3.64
N ASP A 82 -8.48 -1.68 -3.09
CA ASP A 82 -9.05 -2.66 -2.15
C ASP A 82 -9.41 -3.99 -2.86
N ALA A 83 -9.83 -3.90 -4.13
CA ALA A 83 -10.01 -5.07 -5.00
C ALA A 83 -8.67 -5.80 -5.28
N ALA A 84 -7.56 -5.07 -5.47
CA ALA A 84 -6.24 -5.67 -5.64
C ALA A 84 -5.73 -6.35 -4.36
N ILE A 85 -5.95 -5.73 -3.19
CA ILE A 85 -5.66 -6.33 -1.89
C ILE A 85 -6.50 -7.60 -1.66
N THR A 86 -7.81 -7.54 -1.92
CA THR A 86 -8.71 -8.69 -1.77
C THR A 86 -8.33 -9.85 -2.69
N PHE A 87 -7.91 -9.59 -3.93
CA PHE A 87 -7.42 -10.64 -4.83
C PHE A 87 -6.22 -11.40 -4.24
N TYR A 88 -5.24 -10.68 -3.68
CA TYR A 88 -4.08 -11.31 -3.02
C TYR A 88 -4.35 -11.76 -1.57
N MET A 89 -5.60 -11.69 -1.07
CA MET A 89 -6.04 -12.45 0.11
C MET A 89 -6.56 -13.84 -0.31
N GLU A 90 -7.32 -13.92 -1.40
CA GLU A 90 -7.84 -15.18 -1.95
C GLU A 90 -6.75 -16.02 -2.65
N HIS A 91 -5.76 -15.37 -3.28
CA HIS A 91 -4.67 -16.00 -4.04
C HIS A 91 -3.29 -15.60 -3.51
N GLU A 92 -2.28 -16.42 -3.76
CA GLU A 92 -0.88 -16.10 -3.45
C GLU A 92 -0.33 -15.01 -4.40
N LEU A 93 0.57 -14.16 -3.88
CA LEU A 93 1.14 -13.02 -4.61
C LEU A 93 2.43 -13.43 -5.35
N GLU A 94 3.40 -13.97 -4.63
CA GLU A 94 4.68 -14.49 -5.18
C GLU A 94 5.25 -15.61 -4.28
N TYR A 95 5.27 -15.41 -2.95
CA TYR A 95 5.70 -16.44 -1.99
C TYR A 95 4.61 -16.84 -0.99
N SER A 96 3.59 -15.99 -0.77
CA SER A 96 2.46 -16.24 0.11
C SER A 96 1.28 -15.33 -0.26
N SER A 97 0.12 -15.49 0.38
CA SER A 97 -0.99 -14.53 0.32
C SER A 97 -0.91 -13.47 1.44
N LEU A 98 -1.60 -12.36 1.25
CA LEU A 98 -1.79 -11.29 2.23
C LEU A 98 -2.60 -11.79 3.42
N LYS A 99 -2.20 -11.41 4.65
CA LYS A 99 -2.84 -11.89 5.89
C LYS A 99 -3.31 -10.77 6.82
N GLN A 100 -2.56 -9.66 6.94
CA GLN A 100 -2.94 -8.55 7.83
C GLN A 100 -2.31 -7.18 7.45
N PRO A 101 -3.03 -6.06 7.66
CA PRO A 101 -2.48 -4.72 7.47
C PRO A 101 -1.47 -4.34 8.56
N LEU A 102 -0.38 -3.66 8.18
CA LEU A 102 0.55 -3.07 9.14
C LEU A 102 -0.16 -2.00 9.99
N GLN A 103 0.05 -2.08 11.30
CA GLN A 103 -0.51 -1.20 12.32
C GLN A 103 0.00 0.25 12.19
N ARG A 104 -0.77 1.22 12.70
CA ARG A 104 -0.45 2.65 12.80
C ARG A 104 -1.24 3.28 13.95
N GLY A 1 -2.62 25.81 6.20
CA GLY A 1 -2.46 24.80 5.13
C GLY A 1 -2.83 23.40 5.62
N SER A 2 -3.13 22.49 4.68
CA SER A 2 -3.53 21.10 4.96
C SER A 2 -2.36 20.14 5.25
N SER A 3 -1.14 20.49 4.79
CA SER A 3 0.08 19.67 4.83
C SER A 3 -0.03 18.30 4.13
N GLY A 4 -1.04 18.11 3.27
CA GLY A 4 -1.28 16.89 2.49
C GLY A 4 -2.74 16.74 2.04
N SER A 5 -2.96 16.04 0.92
CA SER A 5 -4.28 15.90 0.29
C SER A 5 -5.31 15.17 1.16
N SER A 6 -4.87 14.27 2.04
CA SER A 6 -5.70 13.61 3.06
C SER A 6 -6.26 14.58 4.11
N GLY A 7 -5.62 15.73 4.32
CA GLY A 7 -6.11 16.82 5.19
C GLY A 7 -7.30 17.59 4.61
N MET A 8 -7.49 17.58 3.28
CA MET A 8 -8.66 18.16 2.61
C MET A 8 -9.89 17.24 2.71
N ALA A 9 -9.69 15.92 2.64
CA ALA A 9 -10.73 14.92 2.81
C ALA A 9 -11.02 14.56 4.30
N GLU A 10 -10.10 14.95 5.20
CA GLU A 10 -10.06 14.60 6.63
C GLU A 10 -10.03 13.06 6.92
N ALA A 11 -9.70 12.24 5.91
CA ALA A 11 -9.65 10.78 5.97
C ALA A 11 -8.74 10.18 4.88
N ALA A 12 -8.24 8.97 5.14
CA ALA A 12 -7.51 8.12 4.19
C ALA A 12 -7.63 6.63 4.59
N ALA A 13 -7.46 5.71 3.63
CA ALA A 13 -7.45 4.26 3.86
C ALA A 13 -6.35 3.85 4.86
N PRO A 14 -6.55 2.82 5.72
CA PRO A 14 -5.64 2.51 6.82
C PRO A 14 -4.24 2.08 6.34
N TRP A 15 -4.17 1.41 5.18
CA TRP A 15 -2.92 1.03 4.50
C TRP A 15 -2.24 2.18 3.75
N TYR A 16 -2.87 3.35 3.57
CA TYR A 16 -2.24 4.49 2.89
C TYR A 16 -1.41 5.34 3.87
N HIS A 17 -0.18 5.68 3.49
CA HIS A 17 0.81 6.42 4.29
C HIS A 17 1.30 7.74 3.65
N GLY A 18 0.77 8.14 2.48
CA GLY A 18 1.12 9.41 1.84
C GLY A 18 2.56 9.45 1.32
N PRO A 19 3.31 10.57 1.50
CA PRO A 19 4.66 10.76 0.93
C PRO A 19 5.77 10.01 1.70
N LEU A 20 5.57 8.71 1.95
CA LEU A 20 6.57 7.80 2.51
C LEU A 20 7.64 7.44 1.46
N SER A 21 8.86 7.14 1.90
CA SER A 21 9.99 6.69 1.05
C SER A 21 10.28 5.19 1.24
N ARG A 22 11.02 4.58 0.29
CA ARG A 22 11.41 3.15 0.35
C ARG A 22 12.08 2.78 1.67
N THR A 23 13.06 3.58 2.12
CA THR A 23 13.81 3.32 3.37
C THR A 23 12.90 3.28 4.60
N ASP A 24 11.89 4.15 4.66
CA ASP A 24 10.89 4.19 5.74
C ASP A 24 9.90 3.01 5.66
N ALA A 25 9.48 2.64 4.44
CA ALA A 25 8.65 1.46 4.21
C ALA A 25 9.38 0.16 4.60
N GLU A 26 10.67 0.04 4.25
CA GLU A 26 11.52 -1.10 4.63
C GLU A 26 11.70 -1.20 6.15
N ASN A 27 12.04 -0.10 6.83
CA ASN A 27 12.20 -0.09 8.29
C ASN A 27 10.88 -0.38 9.03
N SER A 28 9.73 0.01 8.46
CA SER A 28 8.41 -0.30 9.03
C SER A 28 8.05 -1.78 8.88
N LEU A 29 8.22 -2.37 7.69
CA LEU A 29 7.80 -3.74 7.40
C LEU A 29 8.79 -4.82 7.87
N LEU A 30 10.08 -4.51 7.97
CA LEU A 30 11.08 -5.42 8.56
C LEU A 30 10.82 -5.70 10.05
N ARG A 31 10.13 -4.79 10.75
CA ARG A 31 9.71 -4.92 12.16
C ARG A 31 8.33 -5.60 12.33
N MET A 32 7.57 -5.78 11.25
CA MET A 32 6.22 -6.34 11.25
C MET A 32 6.17 -7.83 10.83
N PRO A 33 5.07 -8.56 11.15
CA PRO A 33 4.83 -9.92 10.66
C PRO A 33 4.63 -9.97 9.13
N GLU A 34 4.72 -11.17 8.55
CA GLU A 34 4.52 -11.45 7.13
C GLU A 34 3.14 -11.01 6.63
N GLY A 35 3.10 -10.44 5.41
CA GLY A 35 1.89 -9.97 4.76
C GLY A 35 1.39 -8.61 5.26
N THR A 36 2.20 -7.89 6.05
CA THR A 36 1.95 -6.50 6.41
C THR A 36 2.25 -5.61 5.21
N PHE A 37 1.30 -4.76 4.81
CA PHE A 37 1.44 -3.94 3.62
C PHE A 37 1.07 -2.46 3.82
N LEU A 38 1.57 -1.63 2.91
CA LEU A 38 1.29 -0.19 2.86
C LEU A 38 1.23 0.29 1.41
N VAL A 39 0.59 1.44 1.18
CA VAL A 39 0.60 2.17 -0.08
C VAL A 39 1.04 3.61 0.15
N ARG A 40 1.88 4.14 -0.74
CA ARG A 40 2.49 5.47 -0.65
C ARG A 40 2.47 6.21 -1.98
N ASP A 41 2.62 7.53 -1.95
CA ASP A 41 2.85 8.36 -3.14
C ASP A 41 4.17 7.95 -3.84
N SER A 42 4.14 7.80 -5.16
CA SER A 42 5.25 7.18 -5.91
C SER A 42 6.46 8.10 -6.11
N THR A 43 7.66 7.54 -5.90
CA THR A 43 8.94 8.26 -5.96
C THR A 43 9.19 8.82 -7.36
N SER A 44 9.35 10.15 -7.46
CA SER A 44 9.57 10.91 -8.71
C SER A 44 8.54 10.64 -9.83
N SER A 45 7.32 10.20 -9.47
CA SER A 45 6.27 9.77 -10.41
C SER A 45 4.91 10.39 -10.03
N PRO A 46 4.64 11.65 -10.43
CA PRO A 46 3.42 12.37 -10.03
C PRO A 46 2.12 11.66 -10.44
N GLY A 47 1.17 11.58 -9.51
CA GLY A 47 -0.15 10.94 -9.71
C GLY A 47 -0.14 9.39 -9.67
N ASP A 48 1.02 8.75 -9.49
CA ASP A 48 1.16 7.31 -9.31
C ASP A 48 1.41 6.93 -7.83
N TYR A 49 1.24 5.66 -7.50
CA TYR A 49 1.39 5.11 -6.14
C TYR A 49 2.34 3.89 -6.11
N VAL A 50 2.72 3.43 -4.92
CA VAL A 50 3.55 2.23 -4.71
C VAL A 50 3.00 1.39 -3.57
N LEU A 51 2.82 0.09 -3.79
CA LEU A 51 2.50 -0.92 -2.78
C LEU A 51 3.81 -1.50 -2.25
N SER A 52 3.95 -1.60 -0.93
CA SER A 52 5.05 -2.32 -0.28
C SER A 52 4.51 -3.39 0.66
N CYS A 53 5.15 -4.57 0.72
CA CYS A 53 4.69 -5.71 1.53
C CYS A 53 5.84 -6.49 2.18
N SER A 54 5.64 -7.03 3.39
CA SER A 54 6.60 -7.91 4.07
C SER A 54 6.46 -9.35 3.56
N GLU A 55 7.38 -9.76 2.69
CA GLU A 55 7.38 -11.07 2.03
C GLU A 55 8.75 -11.77 2.11
N ASN A 56 8.76 -13.10 2.30
CA ASN A 56 9.95 -13.97 2.22
C ASN A 56 11.12 -13.50 3.10
N GLY A 57 10.81 -12.95 4.28
CA GLY A 57 11.80 -12.42 5.23
C GLY A 57 12.45 -11.09 4.84
N LYS A 58 11.96 -10.43 3.79
CA LYS A 58 12.39 -9.12 3.26
C LYS A 58 11.18 -8.19 3.03
N VAL A 59 11.41 -7.07 2.36
CA VAL A 59 10.36 -6.11 1.96
C VAL A 59 10.36 -5.94 0.43
N THR A 60 9.19 -6.05 -0.19
CA THR A 60 8.95 -5.91 -1.64
C THR A 60 8.25 -4.58 -1.96
N HIS A 61 8.37 -4.11 -3.21
CA HIS A 61 7.79 -2.84 -3.70
C HIS A 61 7.25 -2.99 -5.14
N TYR A 62 6.08 -2.40 -5.42
CA TYR A 62 5.37 -2.50 -6.71
C TYR A 62 4.69 -1.19 -7.10
N LYS A 63 4.91 -0.69 -8.31
CA LYS A 63 4.27 0.56 -8.79
C LYS A 63 2.82 0.32 -9.19
N LEU A 64 1.93 1.16 -8.67
CA LEU A 64 0.51 1.28 -9.02
C LEU A 64 0.36 2.52 -9.93
N SER A 65 0.18 2.29 -11.22
CA SER A 65 0.19 3.32 -12.27
C SER A 65 -1.23 3.81 -12.60
N ALA A 66 -1.39 5.10 -12.85
CA ALA A 66 -2.66 5.68 -13.31
C ALA A 66 -2.75 5.67 -14.85
N GLU A 67 -3.78 5.03 -15.41
CA GLU A 67 -4.14 5.09 -16.84
C GLU A 67 -5.65 5.24 -17.01
N GLU A 68 -6.10 6.26 -17.77
CA GLU A 68 -7.52 6.59 -18.00
C GLU A 68 -8.37 6.74 -16.71
N GLY A 69 -7.74 7.13 -15.61
CA GLY A 69 -8.33 7.26 -14.27
C GLY A 69 -8.46 5.93 -13.50
N LYS A 70 -8.03 4.81 -14.07
CA LYS A 70 -7.99 3.48 -13.45
C LYS A 70 -6.58 3.15 -12.91
N ILE A 71 -6.52 2.21 -11.96
CA ILE A 71 -5.29 1.70 -11.34
C ILE A 71 -4.78 0.48 -12.09
N ARG A 72 -3.58 0.58 -12.65
CA ARG A 72 -2.81 -0.51 -13.25
C ARG A 72 -1.69 -0.97 -12.31
N ILE A 73 -1.36 -2.25 -12.37
CA ILE A 73 -0.18 -2.83 -11.72
C ILE A 73 0.32 -4.02 -12.55
N ASP A 74 1.53 -3.91 -13.08
CA ASP A 74 2.11 -4.82 -14.10
C ASP A 74 1.18 -5.00 -15.33
N THR A 75 0.47 -6.13 -15.42
CA THR A 75 -0.52 -6.44 -16.48
C THR A 75 -1.97 -6.44 -15.99
N HIS A 76 -2.21 -6.20 -14.70
CA HIS A 76 -3.53 -6.13 -14.07
C HIS A 76 -4.08 -4.70 -14.08
N LEU A 77 -5.39 -4.57 -14.16
CA LEU A 77 -6.13 -3.30 -14.21
C LEU A 77 -7.39 -3.35 -13.31
N PHE A 78 -7.60 -2.28 -12.54
CA PHE A 78 -8.64 -2.15 -11.52
C PHE A 78 -9.26 -0.75 -11.50
N ASP A 79 -10.48 -0.62 -10.99
CA ASP A 79 -11.17 0.67 -10.87
C ASP A 79 -10.46 1.63 -9.88
N ASN A 80 -9.91 1.10 -8.79
CA ASN A 80 -9.35 1.85 -7.67
C ASN A 80 -8.30 1.04 -6.87
N LEU A 81 -7.62 1.70 -5.93
CA LEU A 81 -6.58 1.10 -5.10
C LEU A 81 -7.10 -0.04 -4.19
N ASP A 82 -8.28 0.12 -3.58
CA ASP A 82 -8.85 -0.89 -2.68
C ASP A 82 -9.18 -2.20 -3.41
N ALA A 83 -9.62 -2.12 -4.66
CA ALA A 83 -9.81 -3.29 -5.54
C ALA A 83 -8.49 -3.99 -5.89
N ALA A 84 -7.41 -3.23 -6.14
CA ALA A 84 -6.08 -3.78 -6.40
C ALA A 84 -5.49 -4.50 -5.17
N ILE A 85 -5.66 -3.91 -3.96
CA ILE A 85 -5.33 -4.55 -2.68
C ILE A 85 -6.12 -5.85 -2.49
N THR A 86 -7.44 -5.79 -2.67
CA THR A 86 -8.36 -6.94 -2.52
C THR A 86 -8.02 -8.09 -3.48
N PHE A 87 -7.62 -7.80 -4.72
CA PHE A 87 -7.16 -8.83 -5.66
C PHE A 87 -5.95 -9.61 -5.10
N TYR A 88 -4.98 -8.91 -4.49
CA TYR A 88 -3.83 -9.53 -3.82
C TYR A 88 -4.13 -10.06 -2.39
N MET A 89 -5.39 -10.03 -1.94
CA MET A 89 -5.86 -10.74 -0.75
C MET A 89 -6.51 -12.07 -1.15
N GLU A 90 -7.24 -12.09 -2.28
CA GLU A 90 -7.82 -13.29 -2.89
C GLU A 90 -6.77 -14.18 -3.59
N HIS A 91 -5.70 -13.59 -4.10
CA HIS A 91 -4.59 -14.24 -4.81
C HIS A 91 -3.22 -13.84 -4.24
N GLU A 92 -2.18 -14.63 -4.47
CA GLU A 92 -0.80 -14.29 -4.07
C GLU A 92 -0.19 -13.24 -5.01
N LEU A 93 0.65 -12.36 -4.47
CA LEU A 93 1.29 -11.25 -5.20
C LEU A 93 2.57 -11.74 -5.92
N GLU A 94 3.56 -12.16 -5.15
CA GLU A 94 4.84 -12.70 -5.67
C GLU A 94 5.33 -13.90 -4.84
N TYR A 95 5.40 -13.74 -3.52
CA TYR A 95 5.79 -14.79 -2.56
C TYR A 95 4.61 -15.23 -1.68
N SER A 96 3.71 -14.29 -1.34
CA SER A 96 2.45 -14.57 -0.63
C SER A 96 1.37 -13.50 -0.91
N SER A 97 0.23 -13.58 -0.25
CA SER A 97 -0.87 -12.60 -0.31
C SER A 97 -0.68 -11.44 0.68
N LEU A 98 -1.51 -10.39 0.54
CA LEU A 98 -1.68 -9.30 1.50
C LEU A 98 -2.52 -9.81 2.69
N LYS A 99 -2.11 -9.51 3.94
CA LYS A 99 -2.69 -10.13 5.15
C LYS A 99 -3.16 -9.11 6.21
N GLN A 100 -2.45 -8.01 6.41
CA GLN A 100 -2.89 -6.90 7.27
C GLN A 100 -2.30 -5.54 6.85
N PRO A 101 -3.02 -4.41 7.00
CA PRO A 101 -2.47 -3.08 6.77
C PRO A 101 -1.47 -2.69 7.87
N LEU A 102 -0.44 -1.92 7.52
CA LEU A 102 0.45 -1.28 8.50
C LEU A 102 -0.34 -0.26 9.35
N GLN A 103 0.01 -0.16 10.64
CA GLN A 103 -0.64 0.75 11.60
C GLN A 103 0.00 2.16 11.58
N ARG A 104 -0.84 3.19 11.75
CA ARG A 104 -0.45 4.61 11.91
C ARG A 104 -1.35 5.34 12.92
N GLY A 1 -9.32 28.76 18.17
CA GLY A 1 -9.31 27.43 18.82
C GLY A 1 -7.96 27.11 19.44
N SER A 2 -7.85 25.95 20.10
CA SER A 2 -6.61 25.47 20.74
C SER A 2 -5.57 24.99 19.71
N SER A 3 -4.29 25.13 20.05
CA SER A 3 -3.15 24.57 19.31
C SER A 3 -2.87 23.09 19.63
N GLY A 4 -3.51 22.52 20.67
CA GLY A 4 -3.40 21.12 21.06
C GLY A 4 -4.07 20.14 20.07
N SER A 5 -3.59 18.89 20.07
CA SER A 5 -4.08 17.81 19.21
C SER A 5 -3.88 16.42 19.85
N SER A 6 -4.73 15.47 19.49
CA SER A 6 -4.59 14.04 19.84
C SER A 6 -3.58 13.29 18.96
N GLY A 7 -3.19 13.89 17.82
CA GLY A 7 -2.30 13.27 16.82
C GLY A 7 -2.98 12.21 15.93
N MET A 8 -4.29 12.01 16.05
CA MET A 8 -5.06 11.05 15.24
C MET A 8 -5.27 11.56 13.80
N ALA A 9 -5.21 10.65 12.82
CA ALA A 9 -5.47 10.93 11.41
C ALA A 9 -6.32 9.82 10.76
N GLU A 10 -7.56 10.17 10.36
CA GLU A 10 -8.57 9.22 9.82
C GLU A 10 -8.73 9.30 8.29
N ALA A 11 -7.98 10.18 7.62
CA ALA A 11 -8.07 10.40 6.16
C ALA A 11 -7.52 9.21 5.35
N ALA A 12 -8.11 8.96 4.17
CA ALA A 12 -7.82 7.83 3.28
C ALA A 12 -7.98 6.43 3.94
N ALA A 13 -7.70 5.37 3.17
CA ALA A 13 -7.67 3.99 3.68
C ALA A 13 -6.53 3.79 4.69
N PRO A 14 -6.65 2.86 5.68
CA PRO A 14 -5.68 2.72 6.77
C PRO A 14 -4.28 2.28 6.28
N TRP A 15 -4.21 1.55 5.16
CA TRP A 15 -2.96 1.16 4.50
C TRP A 15 -2.28 2.31 3.72
N TYR A 16 -2.92 3.46 3.52
CA TYR A 16 -2.30 4.61 2.84
C TYR A 16 -1.48 5.47 3.80
N HIS A 17 -0.24 5.80 3.42
CA HIS A 17 0.74 6.57 4.21
C HIS A 17 1.25 7.86 3.53
N GLY A 18 0.68 8.26 2.39
CA GLY A 18 1.08 9.50 1.70
C GLY A 18 2.48 9.44 1.07
N PRO A 19 3.26 10.54 1.04
CA PRO A 19 4.58 10.61 0.41
C PRO A 19 5.69 9.99 1.28
N LEU A 20 5.50 8.71 1.67
CA LEU A 20 6.51 7.89 2.35
C LEU A 20 7.63 7.49 1.36
N SER A 21 8.88 7.42 1.83
CA SER A 21 10.03 6.94 1.05
C SER A 21 10.27 5.45 1.26
N ARG A 22 11.02 4.82 0.34
CA ARG A 22 11.40 3.39 0.43
C ARG A 22 12.02 3.03 1.77
N THR A 23 13.05 3.77 2.20
CA THR A 23 13.80 3.47 3.43
C THR A 23 12.90 3.46 4.68
N ASP A 24 11.87 4.32 4.73
CA ASP A 24 10.87 4.35 5.80
C ASP A 24 9.87 3.17 5.71
N ALA A 25 9.42 2.84 4.50
CA ALA A 25 8.57 1.67 4.26
C ALA A 25 9.28 0.35 4.60
N GLU A 26 10.55 0.22 4.23
CA GLU A 26 11.40 -0.94 4.52
C GLU A 26 11.68 -1.08 6.02
N ASN A 27 12.02 0.01 6.72
CA ASN A 27 12.23 -0.02 8.17
C ASN A 27 10.95 -0.35 8.95
N SER A 28 9.77 0.01 8.43
CA SER A 28 8.48 -0.34 9.03
C SER A 28 8.14 -1.82 8.84
N LEU A 29 8.23 -2.33 7.60
CA LEU A 29 7.82 -3.69 7.26
C LEU A 29 8.83 -4.77 7.68
N LEU A 30 10.13 -4.45 7.75
CA LEU A 30 11.15 -5.37 8.28
C LEU A 30 10.94 -5.70 9.78
N ARG A 31 10.27 -4.81 10.51
CA ARG A 31 9.89 -4.98 11.93
C ARG A 31 8.50 -5.62 12.13
N MET A 32 7.71 -5.75 11.07
CA MET A 32 6.35 -6.34 11.08
C MET A 32 6.34 -7.82 10.64
N PRO A 33 5.27 -8.58 10.95
CA PRO A 33 5.06 -9.93 10.42
C PRO A 33 4.82 -9.94 8.90
N GLU A 34 4.95 -11.10 8.27
CA GLU A 34 4.71 -11.31 6.83
C GLU A 34 3.27 -10.97 6.42
N GLY A 35 3.12 -10.42 5.22
CA GLY A 35 1.84 -9.96 4.68
C GLY A 35 1.38 -8.61 5.21
N THR A 36 2.24 -7.88 5.94
CA THR A 36 1.99 -6.48 6.31
C THR A 36 2.27 -5.59 5.12
N PHE A 37 1.33 -4.70 4.78
CA PHE A 37 1.43 -3.87 3.59
C PHE A 37 1.06 -2.40 3.82
N LEU A 38 1.53 -1.55 2.90
CA LEU A 38 1.23 -0.12 2.85
C LEU A 38 1.19 0.36 1.40
N VAL A 39 0.52 1.49 1.15
CA VAL A 39 0.53 2.20 -0.13
C VAL A 39 0.99 3.64 0.09
N ARG A 40 1.83 4.13 -0.81
CA ARG A 40 2.47 5.46 -0.74
C ARG A 40 2.49 6.16 -2.09
N ASP A 41 2.57 7.49 -2.10
CA ASP A 41 2.82 8.27 -3.32
C ASP A 41 4.22 7.93 -3.88
N SER A 42 4.32 7.70 -5.19
CA SER A 42 5.49 7.12 -5.84
C SER A 42 6.75 8.00 -5.82
N THR A 43 7.90 7.33 -5.66
CA THR A 43 9.24 7.94 -5.77
C THR A 43 9.52 8.44 -7.19
N SER A 44 8.90 7.85 -8.22
CA SER A 44 9.09 8.24 -9.64
C SER A 44 8.35 9.54 -9.99
N SER A 45 7.05 9.63 -9.69
CA SER A 45 6.15 10.73 -10.08
C SER A 45 5.00 10.92 -9.07
N PRO A 46 4.60 12.16 -8.75
CA PRO A 46 3.44 12.42 -7.89
C PRO A 46 2.13 12.05 -8.61
N GLY A 47 1.14 11.57 -7.85
CA GLY A 47 -0.17 11.13 -8.37
C GLY A 47 -0.21 9.66 -8.85
N ASP A 48 0.95 9.00 -8.91
CA ASP A 48 1.10 7.56 -9.09
C ASP A 48 1.51 6.94 -7.73
N TYR A 49 1.27 5.64 -7.51
CA TYR A 49 1.42 5.03 -6.19
C TYR A 49 2.33 3.79 -6.19
N VAL A 50 2.71 3.33 -5.01
CA VAL A 50 3.52 2.12 -4.79
C VAL A 50 2.95 1.31 -3.63
N LEU A 51 2.70 0.02 -3.85
CA LEU A 51 2.37 -0.97 -2.83
C LEU A 51 3.67 -1.57 -2.30
N SER A 52 3.91 -1.47 -0.99
CA SER A 52 5.03 -2.14 -0.33
C SER A 52 4.50 -3.24 0.60
N CYS A 53 5.13 -4.41 0.62
CA CYS A 53 4.68 -5.58 1.38
C CYS A 53 5.85 -6.34 2.04
N SER A 54 5.66 -6.87 3.25
CA SER A 54 6.61 -7.77 3.89
C SER A 54 6.41 -9.18 3.32
N GLU A 55 7.42 -9.66 2.59
CA GLU A 55 7.41 -10.97 1.91
C GLU A 55 8.74 -11.71 2.05
N ASN A 56 8.69 -13.03 2.31
CA ASN A 56 9.84 -13.94 2.33
C ASN A 56 10.98 -13.49 3.29
N GLY A 57 10.63 -12.85 4.41
CA GLY A 57 11.56 -12.31 5.40
C GLY A 57 12.25 -11.00 5.01
N LYS A 58 11.84 -10.37 3.90
CA LYS A 58 12.32 -9.07 3.37
C LYS A 58 11.14 -8.17 2.98
N VAL A 59 11.42 -7.04 2.31
CA VAL A 59 10.41 -6.07 1.86
C VAL A 59 10.43 -5.93 0.34
N THR A 60 9.25 -5.91 -0.27
CA THR A 60 9.01 -5.78 -1.72
C THR A 60 8.23 -4.51 -2.04
N HIS A 61 8.33 -4.03 -3.29
CA HIS A 61 7.68 -2.80 -3.79
C HIS A 61 7.13 -3.00 -5.21
N TYR A 62 5.91 -2.51 -5.46
CA TYR A 62 5.17 -2.69 -6.72
C TYR A 62 4.47 -1.40 -7.15
N LYS A 63 4.74 -0.91 -8.37
CA LYS A 63 4.20 0.36 -8.88
C LYS A 63 2.74 0.23 -9.35
N LEU A 64 1.93 1.22 -9.01
CA LEU A 64 0.51 1.39 -9.35
C LEU A 64 0.37 2.68 -10.17
N SER A 65 0.27 2.54 -11.48
CA SER A 65 0.22 3.64 -12.44
C SER A 65 -1.20 4.06 -12.78
N ALA A 66 -1.47 5.35 -12.90
CA ALA A 66 -2.79 5.87 -13.29
C ALA A 66 -2.95 5.93 -14.82
N GLU A 67 -3.96 5.26 -15.37
CA GLU A 67 -4.38 5.34 -16.78
C GLU A 67 -5.89 5.56 -16.85
N GLU A 68 -6.34 6.67 -17.45
CA GLU A 68 -7.77 7.09 -17.50
C GLU A 68 -8.46 7.11 -16.13
N GLY A 69 -7.70 7.37 -15.07
CA GLY A 69 -8.12 7.37 -13.66
C GLY A 69 -8.20 5.98 -13.00
N LYS A 70 -7.87 4.90 -13.73
CA LYS A 70 -7.83 3.51 -13.25
C LYS A 70 -6.39 3.05 -12.98
N ILE A 71 -6.24 1.99 -12.19
CA ILE A 71 -4.97 1.51 -11.61
C ILE A 71 -4.37 0.36 -12.42
N ARG A 72 -3.24 0.63 -13.09
CA ARG A 72 -2.42 -0.33 -13.84
C ARG A 72 -1.25 -0.82 -12.97
N ILE A 73 -1.16 -2.13 -12.75
CA ILE A 73 -0.07 -2.78 -12.01
C ILE A 73 0.31 -4.11 -12.68
N ASP A 74 1.60 -4.27 -13.01
CA ASP A 74 2.15 -5.39 -13.79
C ASP A 74 1.31 -5.72 -15.05
N THR A 75 0.65 -6.87 -15.11
CA THR A 75 -0.23 -7.29 -16.22
C THR A 75 -1.72 -7.04 -15.98
N HIS A 76 -2.10 -6.52 -14.80
CA HIS A 76 -3.48 -6.31 -14.36
C HIS A 76 -3.96 -4.87 -14.63
N LEU A 77 -5.27 -4.66 -14.48
CA LEU A 77 -5.92 -3.34 -14.46
C LEU A 77 -7.11 -3.40 -13.50
N PHE A 78 -7.18 -2.45 -12.57
CA PHE A 78 -8.21 -2.34 -11.53
C PHE A 78 -8.88 -0.97 -11.55
N ASP A 79 -10.13 -0.88 -11.09
CA ASP A 79 -10.85 0.39 -11.05
C ASP A 79 -10.24 1.42 -10.07
N ASN A 80 -9.71 0.93 -8.94
CA ASN A 80 -9.17 1.72 -7.83
C ASN A 80 -8.17 0.92 -6.99
N LEU A 81 -7.51 1.59 -6.04
CA LEU A 81 -6.50 0.99 -5.16
C LEU A 81 -7.08 -0.12 -4.26
N ASP A 82 -8.27 0.08 -3.69
CA ASP A 82 -8.90 -0.90 -2.80
C ASP A 82 -9.22 -2.22 -3.53
N ALA A 83 -9.62 -2.15 -4.81
CA ALA A 83 -9.80 -3.32 -5.67
C ALA A 83 -8.47 -4.08 -5.93
N ALA A 84 -7.36 -3.36 -6.13
CA ALA A 84 -6.04 -3.95 -6.30
C ALA A 84 -5.55 -4.65 -5.01
N ILE A 85 -5.71 -4.01 -3.85
CA ILE A 85 -5.42 -4.61 -2.53
C ILE A 85 -6.26 -5.88 -2.32
N THR A 86 -7.56 -5.81 -2.57
CA THR A 86 -8.51 -6.94 -2.44
C THR A 86 -8.15 -8.11 -3.36
N PHE A 87 -7.76 -7.85 -4.61
CA PHE A 87 -7.29 -8.90 -5.52
C PHE A 87 -6.07 -9.63 -4.95
N TYR A 88 -5.10 -8.91 -4.39
CA TYR A 88 -3.92 -9.49 -3.72
C TYR A 88 -4.20 -10.02 -2.30
N MET A 89 -5.44 -9.97 -1.81
CA MET A 89 -5.89 -10.70 -0.61
C MET A 89 -6.52 -12.04 -1.01
N GLU A 90 -7.28 -12.07 -2.12
CA GLU A 90 -7.88 -13.29 -2.69
C GLU A 90 -6.85 -14.19 -3.41
N HIS A 91 -5.78 -13.60 -3.95
CA HIS A 91 -4.70 -14.26 -4.68
C HIS A 91 -3.32 -13.84 -4.14
N GLU A 92 -2.28 -14.66 -4.36
CA GLU A 92 -0.90 -14.31 -3.98
C GLU A 92 -0.29 -13.26 -4.93
N LEU A 93 0.53 -12.36 -4.40
CA LEU A 93 1.14 -11.25 -5.15
C LEU A 93 2.40 -11.72 -5.90
N GLU A 94 3.43 -12.13 -5.15
CA GLU A 94 4.68 -12.70 -5.69
C GLU A 94 5.18 -13.89 -4.84
N TYR A 95 5.35 -13.67 -3.54
CA TYR A 95 5.72 -14.70 -2.56
C TYR A 95 4.52 -15.12 -1.70
N SER A 96 3.63 -14.18 -1.36
CA SER A 96 2.40 -14.43 -0.59
C SER A 96 1.30 -13.39 -0.89
N SER A 97 0.14 -13.56 -0.26
CA SER A 97 -0.97 -12.60 -0.26
C SER A 97 -0.78 -11.46 0.75
N LEU A 98 -1.57 -10.39 0.61
CA LEU A 98 -1.73 -9.31 1.58
C LEU A 98 -2.57 -9.82 2.77
N LYS A 99 -2.19 -9.45 4.01
CA LYS A 99 -2.77 -10.03 5.24
C LYS A 99 -3.22 -8.99 6.27
N GLN A 100 -2.44 -7.91 6.47
CA GLN A 100 -2.81 -6.80 7.36
C GLN A 100 -2.22 -5.45 6.91
N PRO A 101 -2.94 -4.32 7.07
CA PRO A 101 -2.38 -2.99 6.83
C PRO A 101 -1.36 -2.61 7.92
N LEU A 102 -0.34 -1.81 7.57
CA LEU A 102 0.56 -1.19 8.54
C LEU A 102 -0.22 -0.21 9.45
N GLN A 103 0.16 -0.15 10.74
CA GLN A 103 -0.46 0.72 11.73
C GLN A 103 0.05 2.18 11.63
N ARG A 104 -0.83 3.14 11.91
CA ARG A 104 -0.53 4.58 12.00
C ARG A 104 -0.09 5.00 13.41
N GLY A 1 -21.56 -1.53 29.13
CA GLY A 1 -21.18 -2.80 28.46
C GLY A 1 -19.99 -2.62 27.54
N SER A 2 -19.17 -3.66 27.37
CA SER A 2 -17.88 -3.62 26.65
C SER A 2 -17.99 -3.22 25.17
N SER A 3 -19.15 -3.46 24.53
CA SER A 3 -19.44 -3.09 23.14
C SER A 3 -19.73 -1.58 22.92
N GLY A 4 -19.74 -0.78 23.99
CA GLY A 4 -20.03 0.66 23.96
C GLY A 4 -18.90 1.56 23.40
N SER A 5 -17.76 0.99 23.01
CA SER A 5 -16.63 1.70 22.38
C SER A 5 -16.93 2.17 20.94
N SER A 6 -16.15 3.15 20.45
CA SER A 6 -16.31 3.77 19.13
C SER A 6 -14.97 4.13 18.47
N GLY A 7 -14.96 4.27 17.14
CA GLY A 7 -13.79 4.63 16.35
C GLY A 7 -13.40 6.12 16.41
N MET A 8 -12.20 6.45 15.93
CA MET A 8 -11.64 7.80 15.85
C MET A 8 -10.72 7.94 14.62
N ALA A 9 -10.68 9.13 14.02
CA ALA A 9 -9.85 9.47 12.85
C ALA A 9 -9.99 8.45 11.70
N GLU A 10 -11.24 8.16 11.29
CA GLU A 10 -11.58 7.08 10.34
C GLU A 10 -11.45 7.47 8.85
N ALA A 11 -10.98 8.69 8.55
CA ALA A 11 -10.77 9.17 7.18
C ALA A 11 -9.58 8.48 6.48
N ALA A 12 -9.67 8.38 5.14
CA ALA A 12 -8.75 7.65 4.25
C ALA A 12 -8.61 6.13 4.54
N ALA A 13 -7.94 5.40 3.64
CA ALA A 13 -7.69 3.96 3.79
C ALA A 13 -6.64 3.66 4.87
N PRO A 14 -6.77 2.58 5.66
CA PRO A 14 -5.87 2.27 6.79
C PRO A 14 -4.45 1.90 6.33
N TRP A 15 -4.30 1.42 5.09
CA TRP A 15 -3.01 1.09 4.46
C TRP A 15 -2.33 2.26 3.75
N TYR A 16 -2.94 3.45 3.65
CA TYR A 16 -2.34 4.60 2.96
C TYR A 16 -1.48 5.47 3.90
N HIS A 17 -0.25 5.77 3.47
CA HIS A 17 0.75 6.54 4.25
C HIS A 17 1.22 7.84 3.55
N GLY A 18 0.60 8.25 2.44
CA GLY A 18 0.97 9.48 1.73
C GLY A 18 2.37 9.42 1.09
N PRO A 19 3.13 10.53 1.02
CA PRO A 19 4.45 10.58 0.38
C PRO A 19 5.58 9.96 1.23
N LEU A 20 5.39 8.69 1.64
CA LEU A 20 6.40 7.90 2.36
C LEU A 20 7.55 7.48 1.41
N SER A 21 8.78 7.49 1.90
CA SER A 21 9.96 7.02 1.15
C SER A 21 10.21 5.52 1.32
N ARG A 22 10.97 4.91 0.40
CA ARG A 22 11.37 3.48 0.46
C ARG A 22 11.97 3.10 1.81
N THR A 23 12.99 3.82 2.27
CA THR A 23 13.72 3.50 3.51
C THR A 23 12.79 3.46 4.74
N ASP A 24 11.80 4.36 4.81
CA ASP A 24 10.78 4.38 5.85
C ASP A 24 9.80 3.20 5.75
N ALA A 25 9.33 2.87 4.54
CA ALA A 25 8.49 1.71 4.28
C ALA A 25 9.21 0.39 4.60
N GLU A 26 10.48 0.26 4.23
CA GLU A 26 11.32 -0.91 4.47
C GLU A 26 11.61 -1.11 5.96
N ASN A 27 11.97 -0.05 6.70
CA ASN A 27 12.18 -0.14 8.14
C ASN A 27 10.88 -0.46 8.91
N SER A 28 9.74 0.03 8.43
CA SER A 28 8.43 -0.28 9.03
C SER A 28 8.04 -1.76 8.85
N LEU A 29 8.18 -2.29 7.62
CA LEU A 29 7.79 -3.67 7.31
C LEU A 29 8.81 -4.72 7.76
N LEU A 30 10.11 -4.39 7.87
CA LEU A 30 11.12 -5.28 8.44
C LEU A 30 10.89 -5.56 9.93
N ARG A 31 10.22 -4.64 10.64
CA ARG A 31 9.80 -4.78 12.05
C ARG A 31 8.45 -5.49 12.22
N MET A 32 7.69 -5.67 11.12
CA MET A 32 6.39 -6.34 11.08
C MET A 32 6.49 -7.80 10.58
N PRO A 33 5.47 -8.65 10.84
CA PRO A 33 5.40 -10.00 10.27
C PRO A 33 5.14 -9.98 8.76
N GLU A 34 5.41 -11.11 8.09
CA GLU A 34 5.13 -11.31 6.66
C GLU A 34 3.65 -11.07 6.31
N GLY A 35 3.41 -10.41 5.18
CA GLY A 35 2.09 -10.06 4.68
C GLY A 35 1.53 -8.72 5.18
N THR A 36 2.32 -7.97 5.94
CA THR A 36 2.01 -6.58 6.31
C THR A 36 2.29 -5.67 5.11
N PHE A 37 1.35 -4.80 4.73
CA PHE A 37 1.47 -3.95 3.54
C PHE A 37 1.08 -2.49 3.79
N LEU A 38 1.51 -1.63 2.87
CA LEU A 38 1.18 -0.21 2.83
C LEU A 38 1.14 0.31 1.38
N VAL A 39 0.46 1.43 1.16
CA VAL A 39 0.47 2.16 -0.12
C VAL A 39 0.93 3.61 0.12
N ARG A 40 1.78 4.10 -0.77
CA ARG A 40 2.40 5.43 -0.69
C ARG A 40 2.39 6.14 -2.06
N ASP A 41 2.42 7.47 -2.07
CA ASP A 41 2.64 8.26 -3.29
C ASP A 41 4.08 8.02 -3.79
N SER A 42 4.24 7.81 -5.11
CA SER A 42 5.50 7.34 -5.70
C SER A 42 6.63 8.36 -5.60
N THR A 43 7.79 7.85 -5.16
CA THR A 43 9.07 8.58 -5.08
C THR A 43 9.77 8.75 -6.44
N SER A 44 9.29 8.09 -7.50
CA SER A 44 9.77 8.30 -8.88
C SER A 44 8.79 9.11 -9.76
N SER A 45 7.48 8.97 -9.51
CA SER A 45 6.42 9.49 -10.40
C SER A 45 5.24 10.10 -9.62
N PRO A 46 5.28 11.40 -9.27
CA PRO A 46 4.20 12.06 -8.53
C PRO A 46 2.83 11.90 -9.21
N GLY A 47 1.81 11.55 -8.42
CA GLY A 47 0.45 11.21 -8.90
C GLY A 47 0.22 9.72 -9.15
N ASP A 48 1.27 8.90 -9.25
CA ASP A 48 1.21 7.43 -9.22
C ASP A 48 1.54 6.92 -7.80
N TYR A 49 1.19 5.67 -7.49
CA TYR A 49 1.35 5.10 -6.15
C TYR A 49 2.24 3.84 -6.15
N VAL A 50 2.63 3.36 -4.97
CA VAL A 50 3.44 2.14 -4.78
C VAL A 50 2.88 1.32 -3.62
N LEU A 51 2.62 0.03 -3.86
CA LEU A 51 2.29 -0.98 -2.86
C LEU A 51 3.60 -1.58 -2.34
N SER A 52 3.84 -1.47 -1.04
CA SER A 52 4.99 -2.11 -0.37
C SER A 52 4.51 -3.20 0.57
N CYS A 53 5.15 -4.37 0.58
CA CYS A 53 4.71 -5.55 1.34
C CYS A 53 5.89 -6.29 1.97
N SER A 54 5.74 -6.83 3.18
CA SER A 54 6.72 -7.73 3.79
C SER A 54 6.54 -9.14 3.19
N GLU A 55 7.54 -9.58 2.45
CA GLU A 55 7.54 -10.89 1.78
C GLU A 55 8.92 -11.58 1.83
N ASN A 56 8.94 -12.91 2.01
CA ASN A 56 10.14 -13.75 1.87
C ASN A 56 11.33 -13.31 2.77
N GLY A 57 11.02 -12.81 3.97
CA GLY A 57 12.00 -12.29 4.93
C GLY A 57 12.64 -10.94 4.55
N LYS A 58 12.13 -10.28 3.50
CA LYS A 58 12.53 -8.96 2.99
C LYS A 58 11.30 -8.07 2.77
N VAL A 59 11.50 -6.92 2.11
CA VAL A 59 10.42 -6.00 1.71
C VAL A 59 10.42 -5.80 0.20
N THR A 60 9.23 -5.87 -0.39
CA THR A 60 8.98 -5.77 -1.84
C THR A 60 8.17 -4.52 -2.17
N HIS A 61 8.26 -4.03 -3.42
CA HIS A 61 7.60 -2.81 -3.89
C HIS A 61 7.02 -3.01 -5.31
N TYR A 62 5.79 -2.54 -5.53
CA TYR A 62 5.02 -2.73 -6.77
C TYR A 62 4.30 -1.43 -7.16
N LYS A 63 4.53 -0.91 -8.37
CA LYS A 63 3.97 0.39 -8.79
C LYS A 63 2.52 0.27 -9.26
N LEU A 64 1.69 1.22 -8.82
CA LEU A 64 0.28 1.40 -9.14
C LEU A 64 0.17 2.64 -10.04
N SER A 65 0.16 2.40 -11.35
CA SER A 65 0.16 3.43 -12.39
C SER A 65 -1.25 3.88 -12.72
N ALA A 66 -1.46 5.20 -12.85
CA ALA A 66 -2.72 5.76 -13.32
C ALA A 66 -2.85 5.61 -14.85
N GLU A 67 -3.92 4.97 -15.30
CA GLU A 67 -4.22 4.68 -16.71
C GLU A 67 -5.69 5.06 -16.99
N GLU A 68 -5.91 6.19 -17.67
CA GLU A 68 -7.24 6.79 -17.91
C GLU A 68 -8.09 6.97 -16.63
N GLY A 69 -7.42 7.21 -15.50
CA GLY A 69 -8.00 7.37 -14.16
C GLY A 69 -8.21 6.06 -13.37
N LYS A 70 -7.89 4.90 -13.97
CA LYS A 70 -7.92 3.57 -13.34
C LYS A 70 -6.50 3.11 -12.96
N ILE A 71 -6.38 2.01 -12.20
CA ILE A 71 -5.13 1.54 -11.59
C ILE A 71 -4.56 0.33 -12.34
N ARG A 72 -3.38 0.48 -12.93
CA ARG A 72 -2.59 -0.62 -13.54
C ARG A 72 -1.43 -1.01 -12.60
N ILE A 73 -1.29 -2.30 -12.30
CA ILE A 73 -0.20 -2.86 -11.47
C ILE A 73 0.30 -4.18 -12.07
N ASP A 74 1.61 -4.28 -12.30
CA ASP A 74 2.27 -5.34 -13.09
C ASP A 74 1.70 -5.45 -14.51
N THR A 75 0.65 -6.26 -14.71
CA THR A 75 -0.17 -6.32 -15.94
C THR A 75 -1.67 -6.17 -15.66
N HIS A 76 -2.11 -6.26 -14.41
CA HIS A 76 -3.52 -6.24 -13.99
C HIS A 76 -4.06 -4.82 -13.92
N LEU A 77 -5.28 -4.63 -14.42
CA LEU A 77 -6.04 -3.38 -14.35
C LEU A 77 -7.22 -3.49 -13.37
N PHE A 78 -7.38 -2.47 -12.52
CA PHE A 78 -8.44 -2.34 -11.51
C PHE A 78 -9.05 -0.94 -11.54
N ASP A 79 -10.30 -0.81 -11.08
CA ASP A 79 -10.99 0.48 -11.06
C ASP A 79 -10.34 1.49 -10.09
N ASN A 80 -9.83 1.02 -8.96
CA ASN A 80 -9.30 1.83 -7.86
C ASN A 80 -8.30 1.03 -7.00
N LEU A 81 -7.63 1.72 -6.05
CA LEU A 81 -6.63 1.12 -5.17
C LEU A 81 -7.21 0.00 -4.28
N ASP A 82 -8.40 0.19 -3.70
CA ASP A 82 -9.02 -0.79 -2.82
C ASP A 82 -9.36 -2.11 -3.54
N ALA A 83 -9.75 -2.04 -4.82
CA ALA A 83 -9.94 -3.21 -5.67
C ALA A 83 -8.62 -3.96 -5.95
N ALA A 84 -7.51 -3.24 -6.16
CA ALA A 84 -6.18 -3.84 -6.34
C ALA A 84 -5.68 -4.53 -5.06
N ILE A 85 -5.86 -3.91 -3.89
CA ILE A 85 -5.59 -4.52 -2.58
C ILE A 85 -6.43 -5.79 -2.39
N THR A 86 -7.74 -5.70 -2.63
CA THR A 86 -8.71 -6.81 -2.49
C THR A 86 -8.36 -7.99 -3.40
N PHE A 87 -7.90 -7.75 -4.63
CA PHE A 87 -7.42 -8.81 -5.52
C PHE A 87 -6.22 -9.55 -4.91
N TYR A 88 -5.24 -8.83 -4.37
CA TYR A 88 -4.07 -9.43 -3.71
C TYR A 88 -4.33 -9.94 -2.28
N MET A 89 -5.52 -9.71 -1.71
CA MET A 89 -5.98 -10.39 -0.47
C MET A 89 -6.48 -11.81 -0.81
N GLU A 90 -7.14 -11.96 -1.96
CA GLU A 90 -7.68 -13.25 -2.44
C GLU A 90 -6.63 -14.12 -3.15
N HIS A 91 -5.73 -13.50 -3.91
CA HIS A 91 -4.69 -14.16 -4.72
C HIS A 91 -3.28 -13.76 -4.26
N GLU A 92 -2.29 -14.65 -4.44
CA GLU A 92 -0.89 -14.36 -4.10
C GLU A 92 -0.29 -13.29 -5.03
N LEU A 93 0.48 -12.36 -4.47
CA LEU A 93 1.08 -11.23 -5.19
C LEU A 93 2.35 -11.68 -5.94
N GLU A 94 3.35 -12.13 -5.20
CA GLU A 94 4.60 -12.70 -5.74
C GLU A 94 5.10 -13.88 -4.89
N TYR A 95 5.23 -13.67 -3.58
CA TYR A 95 5.64 -14.69 -2.60
C TYR A 95 4.48 -15.09 -1.68
N SER A 96 3.56 -14.16 -1.37
CA SER A 96 2.34 -14.41 -0.59
C SER A 96 1.21 -13.44 -0.95
N SER A 97 0.02 -13.64 -0.39
CA SER A 97 -1.11 -12.70 -0.43
C SER A 97 -1.02 -11.65 0.69
N LEU A 98 -1.73 -10.53 0.53
CA LEU A 98 -1.86 -9.49 1.56
C LEU A 98 -2.58 -10.05 2.80
N LYS A 99 -2.11 -9.70 4.01
CA LYS A 99 -2.66 -10.20 5.29
C LYS A 99 -3.24 -9.08 6.15
N GLN A 100 -2.51 -7.96 6.30
CA GLN A 100 -2.93 -6.83 7.15
C GLN A 100 -2.30 -5.49 6.71
N PRO A 101 -3.00 -4.36 6.91
CA PRO A 101 -2.40 -3.03 6.72
C PRO A 101 -1.38 -2.73 7.83
N LEU A 102 -0.33 -1.96 7.52
CA LEU A 102 0.60 -1.41 8.51
C LEU A 102 -0.17 -0.55 9.54
N GLN A 103 0.11 -0.76 10.82
CA GLN A 103 -0.57 -0.08 11.93
C GLN A 103 -0.01 1.34 12.17
N ARG A 104 -0.88 2.24 12.66
CA ARG A 104 -0.57 3.66 12.95
C ARG A 104 -0.40 3.96 14.45
N GLY A 1 -22.67 21.89 28.37
CA GLY A 1 -21.78 21.71 27.21
C GLY A 1 -22.54 21.30 25.96
N SER A 2 -21.82 20.89 24.91
CA SER A 2 -22.37 20.45 23.62
C SER A 2 -21.49 19.38 22.94
N SER A 3 -21.99 18.80 21.84
CA SER A 3 -21.26 17.83 21.01
C SER A 3 -20.18 18.45 20.11
N GLY A 4 -19.93 19.76 20.20
CA GLY A 4 -18.99 20.52 19.35
C GLY A 4 -17.50 20.11 19.46
N SER A 5 -17.15 19.26 20.43
CA SER A 5 -15.83 18.61 20.54
C SER A 5 -15.59 17.50 19.51
N SER A 6 -16.63 17.09 18.77
CA SER A 6 -16.59 16.06 17.72
C SER A 6 -17.24 16.53 16.41
N GLY A 7 -16.96 15.83 15.31
CA GLY A 7 -17.46 16.15 13.97
C GLY A 7 -16.83 15.30 12.86
N MET A 8 -17.11 15.64 11.60
CA MET A 8 -16.55 14.99 10.41
C MET A 8 -15.06 15.33 10.20
N ALA A 9 -14.31 14.44 9.55
CA ALA A 9 -12.88 14.57 9.26
C ALA A 9 -12.51 14.00 7.89
N GLU A 10 -11.35 14.40 7.36
CA GLU A 10 -10.81 13.92 6.07
C GLU A 10 -10.13 12.54 6.24
N ALA A 11 -10.95 11.48 6.29
CA ALA A 11 -10.51 10.10 6.48
C ALA A 11 -9.79 9.52 5.25
N ALA A 12 -8.95 8.50 5.48
CA ALA A 12 -8.19 7.76 4.47
C ALA A 12 -8.12 6.26 4.81
N ALA A 13 -7.71 5.43 3.85
CA ALA A 13 -7.59 3.98 4.00
C ALA A 13 -6.62 3.57 5.14
N PRO A 14 -6.80 2.39 5.77
CA PRO A 14 -5.93 1.94 6.86
C PRO A 14 -4.51 1.60 6.38
N TRP A 15 -4.32 1.30 5.09
CA TRP A 15 -3.04 0.98 4.46
C TRP A 15 -2.33 2.18 3.79
N TYR A 16 -2.95 3.36 3.71
CA TYR A 16 -2.35 4.52 3.02
C TYR A 16 -1.48 5.37 3.95
N HIS A 17 -0.28 5.72 3.50
CA HIS A 17 0.74 6.49 4.24
C HIS A 17 1.20 7.79 3.55
N GLY A 18 0.60 8.18 2.41
CA GLY A 18 0.94 9.43 1.71
C GLY A 18 2.37 9.43 1.14
N PRO A 19 3.13 10.53 1.21
CA PRO A 19 4.46 10.69 0.59
C PRO A 19 5.60 9.98 1.36
N LEU A 20 5.39 8.71 1.71
CA LEU A 20 6.39 7.84 2.34
C LEU A 20 7.46 7.43 1.31
N SER A 21 8.73 7.34 1.73
CA SER A 21 9.82 6.83 0.89
C SER A 21 10.09 5.34 1.12
N ARG A 22 10.92 4.72 0.27
CA ARG A 22 11.35 3.32 0.40
C ARG A 22 11.97 3.04 1.76
N THR A 23 12.95 3.83 2.19
CA THR A 23 13.69 3.59 3.44
C THR A 23 12.76 3.59 4.67
N ASP A 24 11.74 4.45 4.68
CA ASP A 24 10.72 4.50 5.73
C ASP A 24 9.77 3.30 5.69
N ALA A 25 9.32 2.89 4.49
CA ALA A 25 8.51 1.69 4.30
C ALA A 25 9.27 0.41 4.68
N GLU A 26 10.55 0.30 4.32
CA GLU A 26 11.45 -0.81 4.64
C GLU A 26 11.67 -0.93 6.16
N ASN A 27 11.98 0.17 6.86
CA ASN A 27 12.14 0.15 8.31
C ASN A 27 10.82 -0.19 9.04
N SER A 28 9.67 0.22 8.50
CA SER A 28 8.35 -0.11 9.07
C SER A 28 8.00 -1.59 8.92
N LEU A 29 8.15 -2.15 7.72
CA LEU A 29 7.77 -3.54 7.40
C LEU A 29 8.79 -4.58 7.87
N LEU A 30 10.08 -4.23 8.01
CA LEU A 30 11.10 -5.11 8.60
C LEU A 30 10.85 -5.37 10.10
N ARG A 31 10.19 -4.44 10.79
CA ARG A 31 9.75 -4.57 12.20
C ARG A 31 8.40 -5.30 12.35
N MET A 32 7.66 -5.49 11.26
CA MET A 32 6.38 -6.20 11.19
C MET A 32 6.53 -7.66 10.73
N PRO A 33 5.51 -8.52 10.97
CA PRO A 33 5.48 -9.87 10.42
C PRO A 33 5.22 -9.88 8.90
N GLU A 34 5.49 -11.01 8.25
CA GLU A 34 5.19 -11.26 6.83
C GLU A 34 3.69 -11.10 6.52
N GLY A 35 3.40 -10.51 5.36
CA GLY A 35 2.04 -10.19 4.91
C GLY A 35 1.50 -8.81 5.35
N THR A 36 2.32 -8.01 6.06
CA THR A 36 2.02 -6.60 6.36
C THR A 36 2.28 -5.73 5.13
N PHE A 37 1.36 -4.84 4.77
CA PHE A 37 1.48 -4.00 3.58
C PHE A 37 1.08 -2.54 3.80
N LEU A 38 1.52 -1.67 2.89
CA LEU A 38 1.18 -0.25 2.84
C LEU A 38 1.12 0.26 1.40
N VAL A 39 0.45 1.39 1.17
CA VAL A 39 0.47 2.13 -0.09
C VAL A 39 0.92 3.56 0.15
N ARG A 40 1.77 4.08 -0.75
CA ARG A 40 2.39 5.40 -0.68
C ARG A 40 2.38 6.10 -2.04
N ASP A 41 2.43 7.43 -2.06
CA ASP A 41 2.68 8.22 -3.27
C ASP A 41 4.07 7.90 -3.83
N SER A 42 4.17 7.69 -5.14
CA SER A 42 5.38 7.15 -5.77
C SER A 42 6.57 8.10 -5.76
N THR A 43 7.71 7.56 -5.32
CA THR A 43 9.04 8.19 -5.38
C THR A 43 9.65 8.18 -6.79
N SER A 44 9.03 7.49 -7.76
CA SER A 44 9.43 7.48 -9.18
C SER A 44 8.65 8.48 -10.05
N SER A 45 7.38 8.78 -9.71
CA SER A 45 6.48 9.62 -10.54
C SER A 45 5.35 10.25 -9.70
N PRO A 46 5.11 11.57 -9.80
CA PRO A 46 4.03 12.23 -9.06
C PRO A 46 2.64 11.81 -9.60
N GLY A 47 1.69 11.57 -8.70
CA GLY A 47 0.33 11.12 -9.01
C GLY A 47 0.16 9.61 -9.24
N ASP A 48 1.27 8.85 -9.29
CA ASP A 48 1.29 7.39 -9.27
C ASP A 48 1.55 6.89 -7.84
N TYR A 49 1.31 5.60 -7.56
CA TYR A 49 1.44 5.02 -6.21
C TYR A 49 2.33 3.77 -6.19
N VAL A 50 2.71 3.31 -4.99
CA VAL A 50 3.50 2.10 -4.76
C VAL A 50 2.92 1.30 -3.60
N LEU A 51 2.69 0.00 -3.81
CA LEU A 51 2.34 -0.99 -2.79
C LEU A 51 3.64 -1.59 -2.27
N SER A 52 3.86 -1.55 -0.95
CA SER A 52 5.03 -2.13 -0.30
C SER A 52 4.61 -3.21 0.69
N CYS A 53 5.29 -4.36 0.70
CA CYS A 53 4.88 -5.57 1.44
C CYS A 53 6.06 -6.27 2.12
N SER A 54 5.88 -6.74 3.36
CA SER A 54 6.84 -7.61 4.05
C SER A 54 6.68 -9.03 3.52
N GLU A 55 7.64 -9.48 2.73
CA GLU A 55 7.63 -10.81 2.09
C GLU A 55 9.03 -11.44 2.01
N ASN A 56 9.10 -12.78 2.07
CA ASN A 56 10.32 -13.57 1.84
C ASN A 56 11.50 -13.19 2.76
N GLY A 57 11.19 -12.78 4.01
CA GLY A 57 12.18 -12.32 4.99
C GLY A 57 12.78 -10.93 4.71
N LYS A 58 12.21 -10.19 3.76
CA LYS A 58 12.64 -8.86 3.30
C LYS A 58 11.43 -7.92 3.11
N VAL A 59 11.64 -6.76 2.50
CA VAL A 59 10.57 -5.84 2.08
C VAL A 59 10.61 -5.66 0.56
N THR A 60 9.43 -5.61 -0.05
CA THR A 60 9.21 -5.62 -1.51
C THR A 60 8.31 -4.45 -1.93
N HIS A 61 8.39 -4.02 -3.19
CA HIS A 61 7.68 -2.85 -3.74
C HIS A 61 7.09 -3.15 -5.13
N TYR A 62 5.89 -2.65 -5.40
CA TYR A 62 5.10 -2.89 -6.62
C TYR A 62 4.39 -1.61 -7.06
N LYS A 63 4.60 -1.17 -8.31
CA LYS A 63 4.08 0.11 -8.82
C LYS A 63 2.60 0.03 -9.23
N LEU A 64 1.84 1.04 -8.84
CA LEU A 64 0.43 1.26 -9.15
C LEU A 64 0.34 2.50 -10.06
N SER A 65 0.29 2.26 -11.37
CA SER A 65 0.34 3.30 -12.41
C SER A 65 -1.07 3.76 -12.80
N ALA A 66 -1.26 5.07 -12.94
CA ALA A 66 -2.55 5.65 -13.33
C ALA A 66 -2.76 5.66 -14.86
N GLU A 67 -3.91 5.16 -15.32
CA GLU A 67 -4.38 5.24 -16.71
C GLU A 67 -5.85 5.68 -16.74
N GLU A 68 -6.12 6.92 -17.16
CA GLU A 68 -7.47 7.53 -17.18
C GLU A 68 -8.22 7.44 -15.83
N GLY A 69 -7.47 7.44 -14.72
CA GLY A 69 -7.95 7.29 -13.35
C GLY A 69 -8.05 5.84 -12.83
N LYS A 70 -7.88 4.83 -13.70
CA LYS A 70 -7.77 3.40 -13.33
C LYS A 70 -6.33 3.05 -12.92
N ILE A 71 -6.19 1.94 -12.18
CA ILE A 71 -4.95 1.49 -11.54
C ILE A 71 -4.40 0.26 -12.25
N ARG A 72 -3.26 0.41 -12.93
CA ARG A 72 -2.48 -0.66 -13.57
C ARG A 72 -1.35 -1.13 -12.65
N ILE A 73 -1.25 -2.43 -12.40
CA ILE A 73 -0.17 -3.04 -11.58
C ILE A 73 0.24 -4.41 -12.14
N ASP A 74 1.55 -4.59 -12.36
CA ASP A 74 2.20 -5.74 -13.02
C ASP A 74 1.67 -6.06 -14.43
N THR A 75 0.48 -6.67 -14.52
CA THR A 75 -0.26 -6.98 -15.76
C THR A 75 -1.78 -6.78 -15.61
N HIS A 76 -2.26 -6.43 -14.41
CA HIS A 76 -3.65 -6.29 -14.03
C HIS A 76 -4.10 -4.83 -14.05
N LEU A 77 -5.38 -4.60 -14.32
CA LEU A 77 -6.02 -3.28 -14.34
C LEU A 77 -7.29 -3.28 -13.45
N PHE A 78 -7.42 -2.27 -12.60
CA PHE A 78 -8.49 -2.12 -11.61
C PHE A 78 -9.11 -0.72 -11.64
N ASP A 79 -10.34 -0.59 -11.16
CA ASP A 79 -11.03 0.71 -11.07
C ASP A 79 -10.36 1.68 -10.08
N ASN A 80 -9.82 1.15 -8.97
CA ASN A 80 -9.26 1.91 -7.84
C ASN A 80 -8.25 1.09 -7.03
N LEU A 81 -7.58 1.74 -6.07
CA LEU A 81 -6.58 1.12 -5.20
C LEU A 81 -7.16 0.01 -4.30
N ASP A 82 -8.33 0.20 -3.69
CA ASP A 82 -8.94 -0.78 -2.80
C ASP A 82 -9.31 -2.10 -3.52
N ALA A 83 -9.71 -2.02 -4.79
CA ALA A 83 -9.92 -3.18 -5.65
C ALA A 83 -8.62 -3.94 -5.96
N ALA A 84 -7.50 -3.24 -6.15
CA ALA A 84 -6.18 -3.86 -6.35
C ALA A 84 -5.69 -4.57 -5.07
N ILE A 85 -5.83 -3.94 -3.90
CA ILE A 85 -5.55 -4.55 -2.59
C ILE A 85 -6.39 -5.82 -2.39
N THR A 86 -7.69 -5.73 -2.62
CA THR A 86 -8.66 -6.84 -2.47
C THR A 86 -8.34 -8.00 -3.42
N PHE A 87 -7.96 -7.73 -4.67
CA PHE A 87 -7.52 -8.77 -5.60
C PHE A 87 -6.29 -9.52 -5.06
N TYR A 88 -5.31 -8.81 -4.50
CA TYR A 88 -4.13 -9.42 -3.86
C TYR A 88 -4.38 -9.98 -2.45
N MET A 89 -5.63 -9.96 -1.96
CA MET A 89 -6.06 -10.71 -0.77
C MET A 89 -6.73 -12.04 -1.19
N GLU A 90 -7.46 -12.05 -2.31
CA GLU A 90 -8.05 -13.26 -2.90
C GLU A 90 -7.02 -14.12 -3.65
N HIS A 91 -5.96 -13.51 -4.20
CA HIS A 91 -4.89 -14.13 -4.99
C HIS A 91 -3.51 -13.70 -4.49
N GLU A 92 -2.46 -14.48 -4.81
CA GLU A 92 -1.07 -14.12 -4.49
C GLU A 92 -0.55 -13.00 -5.40
N LEU A 93 0.29 -12.11 -4.84
CA LEU A 93 0.90 -10.98 -5.55
C LEU A 93 2.15 -11.43 -6.32
N GLU A 94 3.16 -11.88 -5.57
CA GLU A 94 4.41 -12.44 -6.08
C GLU A 94 4.91 -13.58 -5.18
N TYR A 95 5.27 -13.27 -3.93
CA TYR A 95 5.73 -14.24 -2.93
C TYR A 95 4.58 -14.83 -2.09
N SER A 96 3.55 -14.02 -1.80
CA SER A 96 2.33 -14.40 -1.07
C SER A 96 1.18 -13.42 -1.36
N SER A 97 0.03 -13.61 -0.70
CA SER A 97 -1.10 -12.67 -0.67
C SER A 97 -0.99 -11.66 0.51
N LEU A 98 -1.69 -10.53 0.40
CA LEU A 98 -1.79 -9.51 1.44
C LEU A 98 -2.55 -10.06 2.67
N LYS A 99 -2.08 -9.75 3.90
CA LYS A 99 -2.74 -10.16 5.16
C LYS A 99 -3.29 -9.00 5.98
N GLN A 100 -2.51 -7.93 6.19
CA GLN A 100 -2.91 -6.82 7.08
C GLN A 100 -2.29 -5.47 6.70
N PRO A 101 -3.01 -4.34 6.89
CA PRO A 101 -2.47 -3.01 6.69
C PRO A 101 -1.49 -2.62 7.82
N LEU A 102 -0.41 -1.92 7.48
CA LEU A 102 0.47 -1.28 8.47
C LEU A 102 -0.34 -0.24 9.27
N GLN A 103 -0.19 -0.25 10.59
CA GLN A 103 -0.96 0.63 11.48
C GLN A 103 -0.40 2.07 11.49
N ARG A 104 -1.29 3.07 11.38
CA ARG A 104 -1.00 4.51 11.46
C ARG A 104 -2.08 5.27 12.24
N GLY A 1 -35.23 15.33 7.93
CA GLY A 1 -35.07 13.87 8.17
C GLY A 1 -33.78 13.36 7.56
N SER A 2 -32.96 12.65 8.33
CA SER A 2 -31.58 12.24 7.96
C SER A 2 -30.71 13.41 7.48
N SER A 3 -30.88 14.58 8.11
CA SER A 3 -30.34 15.87 7.70
C SER A 3 -28.82 15.99 7.93
N GLY A 4 -28.15 16.84 7.12
CA GLY A 4 -26.70 17.08 7.20
C GLY A 4 -25.84 15.94 6.66
N SER A 5 -24.52 16.02 6.91
CA SER A 5 -23.51 15.05 6.47
C SER A 5 -22.30 15.02 7.42
N SER A 6 -21.34 14.12 7.15
CA SER A 6 -20.04 14.04 7.85
C SER A 6 -19.08 15.21 7.56
N GLY A 7 -19.43 16.11 6.63
CA GLY A 7 -18.62 17.26 6.22
C GLY A 7 -17.39 16.88 5.35
N MET A 8 -16.53 17.87 5.10
CA MET A 8 -15.35 17.78 4.24
C MET A 8 -14.13 17.12 4.93
N ALA A 9 -14.35 15.99 5.61
CA ALA A 9 -13.32 15.24 6.35
C ALA A 9 -12.20 14.70 5.46
N GLU A 10 -10.99 14.60 6.01
CA GLU A 10 -9.74 14.23 5.29
C GLU A 10 -9.32 12.76 5.49
N ALA A 11 -10.29 11.88 5.80
CA ALA A 11 -10.07 10.46 6.05
C ALA A 11 -9.58 9.68 4.80
N ALA A 12 -8.83 8.60 5.04
CA ALA A 12 -8.25 7.71 4.02
C ALA A 12 -8.26 6.24 4.48
N ALA A 13 -7.95 5.31 3.56
CA ALA A 13 -7.83 3.88 3.84
C ALA A 13 -6.70 3.58 4.85
N PRO A 14 -6.82 2.56 5.71
CA PRO A 14 -5.88 2.30 6.81
C PRO A 14 -4.47 1.90 6.34
N TRP A 15 -4.35 1.39 5.12
CA TRP A 15 -3.07 1.03 4.46
C TRP A 15 -2.38 2.21 3.78
N TYR A 16 -2.99 3.41 3.66
CA TYR A 16 -2.38 4.55 2.98
C TYR A 16 -1.52 5.41 3.93
N HIS A 17 -0.28 5.72 3.52
CA HIS A 17 0.72 6.46 4.31
C HIS A 17 1.25 7.76 3.64
N GLY A 18 0.66 8.20 2.52
CA GLY A 18 1.04 9.46 1.87
C GLY A 18 2.44 9.43 1.25
N PRO A 19 3.23 10.53 1.31
CA PRO A 19 4.55 10.65 0.68
C PRO A 19 5.67 9.93 1.46
N LEU A 20 5.46 8.64 1.79
CA LEU A 20 6.42 7.77 2.45
C LEU A 20 7.55 7.37 1.47
N SER A 21 8.80 7.30 1.94
CA SER A 21 9.93 6.81 1.14
C SER A 21 10.04 5.29 1.15
N ARG A 22 10.88 4.73 0.25
CA ARG A 22 11.27 3.30 0.32
C ARG A 22 11.90 2.97 1.67
N THR A 23 12.89 3.76 2.09
CA THR A 23 13.63 3.51 3.34
C THR A 23 12.72 3.49 4.57
N ASP A 24 11.72 4.38 4.64
CA ASP A 24 10.72 4.37 5.72
C ASP A 24 9.79 3.15 5.65
N ALA A 25 9.34 2.77 4.45
CA ALA A 25 8.53 1.57 4.23
C ALA A 25 9.29 0.28 4.59
N GLU A 26 10.56 0.17 4.20
CA GLU A 26 11.43 -0.97 4.49
C GLU A 26 11.71 -1.12 5.98
N ASN A 27 12.03 -0.04 6.70
CA ASN A 27 12.25 -0.08 8.14
C ASN A 27 10.97 -0.45 8.92
N SER A 28 9.79 -0.03 8.42
CA SER A 28 8.50 -0.39 9.02
C SER A 28 8.15 -1.87 8.81
N LEU A 29 8.25 -2.37 7.57
CA LEU A 29 7.86 -3.74 7.22
C LEU A 29 8.89 -4.81 7.62
N LEU A 30 10.17 -4.44 7.83
CA LEU A 30 11.19 -5.35 8.38
C LEU A 30 10.95 -5.64 9.88
N ARG A 31 10.32 -4.71 10.61
CA ARG A 31 9.90 -4.89 12.01
C ARG A 31 8.60 -5.70 12.12
N MET A 32 7.70 -5.55 11.15
CA MET A 32 6.41 -6.26 11.06
C MET A 32 6.55 -7.71 10.54
N PRO A 33 5.55 -8.58 10.77
CA PRO A 33 5.52 -9.93 10.20
C PRO A 33 5.21 -9.93 8.70
N GLU A 34 5.51 -11.04 8.02
CA GLU A 34 5.21 -11.26 6.59
C GLU A 34 3.72 -11.12 6.28
N GLY A 35 3.40 -10.37 5.22
CA GLY A 35 2.03 -10.08 4.77
C GLY A 35 1.49 -8.73 5.24
N THR A 36 2.29 -7.97 5.99
CA THR A 36 2.01 -6.56 6.32
C THR A 36 2.27 -5.69 5.09
N PHE A 37 1.34 -4.80 4.74
CA PHE A 37 1.45 -3.97 3.54
C PHE A 37 1.06 -2.51 3.77
N LEU A 38 1.48 -1.65 2.85
CA LEU A 38 1.17 -0.23 2.82
C LEU A 38 1.11 0.31 1.39
N VAL A 39 0.43 1.42 1.17
CA VAL A 39 0.43 2.17 -0.09
C VAL A 39 0.88 3.61 0.16
N ARG A 40 1.70 4.13 -0.74
CA ARG A 40 2.34 5.45 -0.65
C ARG A 40 2.34 6.18 -1.99
N ASP A 41 2.42 7.51 -1.98
CA ASP A 41 2.66 8.33 -3.18
C ASP A 41 4.05 7.97 -3.77
N SER A 42 4.11 7.81 -5.09
CA SER A 42 5.29 7.24 -5.76
C SER A 42 6.55 8.12 -5.70
N THR A 43 7.66 7.47 -5.38
CA THR A 43 9.02 8.04 -5.41
C THR A 43 9.60 8.14 -6.84
N SER A 44 8.93 7.58 -7.86
CA SER A 44 9.28 7.80 -9.28
C SER A 44 8.69 9.10 -9.81
N SER A 45 7.37 9.30 -9.65
CA SER A 45 6.61 10.41 -10.27
C SER A 45 5.36 10.79 -9.44
N PRO A 46 4.97 12.07 -9.37
CA PRO A 46 3.75 12.50 -8.69
C PRO A 46 2.48 12.00 -9.40
N GLY A 47 1.41 11.73 -8.63
CA GLY A 47 0.12 11.24 -9.12
C GLY A 47 0.04 9.72 -9.37
N ASP A 48 1.15 8.99 -9.23
CA ASP A 48 1.22 7.53 -9.20
C ASP A 48 1.45 7.03 -7.76
N TYR A 49 1.19 5.75 -7.49
CA TYR A 49 1.31 5.15 -6.15
C TYR A 49 2.19 3.90 -6.15
N VAL A 50 2.56 3.41 -4.96
CA VAL A 50 3.38 2.19 -4.77
C VAL A 50 2.83 1.39 -3.60
N LEU A 51 2.64 0.08 -3.82
CA LEU A 51 2.31 -0.93 -2.81
C LEU A 51 3.61 -1.54 -2.30
N SER A 52 3.88 -1.45 -1.00
CA SER A 52 5.03 -2.07 -0.35
C SER A 52 4.57 -3.18 0.60
N CYS A 53 5.22 -4.34 0.57
CA CYS A 53 4.80 -5.56 1.29
C CYS A 53 5.98 -6.28 1.98
N SER A 54 5.76 -6.83 3.17
CA SER A 54 6.73 -7.72 3.81
C SER A 54 6.55 -9.14 3.23
N GLU A 55 7.55 -9.59 2.50
CA GLU A 55 7.53 -10.87 1.77
C GLU A 55 8.85 -11.65 1.87
N ASN A 56 8.78 -12.96 2.14
CA ASN A 56 9.92 -13.89 2.08
C ASN A 56 11.14 -13.44 2.92
N GLY A 57 10.88 -12.85 4.09
CA GLY A 57 11.90 -12.32 5.00
C GLY A 57 12.59 -11.01 4.56
N LYS A 58 12.10 -10.38 3.47
CA LYS A 58 12.53 -9.08 2.95
C LYS A 58 11.33 -8.13 2.76
N VAL A 59 11.54 -6.98 2.13
CA VAL A 59 10.50 -6.02 1.74
C VAL A 59 10.51 -5.80 0.24
N THR A 60 9.32 -5.82 -0.37
CA THR A 60 9.07 -5.69 -1.81
C THR A 60 8.25 -4.44 -2.12
N HIS A 61 8.32 -3.95 -3.37
CA HIS A 61 7.63 -2.75 -3.84
C HIS A 61 7.04 -2.97 -5.25
N TYR A 62 5.80 -2.53 -5.47
CA TYR A 62 5.03 -2.71 -6.71
C TYR A 62 4.32 -1.42 -7.12
N LYS A 63 4.51 -0.95 -8.35
CA LYS A 63 3.97 0.33 -8.81
C LYS A 63 2.49 0.22 -9.19
N LEU A 64 1.67 1.11 -8.63
CA LEU A 64 0.26 1.33 -8.92
C LEU A 64 0.15 2.57 -9.80
N SER A 65 0.27 2.36 -11.11
CA SER A 65 0.32 3.40 -12.14
C SER A 65 -1.08 3.88 -12.52
N ALA A 66 -1.26 5.19 -12.72
CA ALA A 66 -2.50 5.76 -13.22
C ALA A 66 -2.63 5.58 -14.74
N GLU A 67 -3.75 5.03 -15.20
CA GLU A 67 -4.07 4.76 -16.61
C GLU A 67 -5.53 5.09 -16.90
N GLU A 68 -5.80 6.19 -17.62
CA GLU A 68 -7.15 6.72 -17.91
C GLU A 68 -8.02 6.94 -16.65
N GLY A 69 -7.36 7.26 -15.53
CA GLY A 69 -7.95 7.44 -14.19
C GLY A 69 -8.17 6.15 -13.40
N LYS A 70 -7.83 4.99 -13.96
CA LYS A 70 -7.85 3.66 -13.32
C LYS A 70 -6.44 3.21 -12.92
N ILE A 71 -6.32 2.08 -12.22
CA ILE A 71 -5.07 1.60 -11.61
C ILE A 71 -4.49 0.40 -12.37
N ARG A 72 -3.28 0.53 -12.90
CA ARG A 72 -2.48 -0.55 -13.52
C ARG A 72 -1.36 -0.97 -12.56
N ILE A 73 -1.21 -2.27 -12.29
CA ILE A 73 -0.14 -2.86 -11.48
C ILE A 73 0.35 -4.16 -12.13
N ASP A 74 1.65 -4.25 -12.39
CA ASP A 74 2.29 -5.28 -13.23
C ASP A 74 1.62 -5.35 -14.63
N THR A 75 0.74 -6.33 -14.86
CA THR A 75 -0.13 -6.41 -16.06
C THR A 75 -1.61 -6.17 -15.77
N HIS A 76 -2.04 -6.23 -14.50
CA HIS A 76 -3.43 -6.18 -14.08
C HIS A 76 -3.96 -4.74 -14.04
N LEU A 77 -5.16 -4.54 -14.58
CA LEU A 77 -5.92 -3.28 -14.47
C LEU A 77 -7.10 -3.45 -13.48
N PHE A 78 -7.26 -2.46 -12.60
CA PHE A 78 -8.33 -2.35 -11.60
C PHE A 78 -8.96 -0.96 -11.63
N ASP A 79 -10.21 -0.84 -11.19
CA ASP A 79 -10.92 0.44 -11.18
C ASP A 79 -10.31 1.45 -10.19
N ASN A 80 -9.82 0.98 -9.05
CA ASN A 80 -9.32 1.78 -7.93
C ASN A 80 -8.32 0.99 -7.06
N LEU A 81 -7.68 1.67 -6.11
CA LEU A 81 -6.68 1.08 -5.20
C LEU A 81 -7.27 -0.04 -4.32
N ASP A 82 -8.46 0.15 -3.76
CA ASP A 82 -9.09 -0.84 -2.88
C ASP A 82 -9.41 -2.16 -3.60
N ALA A 83 -9.79 -2.09 -4.89
CA ALA A 83 -9.97 -3.27 -5.74
C ALA A 83 -8.65 -4.02 -6.00
N ALA A 84 -7.54 -3.29 -6.23
CA ALA A 84 -6.22 -3.88 -6.40
C ALA A 84 -5.71 -4.58 -5.12
N ILE A 85 -5.88 -3.93 -3.95
CA ILE A 85 -5.59 -4.52 -2.64
C ILE A 85 -6.42 -5.79 -2.41
N THR A 86 -7.73 -5.72 -2.66
CA THR A 86 -8.68 -6.85 -2.50
C THR A 86 -8.30 -8.03 -3.40
N PHE A 87 -7.88 -7.79 -4.65
CA PHE A 87 -7.41 -8.85 -5.54
C PHE A 87 -6.19 -9.60 -4.94
N TYR A 88 -5.23 -8.87 -4.39
CA TYR A 88 -4.06 -9.46 -3.71
C TYR A 88 -4.33 -9.95 -2.27
N MET A 89 -5.58 -9.85 -1.77
CA MET A 89 -6.04 -10.54 -0.55
C MET A 89 -6.66 -11.89 -0.92
N GLU A 90 -7.38 -11.97 -2.04
CA GLU A 90 -7.96 -13.21 -2.58
C GLU A 90 -6.92 -14.12 -3.27
N HIS A 91 -5.86 -13.53 -3.83
CA HIS A 91 -4.78 -14.22 -4.55
C HIS A 91 -3.39 -13.80 -4.04
N GLU A 92 -2.36 -14.62 -4.23
CA GLU A 92 -0.98 -14.28 -3.89
C GLU A 92 -0.39 -13.25 -4.89
N LEU A 93 0.45 -12.33 -4.38
CA LEU A 93 1.06 -11.25 -5.16
C LEU A 93 2.31 -11.74 -5.90
N GLU A 94 3.31 -12.17 -5.15
CA GLU A 94 4.57 -12.73 -5.69
C GLU A 94 5.11 -13.88 -4.81
N TYR A 95 5.29 -13.62 -3.52
CA TYR A 95 5.73 -14.59 -2.51
C TYR A 95 4.62 -14.92 -1.51
N SER A 96 3.72 -13.97 -1.22
CA SER A 96 2.56 -14.14 -0.35
C SER A 96 1.37 -13.25 -0.77
N SER A 97 0.24 -13.38 -0.10
CA SER A 97 -0.92 -12.48 -0.20
C SER A 97 -0.84 -11.33 0.81
N LEU A 98 -1.70 -10.32 0.63
CA LEU A 98 -1.89 -9.23 1.59
C LEU A 98 -2.67 -9.76 2.82
N LYS A 99 -2.12 -9.59 4.03
CA LYS A 99 -2.69 -10.12 5.28
C LYS A 99 -3.23 -9.03 6.20
N GLN A 100 -2.51 -7.91 6.35
CA GLN A 100 -2.90 -6.78 7.21
C GLN A 100 -2.29 -5.44 6.78
N PRO A 101 -2.99 -4.30 6.97
CA PRO A 101 -2.40 -2.98 6.76
C PRO A 101 -1.38 -2.66 7.86
N LEU A 102 -0.32 -1.92 7.51
CA LEU A 102 0.62 -1.37 8.49
C LEU A 102 -0.13 -0.46 9.48
N GLN A 103 0.19 -0.61 10.77
CA GLN A 103 -0.44 0.15 11.86
C GLN A 103 0.18 1.55 12.02
N ARG A 104 -0.61 2.51 12.51
CA ARG A 104 -0.25 3.93 12.68
C ARG A 104 -0.75 4.51 14.01
N GLY A 1 -7.99 21.10 21.27
CA GLY A 1 -6.66 20.55 21.63
C GLY A 1 -6.65 19.03 21.53
N SER A 2 -5.49 18.45 21.16
CA SER A 2 -5.30 17.01 20.93
C SER A 2 -3.98 16.51 21.53
N SER A 3 -3.94 15.24 21.95
CA SER A 3 -2.74 14.60 22.52
C SER A 3 -1.55 14.64 21.53
N GLY A 4 -0.38 15.07 22.02
CA GLY A 4 0.83 15.26 21.21
C GLY A 4 0.70 16.29 20.06
N SER A 5 -0.34 17.14 20.09
CA SER A 5 -0.76 18.03 19.00
C SER A 5 -1.06 17.32 17.66
N SER A 6 -1.37 16.02 17.70
CA SER A 6 -1.63 15.19 16.51
C SER A 6 -2.95 15.54 15.81
N GLY A 7 -2.96 15.49 14.48
CA GLY A 7 -4.14 15.67 13.63
C GLY A 7 -4.97 14.39 13.42
N MET A 8 -5.84 14.40 12.41
CA MET A 8 -6.67 13.27 11.98
C MET A 8 -6.58 13.07 10.46
N ALA A 9 -6.78 11.82 9.99
CA ALA A 9 -6.75 11.48 8.56
C ALA A 9 -8.00 12.03 7.82
N GLU A 10 -7.81 12.49 6.58
CA GLU A 10 -8.89 13.05 5.73
C GLU A 10 -9.64 11.94 4.97
N ALA A 11 -10.28 11.04 5.74
CA ALA A 11 -10.98 9.83 5.27
C ALA A 11 -10.14 8.84 4.43
N ALA A 12 -8.81 8.96 4.49
CA ALA A 12 -7.86 8.12 3.76
C ALA A 12 -7.86 6.65 4.24
N ALA A 13 -7.51 5.73 3.34
CA ALA A 13 -7.49 4.29 3.60
C ALA A 13 -6.57 3.90 4.78
N PRO A 14 -6.87 2.81 5.52
CA PRO A 14 -6.09 2.39 6.69
C PRO A 14 -4.66 1.92 6.34
N TRP A 15 -4.40 1.61 5.08
CA TRP A 15 -3.08 1.23 4.53
C TRP A 15 -2.30 2.40 3.88
N TYR A 16 -2.87 3.61 3.79
CA TYR A 16 -2.22 4.73 3.10
C TYR A 16 -1.33 5.58 4.01
N HIS A 17 -0.09 5.85 3.59
CA HIS A 17 0.94 6.58 4.34
C HIS A 17 1.43 7.88 3.68
N GLY A 18 0.91 8.27 2.51
CA GLY A 18 1.30 9.52 1.84
C GLY A 18 2.75 9.53 1.34
N PRO A 19 3.51 10.64 1.47
CA PRO A 19 4.90 10.80 0.99
C PRO A 19 6.00 9.93 1.64
N LEU A 20 5.68 8.70 2.06
CA LEU A 20 6.63 7.74 2.65
C LEU A 20 7.67 7.26 1.61
N SER A 21 8.94 7.16 2.01
CA SER A 21 10.03 6.62 1.16
C SER A 21 10.26 5.12 1.40
N ARG A 22 11.13 4.50 0.59
CA ARG A 22 11.52 3.09 0.73
C ARG A 22 12.04 2.77 2.12
N THR A 23 13.07 3.49 2.59
CA THR A 23 13.73 3.18 3.87
C THR A 23 12.77 3.24 5.07
N ASP A 24 11.80 4.16 5.04
CA ASP A 24 10.74 4.27 6.07
C ASP A 24 9.75 3.10 6.02
N ALA A 25 9.34 2.67 4.82
CA ALA A 25 8.51 1.48 4.62
C ALA A 25 9.24 0.18 5.01
N GLU A 26 10.51 0.04 4.61
CA GLU A 26 11.37 -1.11 4.89
C GLU A 26 11.64 -1.27 6.39
N ASN A 27 12.02 -0.20 7.09
CA ASN A 27 12.27 -0.22 8.53
C ASN A 27 11.00 -0.50 9.37
N SER A 28 9.80 -0.32 8.78
CA SER A 28 8.53 -0.70 9.39
C SER A 28 8.17 -2.17 9.12
N LEU A 29 8.15 -2.58 7.85
CA LEU A 29 7.72 -3.93 7.44
C LEU A 29 8.73 -5.03 7.81
N LEU A 30 10.03 -4.71 7.98
CA LEU A 30 11.04 -5.65 8.48
C LEU A 30 10.79 -6.08 9.94
N ARG A 31 10.12 -5.22 10.72
CA ARG A 31 9.73 -5.49 12.12
C ARG A 31 8.38 -6.22 12.23
N MET A 32 7.55 -6.11 11.18
CA MET A 32 6.23 -6.74 11.06
C MET A 32 6.31 -8.18 10.50
N PRO A 33 5.28 -9.01 10.67
CA PRO A 33 5.20 -10.32 10.03
C PRO A 33 4.92 -10.22 8.53
N GLU A 34 5.17 -11.29 7.79
CA GLU A 34 4.82 -11.43 6.36
C GLU A 34 3.33 -11.18 6.11
N GLY A 35 3.01 -10.52 4.99
CA GLY A 35 1.65 -10.13 4.61
C GLY A 35 1.19 -8.78 5.18
N THR A 36 2.06 -8.05 5.89
CA THR A 36 1.83 -6.66 6.28
C THR A 36 2.14 -5.74 5.09
N PHE A 37 1.25 -4.81 4.75
CA PHE A 37 1.41 -3.95 3.59
C PHE A 37 1.02 -2.49 3.83
N LEU A 38 1.47 -1.61 2.93
CA LEU A 38 1.17 -0.19 2.93
C LEU A 38 1.17 0.37 1.50
N VAL A 39 0.51 1.50 1.28
CA VAL A 39 0.54 2.25 0.02
C VAL A 39 1.01 3.68 0.26
N ARG A 40 1.86 4.19 -0.63
CA ARG A 40 2.53 5.49 -0.52
C ARG A 40 2.62 6.21 -1.87
N ASP A 41 2.83 7.52 -1.84
CA ASP A 41 3.06 8.35 -3.03
C ASP A 41 4.33 7.93 -3.78
N SER A 42 4.29 7.90 -5.11
CA SER A 42 5.37 7.35 -5.94
C SER A 42 6.64 8.22 -6.01
N THR A 43 7.79 7.55 -6.14
CA THR A 43 9.11 8.13 -6.38
C THR A 43 9.30 8.72 -7.79
N SER A 44 8.37 8.42 -8.72
CA SER A 44 8.37 8.90 -10.10
C SER A 44 6.94 9.08 -10.65
N SER A 45 6.77 9.97 -11.63
CA SER A 45 5.48 10.30 -12.28
C SER A 45 4.34 10.63 -11.29
N PRO A 46 4.29 11.87 -10.75
CA PRO A 46 3.29 12.30 -9.78
C PRO A 46 1.84 11.97 -10.19
N GLY A 47 1.06 11.46 -9.23
CA GLY A 47 -0.26 10.86 -9.44
C GLY A 47 -0.25 9.32 -9.43
N ASP A 48 0.92 8.69 -9.58
CA ASP A 48 1.13 7.25 -9.35
C ASP A 48 1.42 6.96 -7.86
N TYR A 49 1.25 5.70 -7.46
CA TYR A 49 1.47 5.22 -6.09
C TYR A 49 2.38 3.98 -6.06
N VAL A 50 2.75 3.52 -4.86
CA VAL A 50 3.57 2.30 -4.64
C VAL A 50 2.97 1.47 -3.51
N LEU A 51 2.75 0.19 -3.76
CA LEU A 51 2.39 -0.83 -2.77
C LEU A 51 3.69 -1.44 -2.23
N SER A 52 3.90 -1.39 -0.91
CA SER A 52 5.05 -2.02 -0.25
C SER A 52 4.58 -3.12 0.69
N CYS A 53 5.21 -4.29 0.67
CA CYS A 53 4.76 -5.51 1.36
C CYS A 53 5.90 -6.26 2.06
N SER A 54 5.65 -6.86 3.22
CA SER A 54 6.57 -7.79 3.86
C SER A 54 6.40 -9.17 3.22
N GLU A 55 7.43 -9.63 2.55
CA GLU A 55 7.43 -10.89 1.77
C GLU A 55 8.78 -11.63 1.87
N ASN A 56 8.74 -12.96 2.05
CA ASN A 56 9.89 -13.87 2.03
C ASN A 56 11.05 -13.45 2.97
N GLY A 57 10.70 -12.92 4.15
CA GLY A 57 11.66 -12.42 5.14
C GLY A 57 12.36 -11.10 4.79
N LYS A 58 11.92 -10.43 3.71
CA LYS A 58 12.39 -9.13 3.22
C LYS A 58 11.21 -8.18 2.96
N VAL A 59 11.46 -7.03 2.33
CA VAL A 59 10.44 -6.05 1.94
C VAL A 59 10.50 -5.79 0.44
N THR A 60 9.32 -5.72 -0.19
CA THR A 60 9.11 -5.56 -1.64
C THR A 60 8.31 -4.29 -1.96
N HIS A 61 8.40 -3.81 -3.19
CA HIS A 61 7.74 -2.59 -3.67
C HIS A 61 7.21 -2.77 -5.11
N TYR A 62 5.99 -2.26 -5.37
CA TYR A 62 5.26 -2.44 -6.64
C TYR A 62 4.56 -1.15 -7.08
N LYS A 63 4.79 -0.71 -8.32
CA LYS A 63 4.20 0.53 -8.88
C LYS A 63 2.71 0.35 -9.19
N LEU A 64 1.89 1.28 -8.69
CA LEU A 64 0.47 1.45 -9.02
C LEU A 64 0.35 2.66 -9.94
N SER A 65 0.28 2.40 -11.24
CA SER A 65 0.26 3.42 -12.30
C SER A 65 -1.16 3.88 -12.61
N ALA A 66 -1.39 5.19 -12.70
CA ALA A 66 -2.66 5.75 -13.14
C ALA A 66 -2.81 5.63 -14.68
N GLU A 67 -3.90 5.01 -15.13
CA GLU A 67 -4.19 4.73 -16.55
C GLU A 67 -5.68 5.05 -16.83
N GLU A 68 -5.96 6.12 -17.56
CA GLU A 68 -7.31 6.61 -17.89
C GLU A 68 -8.25 6.75 -16.67
N GLY A 69 -7.67 7.10 -15.52
CA GLY A 69 -8.35 7.25 -14.22
C GLY A 69 -8.49 5.95 -13.40
N LYS A 70 -8.04 4.81 -13.95
CA LYS A 70 -7.98 3.48 -13.30
C LYS A 70 -6.54 3.15 -12.87
N ILE A 71 -6.35 2.03 -12.17
CA ILE A 71 -5.07 1.60 -11.57
C ILE A 71 -4.51 0.38 -12.30
N ARG A 72 -3.30 0.49 -12.86
CA ARG A 72 -2.50 -0.60 -13.44
C ARG A 72 -1.36 -0.99 -12.50
N ILE A 73 -1.19 -2.27 -12.21
CA ILE A 73 -0.08 -2.83 -11.41
C ILE A 73 0.42 -4.14 -12.04
N ASP A 74 1.73 -4.21 -12.28
CA ASP A 74 2.40 -5.25 -13.10
C ASP A 74 1.79 -5.35 -14.51
N THR A 75 0.76 -6.18 -14.70
CA THR A 75 -0.07 -6.26 -15.92
C THR A 75 -1.58 -6.12 -15.62
N HIS A 76 -2.01 -6.21 -14.36
CA HIS A 76 -3.39 -6.21 -13.94
C HIS A 76 -3.95 -4.79 -13.88
N LEU A 77 -5.16 -4.60 -14.43
CA LEU A 77 -5.93 -3.36 -14.33
C LEU A 77 -7.10 -3.50 -13.34
N PHE A 78 -7.27 -2.51 -12.48
CA PHE A 78 -8.31 -2.38 -11.47
C PHE A 78 -8.94 -0.98 -11.51
N ASP A 79 -10.19 -0.85 -11.05
CA ASP A 79 -10.86 0.45 -11.07
C ASP A 79 -10.21 1.49 -10.12
N ASN A 80 -9.71 1.02 -8.98
CA ASN A 80 -9.17 1.85 -7.89
C ASN A 80 -8.18 1.07 -7.02
N LEU A 81 -7.51 1.76 -6.08
CA LEU A 81 -6.52 1.18 -5.19
C LEU A 81 -7.11 0.06 -4.29
N ASP A 82 -8.30 0.27 -3.72
CA ASP A 82 -8.93 -0.71 -2.83
C ASP A 82 -9.27 -2.03 -3.54
N ALA A 83 -9.65 -1.98 -4.82
CA ALA A 83 -9.84 -3.17 -5.67
C ALA A 83 -8.52 -3.93 -5.92
N ALA A 84 -7.40 -3.21 -6.13
CA ALA A 84 -6.09 -3.82 -6.29
C ALA A 84 -5.60 -4.51 -4.99
N ILE A 85 -5.77 -3.87 -3.83
CA ILE A 85 -5.51 -4.47 -2.51
C ILE A 85 -6.38 -5.73 -2.31
N THR A 86 -7.69 -5.62 -2.57
CA THR A 86 -8.66 -6.73 -2.44
C THR A 86 -8.31 -7.93 -3.33
N PHE A 87 -7.82 -7.70 -4.55
CA PHE A 87 -7.35 -8.78 -5.42
C PHE A 87 -6.16 -9.52 -4.79
N TYR A 88 -5.16 -8.80 -4.26
CA TYR A 88 -4.00 -9.40 -3.62
C TYR A 88 -4.28 -9.93 -2.18
N MET A 89 -5.45 -9.69 -1.61
CA MET A 89 -5.92 -10.38 -0.39
C MET A 89 -6.37 -11.81 -0.73
N GLU A 90 -6.97 -12.01 -1.91
CA GLU A 90 -7.49 -13.30 -2.40
C GLU A 90 -6.43 -14.13 -3.16
N HIS A 91 -5.47 -13.46 -3.82
CA HIS A 91 -4.44 -14.08 -4.66
C HIS A 91 -3.02 -13.66 -4.24
N GLU A 92 -2.02 -14.51 -4.46
CA GLU A 92 -0.61 -14.20 -4.15
C GLU A 92 -0.06 -13.10 -5.09
N LEU A 93 0.71 -12.16 -4.52
CA LEU A 93 1.26 -11.01 -5.24
C LEU A 93 2.51 -11.41 -6.04
N GLU A 94 3.54 -11.88 -5.33
CA GLU A 94 4.78 -12.41 -5.91
C GLU A 94 5.34 -13.58 -5.09
N TYR A 95 5.47 -13.39 -3.78
CA TYR A 95 5.92 -14.40 -2.82
C TYR A 95 4.79 -14.84 -1.88
N SER A 96 3.86 -13.93 -1.53
CA SER A 96 2.68 -14.21 -0.70
C SER A 96 1.51 -13.26 -1.00
N SER A 97 0.36 -13.49 -0.38
CA SER A 97 -0.83 -12.61 -0.40
C SER A 97 -0.80 -11.55 0.73
N LEU A 98 -1.63 -10.52 0.59
CA LEU A 98 -1.86 -9.52 1.64
C LEU A 98 -2.65 -10.13 2.82
N LYS A 99 -2.35 -9.67 4.05
CA LYS A 99 -3.06 -10.08 5.28
C LYS A 99 -3.54 -8.90 6.14
N GLN A 100 -2.74 -7.85 6.29
CA GLN A 100 -3.07 -6.71 7.17
C GLN A 100 -2.41 -5.39 6.74
N PRO A 101 -3.08 -4.24 6.93
CA PRO A 101 -2.48 -2.93 6.71
C PRO A 101 -1.51 -2.54 7.83
N LEU A 102 -0.48 -1.75 7.52
CA LEU A 102 0.35 -1.08 8.53
C LEU A 102 -0.44 0.07 9.15
N GLN A 103 -0.24 0.33 10.44
CA GLN A 103 -1.01 1.32 11.21
C GLN A 103 -0.57 2.77 10.86
N ARG A 104 -1.55 3.65 10.62
CA ARG A 104 -1.38 5.05 10.20
C ARG A 104 -2.31 6.01 10.95
N GLY A 1 -2.16 31.44 15.29
CA GLY A 1 -2.94 30.20 15.56
C GLY A 1 -2.04 29.06 16.02
N SER A 2 -2.42 27.82 15.71
CA SER A 2 -1.69 26.59 16.08
C SER A 2 -0.32 26.48 15.38
N SER A 3 0.61 25.74 15.98
CA SER A 3 1.96 25.48 15.45
C SER A 3 1.98 24.47 14.27
N GLY A 4 0.89 23.72 14.07
CA GLY A 4 0.69 22.79 12.96
C GLY A 4 -0.77 22.32 12.84
N SER A 5 -1.11 21.68 11.72
CA SER A 5 -2.47 21.21 11.42
C SER A 5 -2.87 19.98 12.27
N SER A 6 -4.16 19.90 12.64
CA SER A 6 -4.73 18.77 13.40
C SER A 6 -5.06 17.54 12.54
N GLY A 7 -5.23 17.72 11.23
CA GLY A 7 -5.58 16.66 10.27
C GLY A 7 -7.06 16.23 10.30
N MET A 8 -7.92 16.91 11.07
CA MET A 8 -9.32 16.51 11.28
C MET A 8 -10.22 16.59 10.03
N ALA A 9 -9.80 17.32 9.01
CA ALA A 9 -10.54 17.56 7.76
C ALA A 9 -10.17 16.59 6.61
N GLU A 10 -9.35 15.56 6.86
CA GLU A 10 -8.84 14.61 5.87
C GLU A 10 -8.80 13.17 6.44
N ALA A 11 -9.21 12.20 5.61
CA ALA A 11 -9.19 10.77 5.91
C ALA A 11 -8.83 9.92 4.67
N ALA A 12 -8.22 8.75 4.90
CA ALA A 12 -7.83 7.78 3.87
C ALA A 12 -7.86 6.34 4.42
N ALA A 13 -7.94 5.34 3.53
CA ALA A 13 -7.89 3.92 3.85
C ALA A 13 -6.67 3.58 4.75
N PRO A 14 -6.77 2.61 5.69
CA PRO A 14 -5.78 2.38 6.74
C PRO A 14 -4.36 2.07 6.23
N TRP A 15 -4.26 1.44 5.06
CA TRP A 15 -3.00 1.10 4.40
C TRP A 15 -2.29 2.28 3.71
N TYR A 16 -2.91 3.46 3.58
CA TYR A 16 -2.30 4.62 2.92
C TYR A 16 -1.42 5.44 3.88
N HIS A 17 -0.20 5.77 3.44
CA HIS A 17 0.82 6.51 4.22
C HIS A 17 1.32 7.80 3.55
N GLY A 18 0.70 8.24 2.44
CA GLY A 18 1.06 9.51 1.78
C GLY A 18 2.46 9.50 1.15
N PRO A 19 3.19 10.64 1.13
CA PRO A 19 4.55 10.78 0.55
C PRO A 19 5.70 10.01 1.24
N LEU A 20 5.46 8.77 1.70
CA LEU A 20 6.47 7.91 2.32
C LEU A 20 7.54 7.47 1.29
N SER A 21 8.80 7.40 1.70
CA SER A 21 9.92 6.89 0.89
C SER A 21 10.21 5.41 1.16
N ARG A 22 10.97 4.76 0.25
CA ARG A 22 11.38 3.35 0.38
C ARG A 22 11.97 3.01 1.75
N THR A 23 13.01 3.73 2.17
CA THR A 23 13.74 3.43 3.42
C THR A 23 12.84 3.49 4.65
N ASP A 24 11.84 4.37 4.68
CA ASP A 24 10.83 4.46 5.74
C ASP A 24 9.84 3.28 5.69
N ALA A 25 9.35 2.94 4.50
CA ALA A 25 8.47 1.77 4.29
C ALA A 25 9.16 0.45 4.67
N GLU A 26 10.43 0.28 4.27
CA GLU A 26 11.24 -0.90 4.58
C GLU A 26 11.52 -1.03 6.08
N ASN A 27 11.82 0.06 6.79
CA ASN A 27 12.07 0.02 8.23
C ASN A 27 10.85 -0.43 9.06
N SER A 28 9.64 -0.12 8.62
CA SER A 28 8.40 -0.64 9.25
C SER A 28 8.17 -2.11 8.89
N LEU A 29 8.13 -2.45 7.60
CA LEU A 29 7.77 -3.80 7.15
C LEU A 29 8.83 -4.88 7.47
N LEU A 30 10.10 -4.51 7.64
CA LEU A 30 11.16 -5.42 8.08
C LEU A 30 11.01 -5.82 9.57
N ARG A 31 10.37 -4.98 10.38
CA ARG A 31 10.03 -5.25 11.79
C ARG A 31 8.68 -5.94 11.97
N MET A 32 7.76 -5.76 11.02
CA MET A 32 6.45 -6.42 10.97
C MET A 32 6.51 -7.87 10.43
N PRO A 33 5.49 -8.70 10.70
CA PRO A 33 5.38 -10.05 10.12
C PRO A 33 5.03 -10.01 8.62
N GLU A 34 5.24 -11.14 7.94
CA GLU A 34 4.88 -11.34 6.52
C GLU A 34 3.39 -11.11 6.26
N GLY A 35 3.08 -10.45 5.13
CA GLY A 35 1.72 -10.06 4.75
C GLY A 35 1.27 -8.69 5.25
N THR A 36 2.13 -7.95 5.95
CA THR A 36 1.91 -6.54 6.29
C THR A 36 2.19 -5.67 5.07
N PHE A 37 1.30 -4.73 4.73
CA PHE A 37 1.46 -3.90 3.55
C PHE A 37 1.07 -2.43 3.77
N LEU A 38 1.54 -1.57 2.87
CA LEU A 38 1.21 -0.14 2.82
C LEU A 38 1.19 0.37 1.38
N VAL A 39 0.52 1.49 1.15
CA VAL A 39 0.52 2.23 -0.12
C VAL A 39 0.98 3.67 0.12
N ARG A 40 1.82 4.18 -0.77
CA ARG A 40 2.45 5.50 -0.69
C ARG A 40 2.42 6.22 -2.04
N ASP A 41 2.45 7.55 -2.03
CA ASP A 41 2.66 8.36 -3.23
C ASP A 41 4.04 8.06 -3.83
N SER A 42 4.11 7.85 -5.14
CA SER A 42 5.30 7.29 -5.80
C SER A 42 6.53 8.19 -5.77
N THR A 43 7.66 7.58 -5.44
CA THR A 43 9.01 8.16 -5.53
C THR A 43 9.54 8.23 -6.97
N SER A 44 8.81 7.68 -7.96
CA SER A 44 9.09 7.87 -9.40
C SER A 44 8.50 9.20 -9.90
N SER A 45 7.20 9.42 -9.70
CA SER A 45 6.43 10.58 -10.20
C SER A 45 5.20 10.85 -9.32
N PRO A 46 4.80 12.14 -9.10
CA PRO A 46 3.59 12.48 -8.36
C PRO A 46 2.32 12.05 -9.11
N GLY A 47 1.27 11.70 -8.36
CA GLY A 47 -0.02 11.23 -8.89
C GLY A 47 -0.08 9.72 -9.20
N ASP A 48 1.06 9.03 -9.18
CA ASP A 48 1.17 7.57 -9.20
C ASP A 48 1.46 7.05 -7.77
N TYR A 49 1.25 5.76 -7.52
CA TYR A 49 1.38 5.15 -6.19
C TYR A 49 2.29 3.92 -6.19
N VAL A 50 2.67 3.44 -5.00
CA VAL A 50 3.49 2.23 -4.80
C VAL A 50 2.93 1.42 -3.64
N LEU A 51 2.72 0.12 -3.86
CA LEU A 51 2.39 -0.89 -2.85
C LEU A 51 3.69 -1.49 -2.32
N SER A 52 3.91 -1.43 -1.00
CA SER A 52 5.05 -2.06 -0.34
C SER A 52 4.56 -3.17 0.58
N CYS A 53 5.21 -4.35 0.55
CA CYS A 53 4.76 -5.56 1.25
C CYS A 53 5.92 -6.30 1.93
N SER A 54 5.69 -6.82 3.15
CA SER A 54 6.61 -7.73 3.82
C SER A 54 6.41 -9.15 3.28
N GLU A 55 7.36 -9.63 2.50
CA GLU A 55 7.34 -10.97 1.89
C GLU A 55 8.74 -11.63 1.87
N ASN A 56 8.79 -12.96 1.98
CA ASN A 56 9.99 -13.78 1.83
C ASN A 56 11.15 -13.38 2.78
N GLY A 57 10.81 -12.91 3.99
CA GLY A 57 11.76 -12.44 5.00
C GLY A 57 12.41 -11.08 4.68
N LYS A 58 11.95 -10.39 3.62
CA LYS A 58 12.41 -9.07 3.16
C LYS A 58 11.21 -8.13 2.93
N VAL A 59 11.46 -6.99 2.28
CA VAL A 59 10.44 -6.02 1.85
C VAL A 59 10.54 -5.79 0.35
N THR A 60 9.40 -5.76 -0.33
CA THR A 60 9.27 -5.59 -1.79
C THR A 60 8.32 -4.44 -2.14
N HIS A 61 8.44 -3.89 -3.35
CA HIS A 61 7.71 -2.71 -3.83
C HIS A 61 7.15 -2.92 -5.25
N TYR A 62 5.92 -2.45 -5.49
CA TYR A 62 5.15 -2.66 -6.72
C TYR A 62 4.43 -1.38 -7.15
N LYS A 63 4.64 -0.91 -8.38
CA LYS A 63 4.08 0.37 -8.85
C LYS A 63 2.61 0.24 -9.23
N LEU A 64 1.80 1.16 -8.71
CA LEU A 64 0.37 1.35 -9.00
C LEU A 64 0.26 2.59 -9.90
N SER A 65 0.29 2.36 -11.21
CA SER A 65 0.30 3.41 -12.24
C SER A 65 -1.11 3.86 -12.59
N ALA A 66 -1.32 5.17 -12.74
CA ALA A 66 -2.59 5.74 -13.21
C ALA A 66 -2.71 5.59 -14.74
N GLU A 67 -3.81 5.00 -15.22
CA GLU A 67 -4.08 4.73 -16.63
C GLU A 67 -5.55 5.08 -16.96
N GLU A 68 -5.79 6.24 -17.59
CA GLU A 68 -7.14 6.76 -17.91
C GLU A 68 -8.08 6.85 -16.69
N GLY A 69 -7.49 7.07 -15.51
CA GLY A 69 -8.16 7.13 -14.20
C GLY A 69 -8.32 5.79 -13.48
N LYS A 70 -7.95 4.67 -14.12
CA LYS A 70 -7.85 3.32 -13.52
C LYS A 70 -6.44 3.05 -12.97
N ILE A 71 -6.28 1.98 -12.21
CA ILE A 71 -5.03 1.55 -11.57
C ILE A 71 -4.45 0.33 -12.29
N ARG A 72 -3.25 0.47 -12.88
CA ARG A 72 -2.45 -0.61 -13.48
C ARG A 72 -1.32 -1.02 -12.53
N ILE A 73 -1.18 -2.32 -12.25
CA ILE A 73 -0.09 -2.89 -11.43
C ILE A 73 0.39 -4.21 -12.06
N ASP A 74 1.70 -4.30 -12.31
CA ASP A 74 2.35 -5.34 -13.11
C ASP A 74 1.75 -5.44 -14.53
N THR A 75 0.71 -6.27 -14.71
CA THR A 75 -0.13 -6.34 -15.93
C THR A 75 -1.63 -6.17 -15.64
N HIS A 76 -2.07 -6.25 -14.38
CA HIS A 76 -3.46 -6.22 -13.96
C HIS A 76 -3.99 -4.77 -13.91
N LEU A 77 -5.22 -4.59 -14.36
CA LEU A 77 -5.96 -3.31 -14.34
C LEU A 77 -7.18 -3.40 -13.40
N PHE A 78 -7.35 -2.38 -12.56
CA PHE A 78 -8.42 -2.26 -11.56
C PHE A 78 -9.07 -0.87 -11.59
N ASP A 79 -10.31 -0.77 -11.13
CA ASP A 79 -11.03 0.50 -11.06
C ASP A 79 -10.39 1.52 -10.10
N ASN A 80 -9.84 1.04 -8.98
CA ASN A 80 -9.30 1.85 -7.88
C ASN A 80 -8.28 1.05 -7.04
N LEU A 81 -7.62 1.75 -6.09
CA LEU A 81 -6.60 1.16 -5.21
C LEU A 81 -7.15 0.05 -4.31
N ASP A 82 -8.33 0.23 -3.71
CA ASP A 82 -8.93 -0.76 -2.80
C ASP A 82 -9.27 -2.08 -3.51
N ALA A 83 -9.68 -2.02 -4.79
CA ALA A 83 -9.87 -3.19 -5.63
C ALA A 83 -8.55 -3.94 -5.92
N ALA A 84 -7.45 -3.22 -6.16
CA ALA A 84 -6.12 -3.80 -6.34
C ALA A 84 -5.59 -4.49 -5.07
N ILE A 85 -5.79 -3.87 -3.90
CA ILE A 85 -5.49 -4.47 -2.58
C ILE A 85 -6.34 -5.75 -2.39
N THR A 86 -7.65 -5.66 -2.61
CA THR A 86 -8.60 -6.79 -2.47
C THR A 86 -8.25 -7.96 -3.38
N PHE A 87 -7.80 -7.72 -4.61
CA PHE A 87 -7.31 -8.78 -5.49
C PHE A 87 -6.12 -9.55 -4.87
N TYR A 88 -5.14 -8.83 -4.30
CA TYR A 88 -3.99 -9.44 -3.64
C TYR A 88 -4.27 -9.96 -2.21
N MET A 89 -5.47 -9.73 -1.65
CA MET A 89 -5.95 -10.41 -0.43
C MET A 89 -6.42 -11.83 -0.78
N GLU A 90 -7.05 -11.99 -1.95
CA GLU A 90 -7.61 -13.26 -2.45
C GLU A 90 -6.57 -14.13 -3.20
N HIS A 91 -5.57 -13.51 -3.84
CA HIS A 91 -4.54 -14.16 -4.66
C HIS A 91 -3.13 -13.74 -4.25
N GLU A 92 -2.15 -14.65 -4.36
CA GLU A 92 -0.76 -14.37 -3.99
C GLU A 92 -0.13 -13.31 -4.93
N LEU A 93 0.61 -12.36 -4.35
CA LEU A 93 1.20 -11.23 -5.06
C LEU A 93 2.47 -11.66 -5.81
N GLU A 94 3.46 -12.14 -5.06
CA GLU A 94 4.74 -12.63 -5.59
C GLU A 94 5.22 -13.88 -4.82
N TYR A 95 5.22 -13.80 -3.49
CA TYR A 95 5.59 -14.87 -2.56
C TYR A 95 4.41 -15.29 -1.68
N SER A 96 3.51 -14.35 -1.34
CA SER A 96 2.30 -14.59 -0.53
C SER A 96 1.19 -13.56 -0.81
N SER A 97 0.01 -13.75 -0.20
CA SER A 97 -1.12 -12.83 -0.22
C SER A 97 -1.00 -11.73 0.86
N LEU A 98 -1.69 -10.61 0.66
CA LEU A 98 -1.87 -9.55 1.67
C LEU A 98 -2.64 -10.08 2.89
N LYS A 99 -2.31 -9.57 4.09
CA LYS A 99 -2.92 -10.03 5.37
C LYS A 99 -3.41 -8.88 6.26
N GLN A 100 -2.65 -7.79 6.38
CA GLN A 100 -3.01 -6.64 7.22
C GLN A 100 -2.39 -5.31 6.74
N PRO A 101 -3.12 -4.18 6.87
CA PRO A 101 -2.56 -2.86 6.65
C PRO A 101 -1.60 -2.47 7.78
N LEU A 102 -0.51 -1.77 7.46
CA LEU A 102 0.35 -1.15 8.47
C LEU A 102 -0.45 -0.08 9.25
N GLN A 103 -0.24 0.00 10.56
CA GLN A 103 -1.02 0.85 11.46
C GLN A 103 -0.49 2.30 11.51
N ARG A 104 -1.36 3.24 11.89
CA ARG A 104 -1.08 4.69 12.00
C ARG A 104 -1.32 5.22 13.42
N GLY A 1 -15.85 29.29 9.73
CA GLY A 1 -16.09 27.85 9.97
C GLY A 1 -15.01 27.25 10.86
N SER A 2 -14.70 25.96 10.65
CA SER A 2 -13.63 25.23 11.35
C SER A 2 -12.23 25.50 10.77
N SER A 3 -11.19 24.92 11.38
CA SER A 3 -9.80 24.96 10.86
C SER A 3 -9.56 24.03 9.66
N GLY A 4 -10.54 23.20 9.27
CA GLY A 4 -10.46 22.29 8.12
C GLY A 4 -9.55 21.07 8.30
N SER A 5 -9.02 20.85 9.50
CA SER A 5 -8.06 19.76 9.82
C SER A 5 -8.71 18.38 10.02
N SER A 6 -10.03 18.33 10.23
CA SER A 6 -10.84 17.10 10.40
C SER A 6 -12.16 17.20 9.62
N GLY A 7 -12.63 16.06 9.10
CA GLY A 7 -13.89 15.94 8.35
C GLY A 7 -13.90 14.70 7.44
N MET A 8 -15.04 14.44 6.78
CA MET A 8 -15.21 13.27 5.89
C MET A 8 -14.27 13.32 4.67
N ALA A 9 -13.90 14.51 4.21
CA ALA A 9 -12.93 14.72 3.13
C ALA A 9 -11.46 14.57 3.56
N GLU A 10 -11.19 14.48 4.86
CA GLU A 10 -9.84 14.32 5.44
C GLU A 10 -9.50 12.86 5.78
N ALA A 11 -10.44 11.92 5.61
CA ALA A 11 -10.27 10.49 5.85
C ALA A 11 -9.40 9.80 4.76
N ALA A 12 -8.77 8.69 5.13
CA ALA A 12 -7.91 7.87 4.26
C ALA A 12 -8.02 6.37 4.57
N ALA A 13 -7.58 5.52 3.64
CA ALA A 13 -7.55 4.06 3.81
C ALA A 13 -6.57 3.62 4.91
N PRO A 14 -6.83 2.51 5.63
CA PRO A 14 -5.98 2.06 6.74
C PRO A 14 -4.57 1.69 6.29
N TRP A 15 -4.37 1.30 5.03
CA TRP A 15 -3.07 0.98 4.41
C TRP A 15 -2.36 2.18 3.75
N TYR A 16 -2.99 3.34 3.58
CA TYR A 16 -2.40 4.48 2.87
C TYR A 16 -1.58 5.40 3.80
N HIS A 17 -0.26 5.51 3.54
CA HIS A 17 0.69 6.30 4.31
C HIS A 17 1.13 7.62 3.63
N GLY A 18 0.61 7.93 2.44
CA GLY A 18 0.88 9.19 1.74
C GLY A 18 2.34 9.34 1.29
N PRO A 19 3.01 10.48 1.53
CA PRO A 19 4.36 10.79 1.01
C PRO A 19 5.51 10.06 1.77
N LEU A 20 5.33 8.77 2.06
CA LEU A 20 6.35 7.91 2.66
C LEU A 20 7.43 7.54 1.62
N SER A 21 8.69 7.45 2.05
CA SER A 21 9.83 6.99 1.22
C SER A 21 10.13 5.51 1.42
N ARG A 22 10.87 4.89 0.50
CA ARG A 22 11.30 3.48 0.58
C ARG A 22 11.93 3.14 1.93
N THR A 23 12.94 3.90 2.35
CA THR A 23 13.69 3.61 3.58
C THR A 23 12.80 3.58 4.83
N ASP A 24 11.76 4.40 4.89
CA ASP A 24 10.77 4.41 5.97
C ASP A 24 9.80 3.22 5.88
N ALA A 25 9.34 2.88 4.66
CA ALA A 25 8.50 1.70 4.41
C ALA A 25 9.25 0.40 4.76
N GLU A 26 10.52 0.29 4.37
CA GLU A 26 11.39 -0.85 4.64
C GLU A 26 11.70 -0.99 6.14
N ASN A 27 12.02 0.11 6.85
CA ASN A 27 12.24 0.06 8.30
C ASN A 27 10.99 -0.33 9.09
N SER A 28 9.79 -0.03 8.58
CA SER A 28 8.52 -0.44 9.18
C SER A 28 8.23 -1.92 8.93
N LEU A 29 8.24 -2.36 7.66
CA LEU A 29 7.87 -3.72 7.28
C LEU A 29 8.92 -4.79 7.64
N LEU A 30 10.20 -4.42 7.80
CA LEU A 30 11.24 -5.32 8.30
C LEU A 30 11.07 -5.66 9.79
N ARG A 31 10.45 -4.76 10.56
CA ARG A 31 10.11 -4.97 11.98
C ARG A 31 8.75 -5.66 12.19
N MET A 32 7.84 -5.51 11.23
CA MET A 32 6.54 -6.19 11.19
C MET A 32 6.65 -7.66 10.72
N PRO A 33 5.64 -8.51 11.00
CA PRO A 33 5.56 -9.86 10.45
C PRO A 33 5.24 -9.87 8.95
N GLU A 34 5.46 -11.01 8.30
CA GLU A 34 5.13 -11.27 6.89
C GLU A 34 3.64 -11.05 6.59
N GLY A 35 3.35 -10.47 5.42
CA GLY A 35 2.00 -10.13 4.96
C GLY A 35 1.49 -8.75 5.43
N THR A 36 2.31 -7.97 6.14
CA THR A 36 2.04 -6.57 6.46
C THR A 36 2.31 -5.69 5.25
N PHE A 37 1.38 -4.82 4.87
CA PHE A 37 1.50 -3.98 3.68
C PHE A 37 1.10 -2.51 3.90
N LEU A 38 1.55 -1.65 2.99
CA LEU A 38 1.21 -0.23 2.93
C LEU A 38 1.17 0.27 1.48
N VAL A 39 0.51 1.40 1.26
CA VAL A 39 0.51 2.13 -0.02
C VAL A 39 0.99 3.55 0.20
N ARG A 40 1.84 4.05 -0.69
CA ARG A 40 2.47 5.38 -0.62
C ARG A 40 2.47 6.09 -1.97
N ASP A 41 2.64 7.41 -1.97
CA ASP A 41 2.89 8.22 -3.16
C ASP A 41 4.22 7.81 -3.83
N SER A 42 4.24 7.65 -5.14
CA SER A 42 5.37 7.04 -5.86
C SER A 42 6.58 7.97 -6.05
N THR A 43 7.77 7.44 -5.73
CA THR A 43 9.05 8.14 -5.81
C THR A 43 9.34 8.62 -7.23
N SER A 44 9.53 9.93 -7.40
CA SER A 44 9.80 10.61 -8.69
C SER A 44 8.76 10.34 -9.80
N SER A 45 7.54 9.93 -9.44
CA SER A 45 6.46 9.54 -10.37
C SER A 45 5.12 10.20 -9.98
N PRO A 46 4.89 11.47 -10.37
CA PRO A 46 3.71 12.24 -9.95
C PRO A 46 2.38 11.58 -10.35
N GLY A 47 1.43 11.51 -9.41
CA GLY A 47 0.10 10.91 -9.59
C GLY A 47 0.05 9.37 -9.57
N ASP A 48 1.20 8.70 -9.43
CA ASP A 48 1.30 7.24 -9.27
C ASP A 48 1.53 6.84 -7.80
N TYR A 49 1.30 5.57 -7.47
CA TYR A 49 1.43 5.01 -6.11
C TYR A 49 2.34 3.77 -6.09
N VAL A 50 2.70 3.30 -4.89
CA VAL A 50 3.50 2.08 -4.68
C VAL A 50 2.91 1.27 -3.53
N LEU A 51 2.69 -0.02 -3.75
CA LEU A 51 2.34 -1.01 -2.74
C LEU A 51 3.64 -1.62 -2.21
N SER A 52 3.86 -1.58 -0.91
CA SER A 52 4.99 -2.24 -0.26
C SER A 52 4.48 -3.34 0.67
N CYS A 53 5.15 -4.51 0.71
CA CYS A 53 4.72 -5.67 1.49
C CYS A 53 5.91 -6.43 2.10
N SER A 54 5.80 -6.85 3.36
CA SER A 54 6.79 -7.69 4.03
C SER A 54 6.63 -9.13 3.53
N GLU A 55 7.59 -9.60 2.75
CA GLU A 55 7.58 -10.94 2.14
C GLU A 55 8.95 -11.61 2.07
N ASN A 56 8.97 -12.94 2.26
CA ASN A 56 10.14 -13.81 2.06
C ASN A 56 11.39 -13.38 2.85
N GLY A 57 11.19 -12.92 4.10
CA GLY A 57 12.25 -12.43 4.99
C GLY A 57 12.83 -11.05 4.62
N LYS A 58 12.23 -10.35 3.66
CA LYS A 58 12.62 -9.01 3.17
C LYS A 58 11.38 -8.09 3.01
N VAL A 59 11.58 -6.92 2.42
CA VAL A 59 10.51 -5.99 2.02
C VAL A 59 10.50 -5.83 0.51
N THR A 60 9.30 -5.82 -0.07
CA THR A 60 9.05 -5.82 -1.53
C THR A 60 8.19 -4.62 -1.93
N HIS A 61 8.31 -4.16 -3.18
CA HIS A 61 7.66 -2.94 -3.69
C HIS A 61 7.10 -3.16 -5.11
N TYR A 62 5.91 -2.61 -5.38
CA TYR A 62 5.14 -2.80 -6.63
C TYR A 62 4.46 -1.49 -7.04
N LYS A 63 4.69 -0.99 -8.27
CA LYS A 63 4.12 0.29 -8.73
C LYS A 63 2.65 0.14 -9.14
N LEU A 64 1.83 1.10 -8.73
CA LEU A 64 0.42 1.26 -9.03
C LEU A 64 0.28 2.54 -9.87
N SER A 65 0.27 2.37 -11.18
CA SER A 65 0.30 3.47 -12.16
C SER A 65 -1.09 3.94 -12.56
N ALA A 66 -1.26 5.24 -12.79
CA ALA A 66 -2.51 5.80 -13.32
C ALA A 66 -2.62 5.60 -14.84
N GLU A 67 -3.70 4.97 -15.30
CA GLU A 67 -4.01 4.71 -16.71
C GLU A 67 -5.49 5.01 -16.97
N GLU A 68 -5.78 6.09 -17.71
CA GLU A 68 -7.14 6.63 -17.93
C GLU A 68 -7.93 6.89 -16.61
N GLY A 69 -7.18 7.23 -15.55
CA GLY A 69 -7.69 7.44 -14.18
C GLY A 69 -7.93 6.16 -13.36
N LYS A 70 -7.67 4.97 -13.94
CA LYS A 70 -7.75 3.66 -13.28
C LYS A 70 -6.36 3.15 -12.90
N ILE A 71 -6.29 2.10 -12.08
CA ILE A 71 -5.07 1.59 -11.44
C ILE A 71 -4.48 0.41 -12.24
N ARG A 72 -3.36 0.64 -12.92
CA ARG A 72 -2.58 -0.34 -13.65
C ARG A 72 -1.42 -0.85 -12.80
N ILE A 73 -1.27 -2.17 -12.67
CA ILE A 73 -0.16 -2.82 -11.97
C ILE A 73 0.23 -4.13 -12.68
N ASP A 74 1.45 -4.15 -13.24
CA ASP A 74 1.94 -5.20 -14.15
C ASP A 74 0.94 -5.52 -15.29
N THR A 75 0.42 -6.75 -15.37
CA THR A 75 -0.58 -7.20 -16.36
C THR A 75 -2.03 -6.94 -15.92
N HIS A 76 -2.27 -6.42 -14.71
CA HIS A 76 -3.58 -6.20 -14.12
C HIS A 76 -4.02 -4.73 -14.24
N LEU A 77 -5.33 -4.53 -14.43
CA LEU A 77 -6.00 -3.24 -14.37
C LEU A 77 -7.21 -3.32 -13.42
N PHE A 78 -7.28 -2.37 -12.48
CA PHE A 78 -8.34 -2.25 -11.47
C PHE A 78 -8.97 -0.87 -11.50
N ASP A 79 -10.23 -0.76 -11.06
CA ASP A 79 -10.93 0.53 -11.03
C ASP A 79 -10.31 1.53 -10.03
N ASN A 80 -9.83 1.03 -8.90
CA ASN A 80 -9.31 1.82 -7.78
C ASN A 80 -8.31 1.00 -6.92
N LEU A 81 -7.64 1.67 -5.97
CA LEU A 81 -6.65 1.06 -5.10
C LEU A 81 -7.23 -0.04 -4.19
N ASP A 82 -8.42 0.17 -3.61
CA ASP A 82 -9.05 -0.81 -2.72
C ASP A 82 -9.38 -2.13 -3.44
N ALA A 83 -9.79 -2.06 -4.72
CA ALA A 83 -9.98 -3.24 -5.58
C ALA A 83 -8.67 -4.00 -5.83
N ALA A 84 -7.55 -3.30 -6.03
CA ALA A 84 -6.23 -3.91 -6.20
C ALA A 84 -5.76 -4.62 -4.92
N ILE A 85 -5.87 -3.96 -3.76
CA ILE A 85 -5.57 -4.56 -2.44
C ILE A 85 -6.42 -5.82 -2.21
N THR A 86 -7.73 -5.74 -2.44
CA THR A 86 -8.69 -6.85 -2.30
C THR A 86 -8.36 -8.02 -3.22
N PHE A 87 -8.00 -7.76 -4.49
CA PHE A 87 -7.55 -8.81 -5.40
C PHE A 87 -6.31 -9.53 -4.87
N TYR A 88 -5.33 -8.78 -4.36
CA TYR A 88 -4.12 -9.35 -3.75
C TYR A 88 -4.31 -9.93 -2.33
N MET A 89 -5.53 -9.88 -1.77
CA MET A 89 -5.92 -10.62 -0.57
C MET A 89 -6.56 -11.97 -0.95
N GLU A 90 -7.34 -12.00 -2.04
CA GLU A 90 -7.98 -13.21 -2.59
C GLU A 90 -6.98 -14.10 -3.35
N HIS A 91 -5.99 -13.51 -4.01
CA HIS A 91 -4.97 -14.17 -4.82
C HIS A 91 -3.55 -13.71 -4.43
N GLU A 92 -2.54 -14.55 -4.65
CA GLU A 92 -1.14 -14.20 -4.34
C GLU A 92 -0.62 -13.08 -5.25
N LEU A 93 0.17 -12.16 -4.70
CA LEU A 93 0.77 -11.02 -5.41
C LEU A 93 2.01 -11.48 -6.20
N GLU A 94 3.02 -11.96 -5.47
CA GLU A 94 4.26 -12.54 -6.01
C GLU A 94 4.76 -13.68 -5.12
N TYR A 95 5.11 -13.38 -3.87
CA TYR A 95 5.60 -14.35 -2.87
C TYR A 95 4.47 -14.93 -2.01
N SER A 96 3.44 -14.12 -1.69
CA SER A 96 2.24 -14.50 -0.96
C SER A 96 1.08 -13.50 -1.21
N SER A 97 -0.04 -13.67 -0.52
CA SER A 97 -1.17 -12.72 -0.48
C SER A 97 -0.98 -11.67 0.62
N LEU A 98 -1.61 -10.50 0.47
CA LEU A 98 -1.72 -9.47 1.51
C LEU A 98 -2.50 -9.99 2.73
N LYS A 99 -2.06 -9.63 3.96
CA LYS A 99 -2.74 -10.04 5.21
C LYS A 99 -3.28 -8.88 6.04
N GLN A 100 -2.49 -7.83 6.27
CA GLN A 100 -2.87 -6.72 7.17
C GLN A 100 -2.24 -5.36 6.81
N PRO A 101 -2.97 -4.24 6.99
CA PRO A 101 -2.42 -2.89 6.79
C PRO A 101 -1.46 -2.51 7.92
N LEU A 102 -0.37 -1.82 7.59
CA LEU A 102 0.53 -1.20 8.56
C LEU A 102 -0.20 -0.16 9.43
N GLN A 103 0.12 -0.12 10.72
CA GLN A 103 -0.45 0.81 11.70
C GLN A 103 0.43 2.07 11.87
N ARG A 104 -0.20 3.22 12.15
CA ARG A 104 0.43 4.54 12.34
C ARG A 104 -0.20 5.34 13.48
N GLY A 1 -19.70 22.99 33.57
CA GLY A 1 -18.40 22.48 33.09
C GLY A 1 -18.52 21.06 32.54
N SER A 2 -17.57 20.66 31.69
CA SER A 2 -17.50 19.33 31.06
C SER A 2 -16.05 18.88 30.80
N SER A 3 -15.87 17.65 30.31
CA SER A 3 -14.59 17.09 29.88
C SER A 3 -14.08 17.61 28.52
N GLY A 4 -14.86 18.46 27.83
CA GLY A 4 -14.54 18.98 26.49
C GLY A 4 -14.69 17.96 25.37
N SER A 5 -14.17 18.30 24.18
CA SER A 5 -14.19 17.47 22.96
C SER A 5 -12.96 17.73 22.07
N SER A 6 -12.65 16.79 21.18
CA SER A 6 -11.52 16.87 20.23
C SER A 6 -11.81 16.11 18.92
N GLY A 7 -11.08 16.44 17.85
CA GLY A 7 -11.18 15.82 16.53
C GLY A 7 -10.52 14.43 16.42
N MET A 8 -10.51 13.88 15.20
CA MET A 8 -9.95 12.57 14.86
C MET A 8 -9.17 12.60 13.53
N ALA A 9 -8.27 11.63 13.33
CA ALA A 9 -7.35 11.52 12.18
C ALA A 9 -7.67 10.35 11.23
N GLU A 10 -8.91 9.83 11.26
CA GLU A 10 -9.33 8.59 10.59
C GLU A 10 -9.70 8.76 9.10
N ALA A 11 -9.04 9.70 8.41
CA ALA A 11 -9.18 9.94 6.97
C ALA A 11 -8.38 8.91 6.12
N ALA A 12 -8.82 8.72 4.87
CA ALA A 12 -8.29 7.75 3.89
C ALA A 12 -8.31 6.27 4.38
N ALA A 13 -7.81 5.36 3.53
CA ALA A 13 -7.70 3.93 3.84
C ALA A 13 -6.60 3.65 4.90
N PRO A 14 -6.74 2.62 5.75
CA PRO A 14 -5.81 2.36 6.85
C PRO A 14 -4.39 1.97 6.39
N TRP A 15 -4.27 1.44 5.16
CA TRP A 15 -3.00 1.11 4.51
C TRP A 15 -2.33 2.29 3.79
N TYR A 16 -2.96 3.46 3.66
CA TYR A 16 -2.38 4.61 2.95
C TYR A 16 -1.56 5.51 3.90
N HIS A 17 -0.32 5.83 3.49
CA HIS A 17 0.65 6.63 4.28
C HIS A 17 1.15 7.90 3.55
N GLY A 18 0.55 8.27 2.41
CA GLY A 18 0.91 9.50 1.68
C GLY A 18 2.34 9.46 1.10
N PRO A 19 3.10 10.58 1.10
CA PRO A 19 4.44 10.66 0.51
C PRO A 19 5.54 10.03 1.39
N LEU A 20 5.36 8.76 1.76
CA LEU A 20 6.33 7.96 2.50
C LEU A 20 7.50 7.54 1.58
N SER A 21 8.74 7.63 2.06
CA SER A 21 9.94 7.18 1.35
C SER A 21 10.17 5.67 1.50
N ARG A 22 10.96 5.07 0.60
CA ARG A 22 11.34 3.65 0.67
C ARG A 22 11.91 3.26 2.03
N THR A 23 12.92 3.97 2.51
CA THR A 23 13.62 3.64 3.76
C THR A 23 12.69 3.60 4.97
N ASP A 24 11.68 4.47 5.04
CA ASP A 24 10.65 4.48 6.08
C ASP A 24 9.68 3.29 5.94
N ALA A 25 9.24 2.97 4.73
CA ALA A 25 8.41 1.79 4.45
C ALA A 25 9.15 0.49 4.77
N GLU A 26 10.42 0.37 4.39
CA GLU A 26 11.27 -0.80 4.62
C GLU A 26 11.57 -1.03 6.09
N ASN A 27 11.91 0.03 6.87
CA ASN A 27 12.12 -0.12 8.32
C ASN A 27 10.82 -0.50 9.06
N SER A 28 9.66 0.00 8.60
CA SER A 28 8.35 -0.37 9.16
C SER A 28 8.01 -1.83 8.90
N LEU A 29 8.11 -2.29 7.64
CA LEU A 29 7.73 -3.64 7.24
C LEU A 29 8.76 -4.72 7.63
N LEU A 30 10.03 -4.37 7.84
CA LEU A 30 11.05 -5.28 8.40
C LEU A 30 10.83 -5.54 9.90
N ARG A 31 10.23 -4.58 10.63
CA ARG A 31 9.82 -4.74 12.04
C ARG A 31 8.52 -5.53 12.19
N MET A 32 7.60 -5.39 11.22
CA MET A 32 6.32 -6.11 11.14
C MET A 32 6.48 -7.57 10.66
N PRO A 33 5.48 -8.45 10.89
CA PRO A 33 5.47 -9.81 10.35
C PRO A 33 5.20 -9.86 8.85
N GLU A 34 5.48 -11.00 8.23
CA GLU A 34 5.21 -11.30 6.81
C GLU A 34 3.74 -11.09 6.45
N GLY A 35 3.49 -10.40 5.34
CA GLY A 35 2.16 -10.09 4.81
C GLY A 35 1.57 -8.75 5.25
N THR A 36 2.33 -7.95 6.01
CA THR A 36 2.00 -6.57 6.33
C THR A 36 2.27 -5.68 5.11
N PHE A 37 1.33 -4.81 4.73
CA PHE A 37 1.45 -3.97 3.54
C PHE A 37 1.06 -2.50 3.78
N LEU A 38 1.51 -1.63 2.88
CA LEU A 38 1.15 -0.21 2.83
C LEU A 38 1.12 0.31 1.39
N VAL A 39 0.45 1.44 1.17
CA VAL A 39 0.45 2.19 -0.08
C VAL A 39 0.92 3.62 0.17
N ARG A 40 1.76 4.13 -0.73
CA ARG A 40 2.39 5.46 -0.66
C ARG A 40 2.41 6.14 -2.03
N ASP A 41 2.46 7.48 -2.04
CA ASP A 41 2.71 8.26 -3.26
C ASP A 41 4.13 7.95 -3.81
N SER A 42 4.24 7.74 -5.12
CA SER A 42 5.46 7.20 -5.74
C SER A 42 6.65 8.15 -5.67
N THR A 43 7.77 7.61 -5.17
CA THR A 43 9.09 8.25 -5.17
C THR A 43 9.77 8.23 -6.55
N SER A 44 9.24 7.49 -7.53
CA SER A 44 9.71 7.47 -8.92
C SER A 44 9.00 8.50 -9.81
N SER A 45 7.67 8.62 -9.68
CA SER A 45 6.82 9.40 -10.61
C SER A 45 5.64 10.08 -9.88
N PRO A 46 5.55 11.42 -9.85
CA PRO A 46 4.42 12.14 -9.25
C PRO A 46 3.07 11.75 -9.86
N GLY A 47 2.05 11.58 -9.00
CA GLY A 47 0.68 11.18 -9.40
C GLY A 47 0.46 9.66 -9.52
N ASP A 48 1.51 8.85 -9.45
CA ASP A 48 1.43 7.38 -9.34
C ASP A 48 1.63 6.94 -7.87
N TYR A 49 1.30 5.69 -7.56
CA TYR A 49 1.41 5.11 -6.21
C TYR A 49 2.31 3.86 -6.19
N VAL A 50 2.68 3.40 -4.99
CA VAL A 50 3.48 2.19 -4.77
C VAL A 50 2.89 1.38 -3.61
N LEU A 51 2.69 0.08 -3.83
CA LEU A 51 2.34 -0.92 -2.83
C LEU A 51 3.64 -1.52 -2.29
N SER A 52 3.84 -1.50 -0.98
CA SER A 52 4.99 -2.14 -0.31
C SER A 52 4.49 -3.27 0.59
N CYS A 53 5.17 -4.42 0.63
CA CYS A 53 4.75 -5.61 1.38
C CYS A 53 5.93 -6.39 1.98
N SER A 54 5.80 -6.87 3.22
CA SER A 54 6.80 -7.68 3.90
C SER A 54 6.73 -9.14 3.42
N GLU A 55 7.64 -9.50 2.53
CA GLU A 55 7.68 -10.85 1.93
C GLU A 55 9.10 -11.42 1.79
N ASN A 56 9.22 -12.76 1.76
CA ASN A 56 10.45 -13.50 1.49
C ASN A 56 11.63 -13.15 2.44
N GLY A 57 11.30 -12.77 3.68
CA GLY A 57 12.29 -12.34 4.70
C GLY A 57 12.90 -10.95 4.46
N LYS A 58 12.32 -10.18 3.54
CA LYS A 58 12.71 -8.82 3.12
C LYS A 58 11.46 -7.92 2.99
N VAL A 59 11.61 -6.75 2.37
CA VAL A 59 10.50 -5.87 1.97
C VAL A 59 10.52 -5.68 0.46
N THR A 60 9.33 -5.71 -0.15
CA THR A 60 9.10 -5.68 -1.59
C THR A 60 8.22 -4.49 -2.00
N HIS A 61 8.34 -4.03 -3.24
CA HIS A 61 7.65 -2.84 -3.76
C HIS A 61 7.09 -3.08 -5.18
N TYR A 62 5.89 -2.56 -5.44
CA TYR A 62 5.12 -2.78 -6.68
C TYR A 62 4.40 -1.48 -7.10
N LYS A 63 4.55 -1.03 -8.35
CA LYS A 63 3.93 0.22 -8.83
C LYS A 63 2.44 0.07 -9.10
N LEU A 64 1.66 1.01 -8.56
CA LEU A 64 0.24 1.25 -8.81
C LEU A 64 0.13 2.47 -9.73
N SER A 65 0.14 2.19 -11.02
CA SER A 65 0.22 3.19 -12.11
C SER A 65 -1.16 3.74 -12.48
N ALA A 66 -1.28 5.05 -12.68
CA ALA A 66 -2.52 5.67 -13.16
C ALA A 66 -2.66 5.54 -14.69
N GLU A 67 -3.81 5.04 -15.16
CA GLU A 67 -4.14 4.86 -16.57
C GLU A 67 -5.63 5.19 -16.82
N GLU A 68 -5.92 6.30 -17.52
CA GLU A 68 -7.28 6.76 -17.84
C GLU A 68 -8.23 6.85 -16.62
N GLY A 69 -7.67 7.15 -15.45
CA GLY A 69 -8.34 7.24 -14.15
C GLY A 69 -8.48 5.90 -13.39
N LYS A 70 -8.02 4.79 -13.98
CA LYS A 70 -7.94 3.45 -13.38
C LYS A 70 -6.52 3.14 -12.86
N ILE A 71 -6.40 2.07 -12.07
CA ILE A 71 -5.16 1.60 -11.44
C ILE A 71 -4.62 0.37 -12.16
N ARG A 72 -3.43 0.48 -12.75
CA ARG A 72 -2.66 -0.62 -13.35
C ARG A 72 -1.58 -1.10 -12.37
N ILE A 73 -1.37 -2.42 -12.28
CA ILE A 73 -0.29 -3.02 -11.48
C ILE A 73 0.12 -4.39 -12.05
N ASP A 74 1.43 -4.57 -12.26
CA ASP A 74 2.08 -5.71 -12.94
C ASP A 74 1.59 -5.97 -14.37
N THR A 75 0.39 -6.57 -14.50
CA THR A 75 -0.33 -6.83 -15.77
C THR A 75 -1.85 -6.61 -15.65
N HIS A 76 -2.34 -6.32 -14.44
CA HIS A 76 -3.75 -6.20 -14.09
C HIS A 76 -4.20 -4.73 -14.11
N LEU A 77 -5.51 -4.51 -14.26
CA LEU A 77 -6.17 -3.21 -14.25
C LEU A 77 -7.42 -3.24 -13.36
N PHE A 78 -7.58 -2.22 -12.51
CA PHE A 78 -8.65 -2.10 -11.51
C PHE A 78 -9.27 -0.70 -11.50
N ASP A 79 -10.51 -0.58 -11.01
CA ASP A 79 -11.21 0.70 -10.90
C ASP A 79 -10.53 1.68 -9.91
N ASN A 80 -9.98 1.16 -8.82
CA ASN A 80 -9.42 1.91 -7.69
C ASN A 80 -8.38 1.10 -6.90
N LEU A 81 -7.71 1.75 -5.94
CA LEU A 81 -6.68 1.15 -5.10
C LEU A 81 -7.22 0.01 -4.21
N ASP A 82 -8.39 0.18 -3.59
CA ASP A 82 -8.97 -0.81 -2.68
C ASP A 82 -9.31 -2.13 -3.42
N ALA A 83 -9.74 -2.05 -4.68
CA ALA A 83 -9.96 -3.20 -5.55
C ALA A 83 -8.64 -3.94 -5.88
N ALA A 84 -7.54 -3.21 -6.09
CA ALA A 84 -6.22 -3.81 -6.32
C ALA A 84 -5.67 -4.52 -5.06
N ILE A 85 -5.83 -3.91 -3.88
CA ILE A 85 -5.51 -4.52 -2.58
C ILE A 85 -6.32 -5.82 -2.38
N THR A 86 -7.64 -5.73 -2.57
CA THR A 86 -8.59 -6.86 -2.41
C THR A 86 -8.27 -8.01 -3.37
N PHE A 87 -7.93 -7.74 -4.63
CA PHE A 87 -7.48 -8.77 -5.58
C PHE A 87 -6.24 -9.51 -5.05
N TYR A 88 -5.26 -8.79 -4.50
CA TYR A 88 -4.07 -9.40 -3.89
C TYR A 88 -4.28 -9.97 -2.47
N MET A 89 -5.51 -9.93 -1.94
CA MET A 89 -5.92 -10.68 -0.74
C MET A 89 -6.56 -12.02 -1.15
N GLU A 90 -7.29 -12.05 -2.26
CA GLU A 90 -7.89 -13.27 -2.83
C GLU A 90 -6.87 -14.13 -3.62
N HIS A 91 -5.84 -13.50 -4.20
CA HIS A 91 -4.80 -14.14 -5.02
C HIS A 91 -3.39 -13.71 -4.59
N GLU A 92 -2.39 -14.55 -4.80
CA GLU A 92 -0.99 -14.24 -4.46
C GLU A 92 -0.43 -13.12 -5.36
N LEU A 93 0.36 -12.21 -4.77
CA LEU A 93 0.97 -11.07 -5.47
C LEU A 93 2.24 -11.50 -6.21
N GLU A 94 3.22 -11.98 -5.45
CA GLU A 94 4.49 -12.52 -5.94
C GLU A 94 4.91 -13.74 -5.09
N TYR A 95 5.31 -13.50 -3.84
CA TYR A 95 5.71 -14.54 -2.88
C TYR A 95 4.54 -15.07 -2.03
N SER A 96 3.55 -14.20 -1.74
CA SER A 96 2.33 -14.54 -0.98
C SER A 96 1.20 -13.54 -1.27
N SER A 97 0.05 -13.70 -0.63
CA SER A 97 -1.08 -12.75 -0.61
C SER A 97 -0.91 -11.68 0.49
N LEU A 98 -1.56 -10.53 0.33
CA LEU A 98 -1.68 -9.49 1.35
C LEU A 98 -2.46 -10.03 2.58
N LYS A 99 -2.01 -9.70 3.81
CA LYS A 99 -2.65 -10.16 5.07
C LYS A 99 -3.27 -9.02 5.87
N GLN A 100 -2.51 -7.94 6.12
CA GLN A 100 -2.93 -6.84 7.00
C GLN A 100 -2.30 -5.49 6.63
N PRO A 101 -2.99 -4.36 6.84
CA PRO A 101 -2.41 -3.03 6.69
C PRO A 101 -1.39 -2.74 7.79
N LEU A 102 -0.37 -1.93 7.51
CA LEU A 102 0.54 -1.38 8.52
C LEU A 102 -0.27 -0.60 9.58
N GLN A 103 -0.04 -0.88 10.85
CA GLN A 103 -0.84 -0.36 11.96
C GLN A 103 -0.56 1.13 12.23
N ARG A 104 -1.60 1.88 12.61
CA ARG A 104 -1.60 3.34 12.83
C ARG A 104 -1.54 3.70 14.31
N GLY A 1 4.47 13.02 31.73
CA GLY A 1 4.48 11.54 31.60
C GLY A 1 5.11 11.08 30.30
N SER A 2 5.26 9.76 30.13
CA SER A 2 5.88 9.12 28.95
C SER A 2 4.90 8.84 27.79
N SER A 3 3.60 9.04 27.99
CA SER A 3 2.54 8.88 26.99
C SER A 3 2.53 10.00 25.91
N GLY A 4 1.85 9.73 24.79
CA GLY A 4 1.71 10.67 23.66
C GLY A 4 0.58 10.28 22.69
N SER A 5 0.34 11.14 21.69
CA SER A 5 -0.78 11.00 20.74
C SER A 5 -0.64 9.80 19.79
N SER A 6 -1.78 9.19 19.45
CA SER A 6 -1.89 8.09 18.47
C SER A 6 -3.18 8.14 17.64
N GLY A 7 -4.30 8.56 18.24
CA GLY A 7 -5.63 8.69 17.59
C GLY A 7 -5.83 9.95 16.74
N MET A 8 -4.78 10.74 16.49
CA MET A 8 -4.85 12.02 15.75
C MET A 8 -4.95 11.87 14.22
N ALA A 9 -4.74 10.67 13.67
CA ALA A 9 -4.92 10.37 12.26
C ALA A 9 -6.41 10.42 11.83
N GLU A 10 -6.68 10.88 10.60
CA GLU A 10 -8.03 11.09 10.06
C GLU A 10 -8.04 10.91 8.52
N ALA A 11 -9.15 10.36 8.01
CA ALA A 11 -9.42 10.09 6.59
C ALA A 11 -8.42 9.12 5.90
N ALA A 12 -8.64 8.88 4.59
CA ALA A 12 -7.97 7.88 3.75
C ALA A 12 -8.12 6.41 4.22
N ALA A 13 -7.63 5.47 3.41
CA ALA A 13 -7.61 4.04 3.73
C ALA A 13 -6.58 3.71 4.84
N PRO A 14 -6.79 2.67 5.67
CA PRO A 14 -5.91 2.34 6.79
C PRO A 14 -4.50 1.90 6.35
N TRP A 15 -4.35 1.43 5.12
CA TRP A 15 -3.08 1.06 4.48
C TRP A 15 -2.37 2.23 3.78
N TYR A 16 -2.96 3.42 3.67
CA TYR A 16 -2.36 4.56 2.97
C TYR A 16 -1.49 5.44 3.90
N HIS A 17 -0.27 5.76 3.46
CA HIS A 17 0.74 6.52 4.23
C HIS A 17 1.27 7.79 3.53
N GLY A 18 0.66 8.22 2.42
CA GLY A 18 1.01 9.48 1.75
C GLY A 18 2.40 9.46 1.09
N PRO A 19 3.14 10.59 1.07
CA PRO A 19 4.49 10.73 0.46
C PRO A 19 5.65 9.95 1.15
N LEU A 20 5.39 8.74 1.64
CA LEU A 20 6.39 7.86 2.26
C LEU A 20 7.44 7.41 1.22
N SER A 21 8.71 7.33 1.61
CA SER A 21 9.81 6.81 0.78
C SER A 21 10.06 5.32 1.01
N ARG A 22 10.90 4.69 0.17
CA ARG A 22 11.32 3.29 0.32
C ARG A 22 11.90 3.01 1.70
N THR A 23 12.90 3.78 2.13
CA THR A 23 13.65 3.52 3.37
C THR A 23 12.73 3.51 4.60
N ASP A 24 11.72 4.38 4.63
CA ASP A 24 10.71 4.44 5.69
C ASP A 24 9.76 3.22 5.66
N ALA A 25 9.30 2.83 4.46
CA ALA A 25 8.49 1.63 4.27
C ALA A 25 9.25 0.34 4.63
N GLU A 26 10.51 0.23 4.23
CA GLU A 26 11.40 -0.92 4.49
C GLU A 26 11.68 -1.07 5.99
N ASN A 27 12.01 0.00 6.71
CA ASN A 27 12.21 -0.07 8.17
C ASN A 27 10.92 -0.41 8.93
N SER A 28 9.75 0.04 8.44
CA SER A 28 8.45 -0.28 9.04
C SER A 28 8.08 -1.76 8.84
N LEU A 29 8.19 -2.26 7.61
CA LEU A 29 7.78 -3.64 7.26
C LEU A 29 8.80 -4.71 7.67
N LEU A 30 10.08 -4.38 7.84
CA LEU A 30 11.09 -5.30 8.38
C LEU A 30 10.88 -5.54 9.89
N ARG A 31 10.27 -4.59 10.61
CA ARG A 31 9.86 -4.72 12.02
C ARG A 31 8.55 -5.52 12.17
N MET A 32 7.64 -5.40 11.20
CA MET A 32 6.35 -6.12 11.14
C MET A 32 6.50 -7.58 10.66
N PRO A 33 5.50 -8.44 10.91
CA PRO A 33 5.46 -9.81 10.39
C PRO A 33 5.18 -9.86 8.88
N GLU A 34 5.47 -11.01 8.26
CA GLU A 34 5.17 -11.31 6.86
C GLU A 34 3.69 -11.11 6.52
N GLY A 35 3.40 -10.42 5.41
CA GLY A 35 2.06 -10.12 4.92
C GLY A 35 1.50 -8.76 5.35
N THR A 36 2.29 -7.97 6.08
CA THR A 36 1.99 -6.57 6.37
C THR A 36 2.25 -5.71 5.13
N PHE A 37 1.33 -4.81 4.78
CA PHE A 37 1.47 -3.97 3.58
C PHE A 37 1.07 -2.51 3.81
N LEU A 38 1.50 -1.64 2.90
CA LEU A 38 1.15 -0.22 2.84
C LEU A 38 1.12 0.29 1.40
N VAL A 39 0.42 1.40 1.16
CA VAL A 39 0.42 2.15 -0.10
C VAL A 39 0.88 3.58 0.14
N ARG A 40 1.70 4.10 -0.78
CA ARG A 40 2.33 5.43 -0.70
C ARG A 40 2.32 6.14 -2.06
N ASP A 41 2.37 7.47 -2.06
CA ASP A 41 2.62 8.26 -3.28
C ASP A 41 4.02 7.92 -3.82
N SER A 42 4.12 7.70 -5.13
CA SER A 42 5.31 7.11 -5.76
C SER A 42 6.56 7.98 -5.69
N THR A 43 7.69 7.33 -5.39
CA THR A 43 9.05 7.88 -5.47
C THR A 43 9.56 8.03 -6.91
N SER A 44 8.84 7.49 -7.91
CA SER A 44 9.12 7.78 -9.34
C SER A 44 8.55 9.14 -9.76
N SER A 45 7.25 9.36 -9.55
CA SER A 45 6.50 10.55 -9.95
C SER A 45 5.27 10.78 -9.05
N PRO A 46 4.91 12.03 -8.70
CA PRO A 46 3.71 12.32 -7.91
C PRO A 46 2.42 11.99 -8.68
N GLY A 47 1.38 11.53 -7.96
CA GLY A 47 0.09 11.13 -8.52
C GLY A 47 -0.01 9.64 -8.91
N ASP A 48 1.14 8.97 -9.06
CA ASP A 48 1.23 7.50 -9.16
C ASP A 48 1.46 6.93 -7.75
N TYR A 49 1.21 5.63 -7.54
CA TYR A 49 1.31 5.01 -6.20
C TYR A 49 2.20 3.77 -6.20
N VAL A 50 2.59 3.31 -5.00
CA VAL A 50 3.41 2.11 -4.78
C VAL A 50 2.84 1.31 -3.62
N LEU A 51 2.65 0.00 -3.82
CA LEU A 51 2.32 -0.99 -2.80
C LEU A 51 3.62 -1.59 -2.27
N SER A 52 3.85 -1.54 -0.96
CA SER A 52 5.01 -2.15 -0.31
C SER A 52 4.57 -3.25 0.65
N CYS A 53 5.23 -4.40 0.64
CA CYS A 53 4.82 -5.61 1.38
C CYS A 53 6.01 -6.32 2.07
N SER A 54 5.82 -6.84 3.29
CA SER A 54 6.78 -7.67 3.99
C SER A 54 6.68 -9.12 3.51
N GLU A 55 7.61 -9.52 2.64
CA GLU A 55 7.63 -10.85 2.02
C GLU A 55 9.04 -11.46 1.91
N ASN A 56 9.13 -12.79 1.92
CA ASN A 56 10.35 -13.56 1.64
C ASN A 56 11.55 -13.19 2.55
N GLY A 57 11.26 -12.78 3.80
CA GLY A 57 12.26 -12.34 4.78
C GLY A 57 12.87 -10.95 4.50
N LYS A 58 12.28 -10.19 3.58
CA LYS A 58 12.69 -8.85 3.12
C LYS A 58 11.46 -7.94 2.98
N VAL A 59 11.63 -6.78 2.33
CA VAL A 59 10.53 -5.88 1.94
C VAL A 59 10.59 -5.64 0.43
N THR A 60 9.42 -5.70 -0.23
CA THR A 60 9.26 -5.57 -1.69
C THR A 60 8.32 -4.41 -2.04
N HIS A 61 8.42 -3.91 -3.28
CA HIS A 61 7.66 -2.75 -3.78
C HIS A 61 7.08 -3.04 -5.18
N TYR A 62 5.85 -2.58 -5.42
CA TYR A 62 5.08 -2.82 -6.65
C TYR A 62 4.36 -1.54 -7.10
N LYS A 63 4.55 -1.12 -8.37
CA LYS A 63 3.97 0.13 -8.90
C LYS A 63 2.46 -0.01 -9.15
N LEU A 64 1.70 0.94 -8.61
CA LEU A 64 0.28 1.18 -8.87
C LEU A 64 0.18 2.44 -9.75
N SER A 65 0.40 2.23 -11.05
CA SER A 65 0.47 3.29 -12.06
C SER A 65 -0.91 3.77 -12.48
N ALA A 66 -1.08 5.08 -12.71
CA ALA A 66 -2.31 5.65 -13.23
C ALA A 66 -2.44 5.45 -14.76
N GLU A 67 -3.57 4.92 -15.21
CA GLU A 67 -3.88 4.67 -16.63
C GLU A 67 -5.36 5.00 -16.90
N GLU A 68 -5.64 6.05 -17.67
CA GLU A 68 -7.00 6.54 -17.99
C GLU A 68 -7.88 6.80 -16.75
N GLY A 69 -7.25 7.19 -15.64
CA GLY A 69 -7.88 7.41 -14.31
C GLY A 69 -8.11 6.15 -13.48
N LYS A 70 -7.69 4.98 -13.97
CA LYS A 70 -7.72 3.66 -13.30
C LYS A 70 -6.31 3.19 -12.91
N ILE A 71 -6.20 2.07 -12.19
CA ILE A 71 -4.96 1.57 -11.59
C ILE A 71 -4.41 0.37 -12.38
N ARG A 72 -3.19 0.48 -12.90
CA ARG A 72 -2.40 -0.59 -13.52
C ARG A 72 -1.28 -1.03 -12.58
N ILE A 73 -1.18 -2.34 -12.32
CA ILE A 73 -0.11 -2.96 -11.51
C ILE A 73 0.33 -4.27 -12.17
N ASP A 74 1.61 -4.37 -12.50
CA ASP A 74 2.17 -5.42 -13.36
C ASP A 74 1.37 -5.50 -14.69
N THR A 75 0.66 -6.60 -14.97
CA THR A 75 -0.28 -6.71 -16.11
C THR A 75 -1.73 -6.37 -15.75
N HIS A 76 -2.10 -6.37 -14.47
CA HIS A 76 -3.48 -6.25 -13.99
C HIS A 76 -3.96 -4.79 -14.01
N LEU A 77 -5.18 -4.58 -14.50
CA LEU A 77 -5.91 -3.32 -14.41
C LEU A 77 -7.08 -3.44 -13.41
N PHE A 78 -7.21 -2.46 -12.52
CA PHE A 78 -8.27 -2.33 -11.52
C PHE A 78 -8.88 -0.93 -11.56
N ASP A 79 -10.15 -0.80 -11.13
CA ASP A 79 -10.83 0.49 -11.13
C ASP A 79 -10.21 1.51 -10.15
N ASN A 80 -9.74 1.03 -9.00
CA ASN A 80 -9.23 1.83 -7.89
C ASN A 80 -8.25 1.02 -7.01
N LEU A 81 -7.60 1.71 -6.07
CA LEU A 81 -6.62 1.11 -5.16
C LEU A 81 -7.22 0.01 -4.25
N ASP A 82 -8.42 0.22 -3.70
CA ASP A 82 -9.07 -0.75 -2.81
C ASP A 82 -9.41 -2.07 -3.53
N ALA A 83 -9.79 -2.00 -4.81
CA ALA A 83 -9.98 -3.18 -5.66
C ALA A 83 -8.66 -3.96 -5.91
N ALA A 84 -7.54 -3.27 -6.10
CA ALA A 84 -6.23 -3.89 -6.25
C ALA A 84 -5.76 -4.59 -4.96
N ILE A 85 -5.90 -3.94 -3.80
CA ILE A 85 -5.65 -4.53 -2.48
C ILE A 85 -6.53 -5.77 -2.26
N THR A 86 -7.82 -5.67 -2.52
CA THR A 86 -8.81 -6.76 -2.38
C THR A 86 -8.48 -7.95 -3.29
N PHE A 87 -8.04 -7.72 -4.53
CA PHE A 87 -7.58 -8.79 -5.40
C PHE A 87 -6.38 -9.53 -4.81
N TYR A 88 -5.38 -8.80 -4.29
CA TYR A 88 -4.21 -9.40 -3.65
C TYR A 88 -4.45 -9.93 -2.22
N MET A 89 -5.64 -9.74 -1.64
CA MET A 89 -6.08 -10.42 -0.41
C MET A 89 -6.59 -11.84 -0.77
N GLU A 90 -7.29 -11.97 -1.90
CA GLU A 90 -7.87 -13.23 -2.39
C GLU A 90 -6.87 -14.11 -3.18
N HIS A 91 -5.89 -13.48 -3.84
CA HIS A 91 -4.89 -14.12 -4.71
C HIS A 91 -3.46 -13.70 -4.33
N GLU A 92 -2.47 -14.53 -4.65
CA GLU A 92 -1.06 -14.21 -4.40
C GLU A 92 -0.55 -13.09 -5.33
N LEU A 93 0.25 -12.17 -4.78
CA LEU A 93 0.83 -11.02 -5.51
C LEU A 93 2.07 -11.47 -6.29
N GLU A 94 3.07 -11.96 -5.56
CA GLU A 94 4.31 -12.55 -6.11
C GLU A 94 4.81 -13.69 -5.20
N TYR A 95 5.16 -13.36 -3.94
CA TYR A 95 5.65 -14.32 -2.94
C TYR A 95 4.51 -14.89 -2.06
N SER A 96 3.49 -14.08 -1.75
CA SER A 96 2.29 -14.46 -0.99
C SER A 96 1.13 -13.48 -1.27
N SER A 97 -0.01 -13.67 -0.61
CA SER A 97 -1.14 -12.72 -0.56
C SER A 97 -1.02 -11.72 0.60
N LEU A 98 -1.75 -10.60 0.52
CA LEU A 98 -1.86 -9.60 1.58
C LEU A 98 -2.55 -10.17 2.83
N LYS A 99 -2.14 -9.72 4.04
CA LYS A 99 -2.75 -10.13 5.32
C LYS A 99 -3.32 -8.97 6.13
N GLN A 100 -2.56 -7.89 6.31
CA GLN A 100 -2.94 -6.76 7.17
C GLN A 100 -2.30 -5.41 6.76
N PRO A 101 -3.00 -4.28 6.95
CA PRO A 101 -2.41 -2.95 6.77
C PRO A 101 -1.39 -2.65 7.88
N LEU A 102 -0.34 -1.88 7.56
CA LEU A 102 0.59 -1.33 8.55
C LEU A 102 -0.18 -0.47 9.58
N GLN A 103 0.14 -0.68 10.86
CA GLN A 103 -0.51 0.01 11.99
C GLN A 103 0.11 1.40 12.24
N ARG A 104 -0.70 2.33 12.80
CA ARG A 104 -0.34 3.73 13.08
C ARG A 104 -0.26 4.03 14.58
N GLY A 1 -25.35 25.05 19.34
CA GLY A 1 -24.19 24.89 18.43
C GLY A 1 -23.47 23.57 18.66
N SER A 2 -22.26 23.44 18.09
CA SER A 2 -21.40 22.26 18.19
C SER A 2 -19.90 22.63 18.15
N SER A 3 -19.02 21.63 18.32
CA SER A 3 -17.55 21.78 18.21
C SER A 3 -17.04 21.96 16.77
N GLY A 4 -17.92 21.91 15.76
CA GLY A 4 -17.56 21.96 14.33
C GLY A 4 -16.94 20.66 13.79
N SER A 5 -17.06 19.56 14.53
CA SER A 5 -16.49 18.23 14.23
C SER A 5 -17.37 17.10 14.77
N SER A 6 -17.16 15.87 14.29
CA SER A 6 -17.87 14.65 14.73
C SER A 6 -17.01 13.38 14.61
N GLY A 7 -17.47 12.29 15.22
CA GLY A 7 -16.85 10.96 15.13
C GLY A 7 -17.02 10.26 13.76
N MET A 8 -17.69 10.90 12.78
CA MET A 8 -17.89 10.35 11.43
C MET A 8 -16.63 10.42 10.54
N ALA A 9 -15.67 11.29 10.87
CA ALA A 9 -14.41 11.43 10.15
C ALA A 9 -13.39 10.33 10.52
N GLU A 10 -12.71 9.76 9.52
CA GLU A 10 -11.76 8.64 9.67
C GLU A 10 -10.47 8.83 8.82
N ALA A 11 -10.35 9.94 8.08
CA ALA A 11 -9.28 10.21 7.10
C ALA A 11 -9.11 9.09 6.04
N ALA A 12 -7.91 8.94 5.48
CA ALA A 12 -7.59 7.92 4.46
C ALA A 12 -7.64 6.48 4.99
N ALA A 13 -7.62 5.51 4.08
CA ALA A 13 -7.56 4.06 4.39
C ALA A 13 -6.33 3.72 5.27
N PRO A 14 -6.41 2.72 6.16
CA PRO A 14 -5.38 2.46 7.18
C PRO A 14 -4.02 2.04 6.59
N TRP A 15 -4.01 1.46 5.39
CA TRP A 15 -2.80 1.11 4.63
C TRP A 15 -2.13 2.30 3.92
N TYR A 16 -2.75 3.48 3.85
CA TYR A 16 -2.22 4.62 3.09
C TYR A 16 -1.35 5.56 3.96
N HIS A 17 -0.14 5.88 3.50
CA HIS A 17 0.86 6.68 4.23
C HIS A 17 1.28 7.97 3.50
N GLY A 18 0.72 8.28 2.33
CA GLY A 18 1.04 9.51 1.59
C GLY A 18 2.50 9.54 1.09
N PRO A 19 3.25 10.65 1.26
CA PRO A 19 4.60 10.83 0.71
C PRO A 19 5.70 10.10 1.51
N LEU A 20 5.50 8.81 1.80
CA LEU A 20 6.50 7.92 2.41
C LEU A 20 7.59 7.54 1.37
N SER A 21 8.80 7.25 1.83
CA SER A 21 9.92 6.75 1.01
C SER A 21 10.15 5.24 1.18
N ARG A 22 10.87 4.60 0.25
CA ARG A 22 11.19 3.15 0.33
C ARG A 22 11.89 2.79 1.64
N THR A 23 12.89 3.57 2.06
CA THR A 23 13.66 3.31 3.29
C THR A 23 12.78 3.27 4.55
N ASP A 24 11.77 4.14 4.63
CA ASP A 24 10.80 4.17 5.73
C ASP A 24 9.84 2.97 5.66
N ALA A 25 9.37 2.61 4.46
CA ALA A 25 8.54 1.42 4.25
C ALA A 25 9.29 0.12 4.59
N GLU A 26 10.55 0.01 4.20
CA GLU A 26 11.43 -1.13 4.51
C GLU A 26 11.64 -1.29 6.02
N ASN A 27 12.00 -0.23 6.73
CA ASN A 27 12.21 -0.28 8.19
C ASN A 27 10.91 -0.58 8.95
N SER A 28 9.76 -0.18 8.42
CA SER A 28 8.44 -0.47 9.03
C SER A 28 8.02 -1.94 8.82
N LEU A 29 8.13 -2.47 7.60
CA LEU A 29 7.68 -3.82 7.26
C LEU A 29 8.68 -4.93 7.65
N LEU A 30 9.99 -4.64 7.74
CA LEU A 30 10.99 -5.59 8.24
C LEU A 30 10.78 -5.92 9.73
N ARG A 31 10.14 -5.03 10.48
CA ARG A 31 9.71 -5.24 11.88
C ARG A 31 8.41 -6.05 11.99
N MET A 32 7.61 -6.10 10.92
CA MET A 32 6.28 -6.73 10.88
C MET A 32 6.29 -8.16 10.28
N PRO A 33 5.26 -8.98 10.53
CA PRO A 33 5.13 -10.31 9.93
C PRO A 33 4.77 -10.24 8.44
N GLU A 34 5.01 -11.33 7.70
CA GLU A 34 4.71 -11.46 6.27
C GLU A 34 3.23 -11.23 5.94
N GLY A 35 2.96 -10.45 4.90
CA GLY A 35 1.62 -10.02 4.50
C GLY A 35 1.17 -8.67 5.09
N THR A 36 2.03 -7.99 5.85
CA THR A 36 1.82 -6.60 6.27
C THR A 36 2.14 -5.66 5.10
N PHE A 37 1.23 -4.76 4.75
CA PHE A 37 1.40 -3.89 3.58
C PHE A 37 1.04 -2.42 3.82
N LEU A 38 1.53 -1.56 2.92
CA LEU A 38 1.22 -0.15 2.87
C LEU A 38 1.17 0.36 1.43
N VAL A 39 0.54 1.52 1.22
CA VAL A 39 0.54 2.26 -0.05
C VAL A 39 1.05 3.68 0.20
N ARG A 40 1.86 4.18 -0.74
CA ARG A 40 2.46 5.52 -0.69
C ARG A 40 2.42 6.21 -2.06
N ASP A 41 2.56 7.53 -2.09
CA ASP A 41 2.78 8.32 -3.31
C ASP A 41 4.13 7.95 -3.95
N SER A 42 4.15 7.74 -5.27
CA SER A 42 5.31 7.17 -5.96
C SER A 42 6.48 8.14 -6.13
N THR A 43 7.69 7.65 -5.84
CA THR A 43 8.94 8.44 -5.84
C THR A 43 9.21 9.04 -7.22
N SER A 44 9.21 10.38 -7.30
CA SER A 44 9.40 11.16 -8.53
C SER A 44 8.44 10.81 -9.69
N SER A 45 7.26 10.27 -9.37
CA SER A 45 6.24 9.82 -10.34
C SER A 45 4.83 10.28 -9.88
N PRO A 46 4.55 11.59 -9.90
CA PRO A 46 3.35 12.17 -9.29
C PRO A 46 2.05 11.66 -9.96
N GLY A 47 1.04 11.38 -9.14
CA GLY A 47 -0.23 10.77 -9.56
C GLY A 47 -0.20 9.22 -9.62
N ASP A 48 0.97 8.59 -9.55
CA ASP A 48 1.13 7.14 -9.37
C ASP A 48 1.37 6.80 -7.88
N TYR A 49 1.09 5.56 -7.50
CA TYR A 49 1.29 5.04 -6.15
C TYR A 49 2.20 3.83 -6.13
N VAL A 50 2.61 3.37 -4.94
CA VAL A 50 3.44 2.17 -4.75
C VAL A 50 2.87 1.34 -3.62
N LEU A 51 2.61 0.06 -3.87
CA LEU A 51 2.27 -0.96 -2.89
C LEU A 51 3.58 -1.55 -2.36
N SER A 52 3.79 -1.49 -1.04
CA SER A 52 4.92 -2.14 -0.38
C SER A 52 4.41 -3.24 0.56
N CYS A 53 5.05 -4.41 0.56
CA CYS A 53 4.59 -5.58 1.33
C CYS A 53 5.76 -6.34 1.98
N SER A 54 5.56 -6.88 3.19
CA SER A 54 6.51 -7.78 3.82
C SER A 54 6.36 -9.17 3.20
N GLU A 55 7.40 -9.62 2.50
CA GLU A 55 7.42 -10.88 1.75
C GLU A 55 8.76 -11.60 1.85
N ASN A 56 8.75 -12.93 2.05
CA ASN A 56 9.92 -13.82 2.02
C ASN A 56 11.07 -13.36 2.94
N GLY A 57 10.74 -12.82 4.12
CA GLY A 57 11.69 -12.31 5.10
C GLY A 57 12.37 -10.97 4.72
N LYS A 58 11.91 -10.32 3.64
CA LYS A 58 12.35 -9.01 3.14
C LYS A 58 11.13 -8.09 2.87
N VAL A 59 11.36 -6.95 2.22
CA VAL A 59 10.31 -5.99 1.82
C VAL A 59 10.35 -5.77 0.31
N THR A 60 9.17 -5.80 -0.31
CA THR A 60 8.95 -5.65 -1.75
C THR A 60 8.19 -4.36 -2.08
N HIS A 61 8.29 -3.88 -3.33
CA HIS A 61 7.65 -2.66 -3.81
C HIS A 61 7.11 -2.85 -5.24
N TYR A 62 5.89 -2.35 -5.52
CA TYR A 62 5.18 -2.51 -6.79
C TYR A 62 4.45 -1.23 -7.20
N LYS A 63 4.66 -0.73 -8.43
CA LYS A 63 3.94 0.47 -8.91
C LYS A 63 2.45 0.19 -9.16
N LEU A 64 1.63 1.11 -8.69
CA LEU A 64 0.19 1.26 -8.95
C LEU A 64 0.06 2.50 -9.86
N SER A 65 0.30 2.27 -11.15
CA SER A 65 0.38 3.31 -12.17
C SER A 65 -1.01 3.80 -12.60
N ALA A 66 -1.18 5.10 -12.81
CA ALA A 66 -2.41 5.69 -13.31
C ALA A 66 -2.56 5.48 -14.83
N GLU A 67 -3.69 4.93 -15.27
CA GLU A 67 -4.02 4.65 -16.66
C GLU A 67 -5.50 5.00 -16.93
N GLU A 68 -5.75 6.10 -17.65
CA GLU A 68 -7.11 6.66 -17.91
C GLU A 68 -7.94 6.88 -16.62
N GLY A 69 -7.27 7.18 -15.50
CA GLY A 69 -7.85 7.36 -14.17
C GLY A 69 -8.06 6.07 -13.36
N LYS A 70 -7.73 4.90 -13.93
CA LYS A 70 -7.75 3.58 -13.29
C LYS A 70 -6.33 3.12 -12.91
N ILE A 71 -6.21 2.01 -12.19
CA ILE A 71 -4.96 1.54 -11.56
C ILE A 71 -4.39 0.31 -12.28
N ARG A 72 -3.18 0.43 -12.84
CA ARG A 72 -2.40 -0.66 -13.46
C ARG A 72 -1.25 -1.09 -12.53
N ILE A 73 -1.14 -2.38 -12.24
CA ILE A 73 -0.06 -2.96 -11.42
C ILE A 73 0.42 -4.29 -12.03
N ASP A 74 1.74 -4.40 -12.23
CA ASP A 74 2.41 -5.46 -13.02
C ASP A 74 1.86 -5.57 -14.45
N THR A 75 0.76 -6.28 -14.63
CA THR A 75 -0.04 -6.38 -15.88
C THR A 75 -1.55 -6.25 -15.63
N HIS A 76 -2.02 -6.32 -14.38
CA HIS A 76 -3.42 -6.27 -13.99
C HIS A 76 -3.94 -4.84 -13.95
N LEU A 77 -5.14 -4.62 -14.47
CA LEU A 77 -5.88 -3.36 -14.38
C LEU A 77 -7.06 -3.49 -13.39
N PHE A 78 -7.19 -2.50 -12.51
CA PHE A 78 -8.25 -2.38 -11.50
C PHE A 78 -8.89 -1.00 -11.53
N ASP A 79 -10.14 -0.89 -11.11
CA ASP A 79 -10.88 0.37 -11.13
C ASP A 79 -10.30 1.44 -10.18
N ASN A 80 -9.80 1.00 -9.02
CA ASN A 80 -9.33 1.84 -7.93
C ASN A 80 -8.31 1.10 -7.04
N LEU A 81 -7.69 1.81 -6.10
CA LEU A 81 -6.64 1.27 -5.21
C LEU A 81 -7.15 0.09 -4.37
N ASP A 82 -8.32 0.23 -3.74
CA ASP A 82 -8.89 -0.79 -2.83
C ASP A 82 -9.22 -2.10 -3.56
N ALA A 83 -9.62 -2.03 -4.84
CA ALA A 83 -9.79 -3.21 -5.69
C ALA A 83 -8.47 -3.97 -5.94
N ALA A 84 -7.35 -3.26 -6.10
CA ALA A 84 -6.02 -3.86 -6.22
C ALA A 84 -5.56 -4.52 -4.90
N ILE A 85 -5.82 -3.88 -3.75
CA ILE A 85 -5.59 -4.49 -2.42
C ILE A 85 -6.40 -5.80 -2.30
N THR A 86 -7.70 -5.73 -2.59
CA THR A 86 -8.66 -6.85 -2.48
C THR A 86 -8.26 -8.04 -3.37
N PHE A 87 -7.78 -7.79 -4.60
CA PHE A 87 -7.27 -8.86 -5.46
C PHE A 87 -6.08 -9.60 -4.82
N TYR A 88 -5.12 -8.87 -4.24
CA TYR A 88 -3.97 -9.46 -3.56
C TYR A 88 -4.26 -9.95 -2.13
N MET A 89 -5.46 -9.73 -1.59
CA MET A 89 -5.95 -10.39 -0.37
C MET A 89 -6.45 -11.81 -0.71
N GLU A 90 -7.11 -11.96 -1.86
CA GLU A 90 -7.66 -13.24 -2.34
C GLU A 90 -6.61 -14.13 -3.04
N HIS A 91 -5.60 -13.52 -3.68
CA HIS A 91 -4.55 -14.20 -4.45
C HIS A 91 -3.14 -13.78 -3.99
N GLU A 92 -2.14 -14.64 -4.17
CA GLU A 92 -0.74 -14.31 -3.84
C GLU A 92 -0.17 -13.26 -4.81
N LEU A 93 0.62 -12.31 -4.30
CA LEU A 93 1.16 -11.18 -5.04
C LEU A 93 2.38 -11.60 -5.87
N GLU A 94 3.44 -12.04 -5.18
CA GLU A 94 4.66 -12.59 -5.79
C GLU A 94 5.24 -13.74 -4.97
N TYR A 95 5.38 -13.53 -3.65
CA TYR A 95 5.83 -14.52 -2.67
C TYR A 95 4.71 -14.92 -1.70
N SER A 96 3.81 -13.99 -1.36
CA SER A 96 2.66 -14.23 -0.48
C SER A 96 1.48 -13.27 -0.76
N SER A 97 0.36 -13.48 -0.10
CA SER A 97 -0.84 -12.62 -0.12
C SER A 97 -0.80 -11.50 0.92
N LEU A 98 -1.59 -10.45 0.70
CA LEU A 98 -1.87 -9.39 1.69
C LEU A 98 -2.69 -9.96 2.85
N LYS A 99 -2.41 -9.49 4.08
CA LYS A 99 -3.06 -10.00 5.32
C LYS A 99 -3.53 -8.87 6.25
N GLN A 100 -2.75 -7.79 6.39
CA GLN A 100 -3.10 -6.66 7.26
C GLN A 100 -2.43 -5.34 6.81
N PRO A 101 -3.09 -4.19 6.99
CA PRO A 101 -2.46 -2.89 6.80
C PRO A 101 -1.43 -2.61 7.90
N LEU A 102 -0.35 -1.89 7.58
CA LEU A 102 0.57 -1.36 8.58
C LEU A 102 -0.19 -0.45 9.56
N GLN A 103 0.01 -0.64 10.87
CA GLN A 103 -0.78 0.03 11.90
C GLN A 103 -0.37 1.50 12.09
N ARG A 104 -1.36 2.38 12.29
CA ARG A 104 -1.20 3.83 12.49
C ARG A 104 -0.86 4.24 13.92
N GLY A 1 -14.96 21.72 32.43
CA GLY A 1 -15.32 20.37 31.93
C GLY A 1 -14.23 19.35 32.25
N SER A 2 -14.20 18.24 31.51
CA SER A 2 -13.24 17.15 31.70
C SER A 2 -11.79 17.55 31.37
N SER A 3 -10.82 16.95 32.06
CA SER A 3 -9.38 17.23 31.89
C SER A 3 -8.72 16.46 30.73
N GLY A 4 -9.31 15.34 30.30
CA GLY A 4 -8.82 14.52 29.18
C GLY A 4 -9.04 15.17 27.80
N SER A 5 -8.08 14.99 26.89
CA SER A 5 -8.07 15.56 25.52
C SER A 5 -8.38 14.54 24.41
N SER A 6 -8.60 13.27 24.76
CA SER A 6 -8.82 12.16 23.82
C SER A 6 -10.10 12.29 22.98
N GLY A 7 -10.07 11.73 21.76
CA GLY A 7 -11.20 11.69 20.82
C GLY A 7 -10.93 10.83 19.59
N MET A 8 -11.97 10.52 18.82
CA MET A 8 -11.90 9.67 17.62
C MET A 8 -11.57 10.48 16.35
N ALA A 9 -10.77 9.90 15.45
CA ALA A 9 -10.41 10.45 14.15
C ALA A 9 -10.09 9.35 13.12
N GLU A 10 -10.30 9.62 11.82
CA GLU A 10 -9.98 8.75 10.70
C GLU A 10 -9.74 9.56 9.41
N ALA A 11 -8.87 9.06 8.53
CA ALA A 11 -8.55 9.63 7.22
C ALA A 11 -8.07 8.56 6.23
N ALA A 12 -8.55 8.64 4.97
CA ALA A 12 -8.23 7.72 3.86
C ALA A 12 -8.44 6.22 4.19
N ALA A 13 -7.96 5.32 3.31
CA ALA A 13 -7.89 3.89 3.58
C ALA A 13 -6.79 3.60 4.63
N PRO A 14 -6.94 2.57 5.50
CA PRO A 14 -6.03 2.34 6.62
C PRO A 14 -4.60 1.97 6.20
N TRP A 15 -4.44 1.38 5.01
CA TRP A 15 -3.16 1.04 4.39
C TRP A 15 -2.45 2.23 3.72
N TYR A 16 -3.07 3.40 3.57
CA TYR A 16 -2.45 4.56 2.95
C TYR A 16 -1.57 5.36 3.93
N HIS A 17 -0.35 5.70 3.50
CA HIS A 17 0.64 6.44 4.30
C HIS A 17 1.15 7.74 3.64
N GLY A 18 0.54 8.18 2.53
CA GLY A 18 0.91 9.44 1.86
C GLY A 18 2.32 9.42 1.22
N PRO A 19 3.04 10.55 1.17
CA PRO A 19 4.40 10.67 0.60
C PRO A 19 5.54 9.95 1.37
N LEU A 20 5.31 8.73 1.85
CA LEU A 20 6.32 7.90 2.52
C LEU A 20 7.45 7.49 1.54
N SER A 21 8.69 7.49 2.01
CA SER A 21 9.87 7.04 1.24
C SER A 21 10.13 5.53 1.40
N ARG A 22 10.90 4.94 0.47
CA ARG A 22 11.31 3.53 0.54
C ARG A 22 11.91 3.14 1.88
N THR A 23 12.91 3.87 2.35
CA THR A 23 13.64 3.54 3.59
C THR A 23 12.73 3.47 4.82
N ASP A 24 11.72 4.34 4.90
CA ASP A 24 10.70 4.33 5.95
C ASP A 24 9.76 3.13 5.84
N ALA A 25 9.29 2.82 4.62
CA ALA A 25 8.46 1.65 4.34
C ALA A 25 9.21 0.33 4.64
N GLU A 26 10.49 0.23 4.26
CA GLU A 26 11.33 -0.94 4.46
C GLU A 26 11.65 -1.18 5.94
N ASN A 27 12.00 -0.15 6.71
CA ASN A 27 12.24 -0.29 8.15
C ASN A 27 10.96 -0.65 8.93
N SER A 28 9.79 -0.18 8.48
CA SER A 28 8.50 -0.54 9.07
C SER A 28 8.13 -2.00 8.79
N LEU A 29 8.19 -2.45 7.53
CA LEU A 29 7.77 -3.80 7.13
C LEU A 29 8.79 -4.89 7.48
N LEU A 30 10.08 -4.58 7.62
CA LEU A 30 11.10 -5.52 8.10
C LEU A 30 10.94 -5.85 9.60
N ARG A 31 10.36 -4.92 10.37
CA ARG A 31 9.99 -5.13 11.79
C ARG A 31 8.68 -5.93 11.94
N MET A 32 7.76 -5.75 11.00
CA MET A 32 6.45 -6.43 10.95
C MET A 32 6.52 -7.88 10.41
N PRO A 33 5.51 -8.72 10.67
CA PRO A 33 5.40 -10.06 10.09
C PRO A 33 5.08 -10.02 8.59
N GLU A 34 5.35 -11.12 7.89
CA GLU A 34 5.05 -11.31 6.45
C GLU A 34 3.55 -11.12 6.15
N GLY A 35 3.25 -10.35 5.09
CA GLY A 35 1.90 -10.02 4.66
C GLY A 35 1.37 -8.67 5.19
N THR A 36 2.19 -7.94 5.93
CA THR A 36 1.93 -6.54 6.30
C THR A 36 2.21 -5.64 5.09
N PHE A 37 1.30 -4.76 4.74
CA PHE A 37 1.44 -3.91 3.55
C PHE A 37 1.04 -2.45 3.78
N LEU A 38 1.48 -1.58 2.88
CA LEU A 38 1.15 -0.16 2.84
C LEU A 38 1.10 0.35 1.40
N VAL A 39 0.41 1.46 1.18
CA VAL A 39 0.39 2.20 -0.09
C VAL A 39 0.85 3.63 0.15
N ARG A 40 1.70 4.13 -0.73
CA ARG A 40 2.33 5.46 -0.64
C ARG A 40 2.30 6.19 -1.98
N ASP A 41 2.33 7.51 -1.95
CA ASP A 41 2.54 8.34 -3.16
C ASP A 41 3.95 8.08 -3.72
N SER A 42 4.06 7.87 -5.04
CA SER A 42 5.29 7.38 -5.65
C SER A 42 6.46 8.37 -5.59
N THR A 43 7.59 7.88 -5.10
CA THR A 43 8.90 8.55 -5.13
C THR A 43 9.63 8.40 -6.48
N SER A 44 9.09 7.58 -7.40
CA SER A 44 9.70 7.26 -8.70
C SER A 44 9.00 7.94 -9.90
N SER A 45 7.70 8.22 -9.81
CA SER A 45 6.89 8.80 -10.89
C SER A 45 5.77 9.72 -10.38
N PRO A 46 5.66 10.98 -10.82
CA PRO A 46 4.58 11.88 -10.43
C PRO A 46 3.18 11.34 -10.77
N GLY A 47 2.23 11.49 -9.84
CA GLY A 47 0.83 11.09 -10.00
C GLY A 47 0.52 9.59 -9.85
N ASP A 48 1.52 8.74 -9.65
CA ASP A 48 1.36 7.29 -9.39
C ASP A 48 1.49 6.95 -7.89
N TYR A 49 1.05 5.75 -7.51
CA TYR A 49 1.21 5.19 -6.17
C TYR A 49 2.13 3.96 -6.17
N VAL A 50 2.52 3.48 -4.98
CA VAL A 50 3.35 2.28 -4.80
C VAL A 50 2.80 1.44 -3.65
N LEU A 51 2.61 0.15 -3.88
CA LEU A 51 2.30 -0.88 -2.87
C LEU A 51 3.61 -1.44 -2.34
N SER A 52 3.82 -1.40 -1.04
CA SER A 52 4.96 -2.07 -0.38
C SER A 52 4.45 -3.18 0.54
N CYS A 53 5.09 -4.35 0.53
CA CYS A 53 4.64 -5.54 1.27
C CYS A 53 5.82 -6.29 1.91
N SER A 54 5.65 -6.84 3.12
CA SER A 54 6.62 -7.72 3.75
C SER A 54 6.48 -9.13 3.18
N GLU A 55 7.50 -9.55 2.43
CA GLU A 55 7.52 -10.84 1.70
C GLU A 55 8.84 -11.60 1.88
N ASN A 56 8.76 -12.91 2.17
CA ASN A 56 9.90 -13.84 2.25
C ASN A 56 11.03 -13.35 3.19
N GLY A 57 10.66 -12.70 4.30
CA GLY A 57 11.60 -12.14 5.28
C GLY A 57 12.30 -10.84 4.87
N LYS A 58 11.91 -10.24 3.74
CA LYS A 58 12.37 -8.94 3.22
C LYS A 58 11.17 -8.05 2.84
N VAL A 59 11.42 -6.92 2.16
CA VAL A 59 10.38 -5.97 1.72
C VAL A 59 10.41 -5.78 0.21
N THR A 60 9.23 -5.78 -0.41
CA THR A 60 9.00 -5.63 -1.85
C THR A 60 8.20 -4.36 -2.16
N HIS A 61 8.31 -3.86 -3.40
CA HIS A 61 7.63 -2.64 -3.88
C HIS A 61 7.08 -2.84 -5.30
N TYR A 62 5.85 -2.37 -5.55
CA TYR A 62 5.10 -2.53 -6.81
C TYR A 62 4.36 -1.25 -7.18
N LYS A 63 4.50 -0.75 -8.41
CA LYS A 63 3.77 0.45 -8.86
C LYS A 63 2.27 0.19 -9.02
N LEU A 64 1.49 1.16 -8.56
CA LEU A 64 0.04 1.32 -8.78
C LEU A 64 -0.11 2.56 -9.66
N SER A 65 0.09 2.37 -10.97
CA SER A 65 0.16 3.44 -11.97
C SER A 65 -1.24 3.94 -12.39
N ALA A 66 -1.38 5.23 -12.64
CA ALA A 66 -2.64 5.84 -13.07
C ALA A 66 -2.80 5.82 -14.60
N GLU A 67 -3.95 5.33 -15.08
CA GLU A 67 -4.38 5.38 -16.49
C GLU A 67 -5.83 5.86 -16.59
N GLU A 68 -6.06 7.10 -17.00
CA GLU A 68 -7.41 7.72 -17.11
C GLU A 68 -8.27 7.61 -15.84
N GLY A 69 -7.61 7.61 -14.67
CA GLY A 69 -8.21 7.47 -13.33
C GLY A 69 -8.33 6.02 -12.83
N LYS A 70 -8.08 5.01 -13.67
CA LYS A 70 -7.95 3.59 -13.29
C LYS A 70 -6.53 3.26 -12.82
N ILE A 71 -6.39 2.14 -12.11
CA ILE A 71 -5.16 1.68 -11.46
C ILE A 71 -4.58 0.45 -12.17
N ARG A 72 -3.36 0.57 -12.69
CA ARG A 72 -2.56 -0.50 -13.31
C ARG A 72 -1.48 -0.98 -12.34
N ILE A 73 -1.39 -2.29 -12.12
CA ILE A 73 -0.31 -2.93 -11.34
C ILE A 73 0.15 -4.23 -12.00
N ASP A 74 1.47 -4.38 -12.18
CA ASP A 74 2.13 -5.41 -13.00
C ASP A 74 1.64 -5.40 -14.47
N THR A 75 0.55 -6.09 -14.76
CA THR A 75 -0.19 -6.10 -16.04
C THR A 75 -1.71 -5.90 -15.86
N HIS A 76 -2.20 -5.99 -14.62
CA HIS A 76 -3.62 -5.99 -14.25
C HIS A 76 -4.16 -4.57 -14.08
N LEU A 77 -5.38 -4.33 -14.55
CA LEU A 77 -6.08 -3.04 -14.47
C LEU A 77 -7.34 -3.13 -13.59
N PHE A 78 -7.54 -2.14 -12.73
CA PHE A 78 -8.62 -2.04 -11.74
C PHE A 78 -9.26 -0.65 -11.74
N ASP A 79 -10.50 -0.55 -11.27
CA ASP A 79 -11.21 0.72 -11.13
C ASP A 79 -10.57 1.68 -10.11
N ASN A 80 -10.02 1.11 -9.02
CA ASN A 80 -9.51 1.86 -7.86
C ASN A 80 -8.45 1.06 -7.06
N LEU A 81 -7.82 1.71 -6.09
CA LEU A 81 -6.78 1.13 -5.22
C LEU A 81 -7.30 -0.03 -4.36
N ASP A 82 -8.51 0.08 -3.78
CA ASP A 82 -9.06 -0.95 -2.90
C ASP A 82 -9.34 -2.27 -3.64
N ALA A 83 -9.74 -2.21 -4.90
CA ALA A 83 -9.86 -3.38 -5.78
C ALA A 83 -8.49 -4.03 -6.09
N ALA A 84 -7.45 -3.22 -6.32
CA ALA A 84 -6.08 -3.72 -6.55
C ALA A 84 -5.47 -4.38 -5.29
N ILE A 85 -5.78 -3.87 -4.09
CA ILE A 85 -5.46 -4.52 -2.80
C ILE A 85 -6.23 -5.84 -2.67
N THR A 86 -7.54 -5.81 -2.87
CA THR A 86 -8.44 -6.98 -2.75
C THR A 86 -8.03 -8.15 -3.68
N PHE A 87 -7.56 -7.86 -4.89
CA PHE A 87 -7.00 -8.86 -5.81
C PHE A 87 -5.86 -9.68 -5.16
N TYR A 88 -4.94 -9.01 -4.46
CA TYR A 88 -3.83 -9.65 -3.73
C TYR A 88 -4.17 -10.07 -2.29
N MET A 89 -5.41 -9.86 -1.83
CA MET A 89 -5.94 -10.47 -0.60
C MET A 89 -6.46 -11.89 -0.89
N GLU A 90 -7.03 -12.10 -2.09
CA GLU A 90 -7.60 -13.38 -2.54
C GLU A 90 -6.53 -14.42 -2.89
N HIS A 91 -5.38 -14.00 -3.43
CA HIS A 91 -4.24 -14.85 -3.81
C HIS A 91 -2.89 -14.16 -3.58
N GLU A 92 -1.80 -14.95 -3.67
CA GLU A 92 -0.43 -14.48 -3.50
C GLU A 92 -0.02 -13.44 -4.57
N LEU A 93 0.82 -12.49 -4.18
CA LEU A 93 1.32 -11.39 -5.02
C LEU A 93 2.54 -11.84 -5.83
N GLU A 94 3.60 -12.23 -5.13
CA GLU A 94 4.85 -12.75 -5.72
C GLU A 94 5.42 -13.90 -4.88
N TYR A 95 5.57 -13.65 -3.57
CA TYR A 95 5.98 -14.64 -2.56
C TYR A 95 4.83 -14.98 -1.61
N SER A 96 3.99 -14.01 -1.27
CA SER A 96 2.86 -14.16 -0.33
C SER A 96 1.69 -13.22 -0.64
N SER A 97 0.55 -13.42 0.01
CA SER A 97 -0.65 -12.57 -0.10
C SER A 97 -0.64 -11.39 0.88
N LEU A 98 -1.52 -10.41 0.64
CA LEU A 98 -1.80 -9.33 1.59
C LEU A 98 -2.60 -9.89 2.78
N LYS A 99 -2.24 -9.50 4.01
CA LYS A 99 -2.85 -10.01 5.25
C LYS A 99 -3.37 -8.90 6.16
N GLN A 100 -2.62 -7.81 6.32
CA GLN A 100 -2.99 -6.69 7.18
C GLN A 100 -2.36 -5.35 6.73
N PRO A 101 -3.06 -4.21 6.89
CA PRO A 101 -2.47 -2.90 6.69
C PRO A 101 -1.46 -2.58 7.82
N LEU A 102 -0.46 -1.76 7.53
CA LEU A 102 0.45 -1.18 8.54
C LEU A 102 -0.29 -0.16 9.44
N GLN A 103 0.17 -0.03 10.69
CA GLN A 103 -0.38 0.88 11.70
C GLN A 103 0.30 2.26 11.64
N ARG A 104 -0.47 3.33 11.92
CA ARG A 104 0.00 4.73 11.95
C ARG A 104 0.48 5.15 13.35
N GLY A 1 -18.70 11.82 29.94
CA GLY A 1 -19.20 11.15 31.16
C GLY A 1 -18.08 10.38 31.84
N SER A 2 -18.30 9.07 32.09
CA SER A 2 -17.26 8.14 32.58
C SER A 2 -16.17 7.84 31.54
N SER A 3 -16.49 8.04 30.26
CA SER A 3 -15.57 8.04 29.10
C SER A 3 -15.87 9.22 28.16
N GLY A 4 -15.01 9.46 27.18
CA GLY A 4 -15.11 10.56 26.21
C GLY A 4 -13.96 10.60 25.20
N SER A 5 -13.92 11.67 24.40
CA SER A 5 -12.87 11.94 23.38
C SER A 5 -12.72 10.85 22.29
N SER A 6 -13.81 10.14 21.98
CA SER A 6 -13.89 9.08 20.95
C SER A 6 -15.13 9.24 20.06
N GLY A 7 -15.06 8.75 18.82
CA GLY A 7 -16.13 8.82 17.82
C GLY A 7 -15.74 8.19 16.48
N MET A 8 -16.61 8.35 15.47
CA MET A 8 -16.38 7.84 14.11
C MET A 8 -15.32 8.66 13.34
N ALA A 9 -14.55 8.00 12.49
CA ALA A 9 -13.48 8.60 11.68
C ALA A 9 -13.92 8.96 10.25
N GLU A 10 -13.17 9.87 9.60
CA GLU A 10 -13.43 10.36 8.22
C GLU A 10 -12.19 10.31 7.30
N ALA A 11 -11.10 9.67 7.75
CA ALA A 11 -9.83 9.58 7.03
C ALA A 11 -9.81 8.48 5.94
N ALA A 12 -8.78 8.52 5.08
CA ALA A 12 -8.50 7.48 4.07
C ALA A 12 -8.14 6.11 4.69
N ALA A 13 -8.22 5.04 3.89
CA ALA A 13 -8.01 3.65 4.31
C ALA A 13 -6.69 3.45 5.09
N PRO A 14 -6.64 2.59 6.12
CA PRO A 14 -5.51 2.52 7.07
C PRO A 14 -4.16 2.17 6.44
N TRP A 15 -4.15 1.42 5.34
CA TRP A 15 -2.94 1.07 4.58
C TRP A 15 -2.33 2.23 3.79
N TYR A 16 -3.02 3.36 3.62
CA TYR A 16 -2.45 4.53 2.93
C TYR A 16 -1.60 5.40 3.87
N HIS A 17 -0.33 5.59 3.53
CA HIS A 17 0.64 6.41 4.28
C HIS A 17 1.11 7.67 3.53
N GLY A 18 0.61 7.92 2.31
CA GLY A 18 0.89 9.13 1.54
C GLY A 18 2.38 9.32 1.19
N PRO A 19 3.01 10.47 1.46
CA PRO A 19 4.38 10.78 1.05
C PRO A 19 5.47 10.10 1.92
N LEU A 20 5.34 8.79 2.14
CA LEU A 20 6.34 7.96 2.82
C LEU A 20 7.53 7.69 1.86
N SER A 21 8.76 7.55 2.38
CA SER A 21 9.90 7.11 1.58
C SER A 21 9.98 5.58 1.48
N ARG A 22 10.75 5.06 0.51
CA ARG A 22 11.06 3.62 0.43
C ARG A 22 11.82 3.14 1.66
N THR A 23 12.77 3.94 2.15
CA THR A 23 13.55 3.68 3.37
C THR A 23 12.66 3.58 4.61
N ASP A 24 11.67 4.46 4.76
CA ASP A 24 10.70 4.42 5.86
C ASP A 24 9.74 3.22 5.74
N ALA A 25 9.32 2.87 4.52
CA ALA A 25 8.51 1.67 4.27
C ALA A 25 9.27 0.38 4.62
N GLU A 26 10.56 0.28 4.26
CA GLU A 26 11.43 -0.84 4.64
C GLU A 26 11.62 -0.94 6.15
N ASN A 27 11.91 0.18 6.83
CA ASN A 27 12.09 0.18 8.29
C ASN A 27 10.78 -0.15 9.05
N SER A 28 9.62 0.21 8.50
CA SER A 28 8.31 -0.14 9.07
C SER A 28 7.99 -1.62 8.92
N LEU A 29 8.20 -2.20 7.73
CA LEU A 29 7.82 -3.58 7.42
C LEU A 29 8.84 -4.63 7.91
N LEU A 30 10.13 -4.28 8.02
CA LEU A 30 11.15 -5.16 8.62
C LEU A 30 10.86 -5.49 10.10
N ARG A 31 10.12 -4.62 10.79
CA ARG A 31 9.67 -4.79 12.18
C ARG A 31 8.33 -5.54 12.31
N MET A 32 7.60 -5.75 11.21
CA MET A 32 6.26 -6.35 11.18
C MET A 32 6.27 -7.83 10.73
N PRO A 33 5.19 -8.60 11.01
CA PRO A 33 5.00 -9.96 10.50
C PRO A 33 4.83 -10.01 8.97
N GLU A 34 4.96 -11.19 8.39
CA GLU A 34 4.83 -11.44 6.94
C GLU A 34 3.42 -11.15 6.42
N GLY A 35 3.34 -10.54 5.23
CA GLY A 35 2.13 -10.05 4.59
C GLY A 35 1.61 -8.73 5.13
N THR A 36 2.40 -7.99 5.91
CA THR A 36 2.08 -6.61 6.30
C THR A 36 2.31 -5.68 5.12
N PHE A 37 1.36 -4.82 4.78
CA PHE A 37 1.45 -3.97 3.59
C PHE A 37 1.05 -2.50 3.83
N LEU A 38 1.52 -1.64 2.94
CA LEU A 38 1.21 -0.21 2.89
C LEU A 38 1.16 0.31 1.45
N VAL A 39 0.46 1.41 1.21
CA VAL A 39 0.42 2.13 -0.06
C VAL A 39 0.84 3.59 0.15
N ARG A 40 1.66 4.11 -0.76
CA ARG A 40 2.33 5.41 -0.65
C ARG A 40 2.50 6.09 -2.01
N ASP A 41 2.81 7.38 -2.02
CA ASP A 41 3.12 8.17 -3.22
C ASP A 41 4.38 7.63 -3.94
N SER A 42 4.36 7.60 -5.28
CA SER A 42 5.45 7.03 -6.10
C SER A 42 6.67 7.96 -6.21
N THR A 43 7.85 7.35 -6.32
CA THR A 43 9.11 8.03 -6.67
C THR A 43 9.10 8.39 -8.17
N SER A 44 9.78 9.50 -8.53
CA SER A 44 10.03 10.01 -9.89
C SER A 44 8.82 10.37 -10.78
N SER A 45 7.62 9.87 -10.51
CA SER A 45 6.41 10.02 -11.34
C SER A 45 5.19 10.43 -10.49
N PRO A 46 4.79 11.72 -10.50
CA PRO A 46 3.59 12.19 -9.80
C PRO A 46 2.30 11.51 -10.28
N GLY A 47 1.32 11.36 -9.38
CA GLY A 47 0.02 10.74 -9.64
C GLY A 47 0.01 9.20 -9.60
N ASP A 48 1.18 8.55 -9.66
CA ASP A 48 1.32 7.11 -9.41
C ASP A 48 1.48 6.82 -7.90
N TYR A 49 1.22 5.57 -7.51
CA TYR A 49 1.41 5.05 -6.16
C TYR A 49 2.32 3.82 -6.15
N VAL A 50 2.73 3.39 -4.95
CA VAL A 50 3.56 2.20 -4.71
C VAL A 50 2.98 1.40 -3.55
N LEU A 51 2.77 0.11 -3.76
CA LEU A 51 2.43 -0.89 -2.74
C LEU A 51 3.72 -1.49 -2.22
N SER A 52 3.91 -1.53 -0.91
CA SER A 52 5.05 -2.21 -0.28
C SER A 52 4.53 -3.31 0.65
N CYS A 53 5.17 -4.49 0.68
CA CYS A 53 4.77 -5.58 1.58
C CYS A 53 5.97 -6.39 2.13
N SER A 54 5.85 -6.87 3.37
CA SER A 54 6.84 -7.70 4.04
C SER A 54 6.68 -9.15 3.57
N GLU A 55 7.56 -9.59 2.69
CA GLU A 55 7.50 -10.93 2.09
C GLU A 55 8.86 -11.62 1.91
N ASN A 56 8.87 -12.95 2.00
CA ASN A 56 10.04 -13.82 1.83
C ASN A 56 11.24 -13.41 2.71
N GLY A 57 10.97 -12.98 3.95
CA GLY A 57 11.98 -12.52 4.91
C GLY A 57 12.61 -11.15 4.61
N LYS A 58 12.08 -10.41 3.64
CA LYS A 58 12.52 -9.07 3.20
C LYS A 58 11.32 -8.11 3.04
N VAL A 59 11.58 -6.91 2.53
CA VAL A 59 10.53 -5.95 2.11
C VAL A 59 10.59 -5.77 0.59
N THR A 60 9.41 -5.70 -0.04
CA THR A 60 9.23 -5.67 -1.50
C THR A 60 8.32 -4.51 -1.91
N HIS A 61 8.43 -4.04 -3.16
CA HIS A 61 7.70 -2.88 -3.70
C HIS A 61 7.11 -3.16 -5.08
N TYR A 62 5.93 -2.60 -5.38
CA TYR A 62 5.15 -2.81 -6.60
C TYR A 62 4.47 -1.51 -7.04
N LYS A 63 4.54 -1.15 -8.33
CA LYS A 63 3.94 0.07 -8.88
C LYS A 63 2.42 -0.05 -9.03
N LEU A 64 1.70 0.94 -8.51
CA LEU A 64 0.26 1.17 -8.72
C LEU A 64 0.14 2.42 -9.61
N SER A 65 0.36 2.21 -10.91
CA SER A 65 0.44 3.26 -11.92
C SER A 65 -0.93 3.78 -12.32
N ALA A 66 -1.06 5.09 -12.57
CA ALA A 66 -2.31 5.69 -13.04
C ALA A 66 -2.44 5.56 -14.57
N GLU A 67 -3.59 5.05 -15.03
CA GLU A 67 -3.91 4.82 -16.45
C GLU A 67 -5.38 5.19 -16.70
N GLU A 68 -5.63 6.28 -17.45
CA GLU A 68 -6.98 6.83 -17.73
C GLU A 68 -7.84 7.07 -16.46
N GLY A 69 -7.19 7.38 -15.34
CA GLY A 69 -7.80 7.58 -14.02
C GLY A 69 -8.05 6.30 -13.21
N LYS A 70 -7.68 5.13 -13.75
CA LYS A 70 -7.74 3.80 -13.11
C LYS A 70 -6.33 3.29 -12.74
N ILE A 71 -6.24 2.16 -12.05
CA ILE A 71 -5.00 1.63 -11.45
C ILE A 71 -4.47 0.43 -12.24
N ARG A 72 -3.24 0.54 -12.76
CA ARG A 72 -2.48 -0.55 -13.40
C ARG A 72 -1.35 -1.02 -12.48
N ILE A 73 -1.26 -2.33 -12.23
CA ILE A 73 -0.20 -2.96 -11.42
C ILE A 73 0.24 -4.28 -12.07
N ASP A 74 1.55 -4.42 -12.31
CA ASP A 74 2.17 -5.47 -13.13
C ASP A 74 1.57 -5.52 -14.55
N THR A 75 0.53 -6.34 -14.77
CA THR A 75 -0.31 -6.36 -15.99
C THR A 75 -1.79 -6.13 -15.71
N HIS A 76 -2.24 -6.20 -14.45
CA HIS A 76 -3.64 -6.13 -14.03
C HIS A 76 -4.13 -4.68 -13.96
N LEU A 77 -5.33 -4.44 -14.48
CA LEU A 77 -6.04 -3.17 -14.35
C LEU A 77 -7.22 -3.30 -13.35
N PHE A 78 -7.34 -2.32 -12.45
CA PHE A 78 -8.39 -2.19 -11.43
C PHE A 78 -8.98 -0.79 -11.43
N ASP A 79 -10.23 -0.66 -10.98
CA ASP A 79 -10.91 0.65 -10.93
C ASP A 79 -10.27 1.62 -9.93
N ASN A 80 -9.78 1.10 -8.80
CA ASN A 80 -9.25 1.88 -7.67
C ASN A 80 -8.27 1.04 -6.82
N LEU A 81 -7.60 1.71 -5.87
CA LEU A 81 -6.59 1.10 -5.00
C LEU A 81 -7.17 -0.02 -4.12
N ASP A 82 -8.35 0.16 -3.53
CA ASP A 82 -8.98 -0.83 -2.65
C ASP A 82 -9.31 -2.14 -3.38
N ALA A 83 -9.73 -2.05 -4.66
CA ALA A 83 -9.93 -3.21 -5.52
C ALA A 83 -8.62 -3.97 -5.83
N ALA A 84 -7.51 -3.26 -6.04
CA ALA A 84 -6.20 -3.87 -6.25
C ALA A 84 -5.69 -4.59 -4.99
N ILE A 85 -5.81 -3.97 -3.81
CA ILE A 85 -5.49 -4.59 -2.52
C ILE A 85 -6.33 -5.86 -2.30
N THR A 86 -7.64 -5.76 -2.51
CA THR A 86 -8.60 -6.87 -2.36
C THR A 86 -8.29 -8.03 -3.31
N PHE A 87 -7.95 -7.77 -4.57
CA PHE A 87 -7.52 -8.80 -5.50
C PHE A 87 -6.29 -9.56 -4.97
N TYR A 88 -5.29 -8.84 -4.44
CA TYR A 88 -4.11 -9.45 -3.83
C TYR A 88 -4.33 -10.00 -2.41
N MET A 89 -5.56 -9.98 -1.88
CA MET A 89 -5.97 -10.72 -0.67
C MET A 89 -6.61 -12.05 -1.07
N GLU A 90 -7.40 -12.06 -2.15
CA GLU A 90 -8.02 -13.27 -2.73
C GLU A 90 -7.02 -14.15 -3.50
N HIS A 91 -5.98 -13.54 -4.08
CA HIS A 91 -4.93 -14.17 -4.87
C HIS A 91 -3.52 -13.75 -4.39
N GLU A 92 -2.49 -14.53 -4.72
CA GLU A 92 -1.10 -14.19 -4.40
C GLU A 92 -0.57 -13.07 -5.31
N LEU A 93 0.28 -12.19 -4.77
CA LEU A 93 0.89 -11.06 -5.48
C LEU A 93 2.14 -11.53 -6.25
N GLU A 94 3.14 -12.01 -5.50
CA GLU A 94 4.39 -12.58 -6.01
C GLU A 94 4.85 -13.75 -5.13
N TYR A 95 5.22 -13.47 -3.89
CA TYR A 95 5.69 -14.47 -2.91
C TYR A 95 4.55 -15.05 -2.05
N SER A 96 3.54 -14.23 -1.74
CA SER A 96 2.30 -14.59 -1.03
C SER A 96 1.20 -13.55 -1.32
N SER A 97 0.05 -13.67 -0.66
CA SER A 97 -1.03 -12.66 -0.63
C SER A 97 -0.80 -11.59 0.45
N LEU A 98 -1.55 -10.48 0.35
CA LEU A 98 -1.65 -9.44 1.38
C LEU A 98 -2.43 -10.00 2.59
N LYS A 99 -1.92 -9.84 3.82
CA LYS A 99 -2.46 -10.49 5.02
C LYS A 99 -2.91 -9.52 6.12
N GLN A 100 -2.25 -8.37 6.31
CA GLN A 100 -2.71 -7.29 7.20
C GLN A 100 -2.20 -5.90 6.77
N PRO A 101 -2.97 -4.81 6.93
CA PRO A 101 -2.49 -3.46 6.69
C PRO A 101 -1.56 -2.99 7.82
N LEU A 102 -0.57 -2.14 7.49
CA LEU A 102 0.25 -1.44 8.49
C LEU A 102 -0.61 -0.46 9.32
N GLN A 103 -0.28 -0.32 10.61
CA GLN A 103 -0.97 0.58 11.54
C GLN A 103 -0.36 2.00 11.52
N ARG A 104 -1.20 3.02 11.73
CA ARG A 104 -0.80 4.44 11.88
C ARG A 104 -0.36 4.77 13.32
N GLY A 1 -21.45 13.02 26.00
CA GLY A 1 -21.02 12.11 27.08
C GLY A 1 -19.82 11.27 26.67
N SER A 2 -19.01 10.85 27.65
CA SER A 2 -17.79 10.05 27.43
C SER A 2 -18.08 8.68 26.79
N SER A 3 -17.18 8.21 25.92
CA SER A 3 -17.29 6.94 25.17
C SER A 3 -18.59 6.79 24.37
N GLY A 4 -19.14 7.90 23.86
CA GLY A 4 -20.41 7.95 23.11
C GLY A 4 -20.39 7.36 21.69
N SER A 5 -19.22 6.96 21.19
CA SER A 5 -19.02 6.33 19.87
C SER A 5 -17.92 5.25 19.90
N SER A 6 -17.82 4.45 18.83
CA SER A 6 -16.84 3.38 18.66
C SER A 6 -15.44 3.86 18.22
N GLY A 7 -15.14 5.16 18.34
CA GLY A 7 -13.87 5.77 17.91
C GLY A 7 -13.74 6.00 16.41
N MET A 8 -14.86 6.08 15.68
CA MET A 8 -14.91 6.31 14.24
C MET A 8 -14.38 7.71 13.85
N ALA A 9 -13.64 7.79 12.74
CA ALA A 9 -13.13 9.03 12.15
C ALA A 9 -13.20 9.00 10.61
N GLU A 10 -13.29 10.17 9.98
CA GLU A 10 -13.41 10.34 8.51
C GLU A 10 -12.02 10.36 7.81
N ALA A 11 -11.10 9.50 8.27
CA ALA A 11 -9.72 9.40 7.79
C ALA A 11 -9.58 8.63 6.45
N ALA A 12 -8.38 8.68 5.86
CA ALA A 12 -7.99 7.88 4.69
C ALA A 12 -7.91 6.36 5.00
N ALA A 13 -7.71 5.53 3.97
CA ALA A 13 -7.64 4.07 4.08
C ALA A 13 -6.63 3.59 5.16
N PRO A 14 -6.88 2.44 5.82
CA PRO A 14 -6.05 1.96 6.93
C PRO A 14 -4.62 1.58 6.49
N TRP A 15 -4.42 1.30 5.19
CA TRP A 15 -3.13 0.97 4.58
C TRP A 15 -2.42 2.17 3.91
N TYR A 16 -3.02 3.35 3.84
CA TYR A 16 -2.44 4.50 3.14
C TYR A 16 -1.57 5.38 4.06
N HIS A 17 -0.36 5.71 3.61
CA HIS A 17 0.67 6.48 4.35
C HIS A 17 1.06 7.82 3.69
N GLY A 18 0.50 8.15 2.51
CA GLY A 18 0.84 9.39 1.80
C GLY A 18 2.29 9.41 1.27
N PRO A 19 2.95 10.58 1.23
CA PRO A 19 4.35 10.75 0.77
C PRO A 19 5.44 10.12 1.66
N LEU A 20 5.31 8.84 2.01
CA LEU A 20 6.34 8.06 2.71
C LEU A 20 7.53 7.79 1.76
N SER A 21 8.75 7.67 2.29
CA SER A 21 9.94 7.23 1.54
C SER A 21 10.10 5.70 1.61
N ARG A 22 10.79 5.10 0.62
CA ARG A 22 11.12 3.65 0.63
C ARG A 22 11.81 3.22 1.92
N THR A 23 12.83 3.96 2.35
CA THR A 23 13.59 3.66 3.57
C THR A 23 12.71 3.56 4.82
N ASP A 24 11.68 4.42 4.93
CA ASP A 24 10.70 4.40 6.02
C ASP A 24 9.71 3.23 5.89
N ALA A 25 9.28 2.89 4.68
CA ALA A 25 8.47 1.70 4.41
C ALA A 25 9.22 0.40 4.75
N GLU A 26 10.50 0.30 4.36
CA GLU A 26 11.37 -0.85 4.64
C GLU A 26 11.65 -1.01 6.13
N ASN A 27 12.01 0.06 6.84
CA ASN A 27 12.25 0.02 8.29
C ASN A 27 10.96 -0.20 9.11
N SER A 28 9.77 -0.07 8.51
CA SER A 28 8.51 -0.46 9.14
C SER A 28 8.20 -1.94 8.92
N LEU A 29 8.19 -2.40 7.66
CA LEU A 29 7.81 -3.77 7.29
C LEU A 29 8.85 -4.83 7.67
N LEU A 30 10.14 -4.49 7.77
CA LEU A 30 11.19 -5.41 8.20
C LEU A 30 11.02 -5.87 9.67
N ARG A 31 10.34 -5.05 10.50
CA ARG A 31 9.97 -5.38 11.89
C ARG A 31 8.59 -6.05 12.02
N MET A 32 7.77 -6.03 10.97
CA MET A 32 6.44 -6.65 10.91
C MET A 32 6.48 -8.09 10.35
N PRO A 33 5.45 -8.92 10.62
CA PRO A 33 5.32 -10.25 10.03
C PRO A 33 5.00 -10.19 8.53
N GLU A 34 5.24 -11.30 7.81
CA GLU A 34 4.94 -11.44 6.38
C GLU A 34 3.47 -11.18 6.05
N GLY A 35 3.23 -10.46 4.95
CA GLY A 35 1.90 -10.05 4.50
C GLY A 35 1.40 -8.72 5.08
N THR A 36 2.22 -8.02 5.86
CA THR A 36 1.96 -6.63 6.27
C THR A 36 2.24 -5.70 5.08
N PHE A 37 1.31 -4.81 4.74
CA PHE A 37 1.43 -3.96 3.56
C PHE A 37 1.03 -2.50 3.80
N LEU A 38 1.50 -1.63 2.91
CA LEU A 38 1.17 -0.20 2.89
C LEU A 38 1.12 0.34 1.45
N VAL A 39 0.39 1.42 1.25
CA VAL A 39 0.36 2.19 -0.01
C VAL A 39 0.79 3.63 0.25
N ARG A 40 1.61 4.16 -0.65
CA ARG A 40 2.26 5.47 -0.54
C ARG A 40 2.33 6.18 -1.89
N ASP A 41 2.46 7.50 -1.87
CA ASP A 41 2.69 8.31 -3.08
C ASP A 41 4.09 8.03 -3.66
N SER A 42 4.19 7.88 -4.99
CA SER A 42 5.40 7.39 -5.65
C SER A 42 6.54 8.42 -5.68
N THR A 43 7.73 7.96 -5.28
CA THR A 43 9.01 8.66 -5.43
C THR A 43 9.67 8.43 -6.79
N SER A 44 9.13 7.51 -7.61
CA SER A 44 9.68 7.12 -8.92
C SER A 44 8.99 7.80 -10.10
N SER A 45 7.68 8.09 -10.00
CA SER A 45 6.88 8.72 -11.07
C SER A 45 5.78 9.66 -10.52
N PRO A 46 5.54 10.83 -11.13
CA PRO A 46 4.56 11.80 -10.63
C PRO A 46 3.11 11.31 -10.83
N GLY A 47 2.27 11.53 -9.81
CA GLY A 47 0.84 11.18 -9.82
C GLY A 47 0.51 9.69 -9.68
N ASP A 48 1.51 8.82 -9.49
CA ASP A 48 1.37 7.37 -9.26
C ASP A 48 1.58 7.00 -7.78
N TYR A 49 1.24 5.76 -7.42
CA TYR A 49 1.39 5.21 -6.07
C TYR A 49 2.29 3.96 -6.06
N VAL A 50 2.67 3.48 -4.87
CA VAL A 50 3.48 2.28 -4.66
C VAL A 50 2.89 1.44 -3.52
N LEU A 51 2.69 0.15 -3.77
CA LEU A 51 2.34 -0.87 -2.79
C LEU A 51 3.65 -1.47 -2.26
N SER A 52 3.88 -1.42 -0.95
CA SER A 52 5.03 -2.05 -0.30
C SER A 52 4.56 -3.16 0.64
N CYS A 53 5.21 -4.32 0.61
CA CYS A 53 4.78 -5.53 1.33
C CYS A 53 5.95 -6.25 2.02
N SER A 54 5.74 -6.81 3.20
CA SER A 54 6.68 -7.70 3.85
C SER A 54 6.53 -9.09 3.23
N GLU A 55 7.57 -9.55 2.54
CA GLU A 55 7.58 -10.83 1.81
C GLU A 55 8.95 -11.53 1.90
N ASN A 56 8.97 -12.86 2.04
CA ASN A 56 10.17 -13.70 1.94
C ASN A 56 11.31 -13.29 2.91
N GLY A 57 10.95 -12.76 4.09
CA GLY A 57 11.89 -12.26 5.10
C GLY A 57 12.56 -10.91 4.76
N LYS A 58 12.08 -10.23 3.71
CA LYS A 58 12.53 -8.94 3.19
C LYS A 58 11.34 -8.02 2.91
N VAL A 59 11.56 -6.88 2.24
CA VAL A 59 10.51 -5.93 1.83
C VAL A 59 10.53 -5.72 0.32
N THR A 60 9.35 -5.75 -0.28
CA THR A 60 9.09 -5.62 -1.73
C THR A 60 8.28 -4.36 -2.05
N HIS A 61 8.38 -3.87 -3.29
CA HIS A 61 7.71 -2.65 -3.76
C HIS A 61 7.15 -2.85 -5.19
N TYR A 62 5.92 -2.36 -5.43
CA TYR A 62 5.18 -2.55 -6.68
C TYR A 62 4.44 -1.26 -7.08
N LYS A 63 4.58 -0.82 -8.34
CA LYS A 63 3.97 0.44 -8.82
C LYS A 63 2.46 0.27 -9.08
N LEU A 64 1.68 1.15 -8.46
CA LEU A 64 0.24 1.35 -8.72
C LEU A 64 0.12 2.59 -9.61
N SER A 65 0.12 2.35 -10.92
CA SER A 65 0.16 3.38 -11.97
C SER A 65 -1.24 3.85 -12.36
N ALA A 66 -1.40 5.13 -12.69
CA ALA A 66 -2.66 5.68 -13.21
C ALA A 66 -2.68 5.67 -14.76
N GLU A 67 -3.66 4.98 -15.35
CA GLU A 67 -3.96 5.02 -16.79
C GLU A 67 -5.48 5.09 -17.03
N GLU A 68 -5.94 5.95 -17.94
CA GLU A 68 -7.35 6.19 -18.27
C GLU A 68 -8.27 6.45 -17.05
N GLY A 69 -7.70 7.04 -16.00
CA GLY A 69 -8.37 7.34 -14.73
C GLY A 69 -8.55 6.13 -13.79
N LYS A 70 -7.92 4.99 -14.11
CA LYS A 70 -8.00 3.71 -13.37
C LYS A 70 -6.61 3.22 -12.92
N ILE A 71 -6.58 2.28 -11.98
CA ILE A 71 -5.37 1.78 -11.33
C ILE A 71 -4.83 0.55 -12.07
N ARG A 72 -3.61 0.67 -12.59
CA ARG A 72 -2.81 -0.42 -13.16
C ARG A 72 -1.74 -0.87 -12.16
N ILE A 73 -1.41 -2.15 -12.19
CA ILE A 73 -0.25 -2.72 -11.49
C ILE A 73 0.29 -3.93 -12.28
N ASP A 74 1.53 -3.82 -12.75
CA ASP A 74 2.17 -4.72 -13.73
C ASP A 74 1.32 -4.91 -15.01
N THR A 75 0.59 -6.03 -15.14
CA THR A 75 -0.33 -6.33 -16.25
C THR A 75 -1.80 -6.37 -15.84
N HIS A 76 -2.11 -6.11 -14.56
CA HIS A 76 -3.47 -6.06 -14.00
C HIS A 76 -4.02 -4.64 -14.04
N LEU A 77 -5.34 -4.52 -14.17
CA LEU A 77 -6.09 -3.25 -14.17
C LEU A 77 -7.33 -3.36 -13.26
N PHE A 78 -7.55 -2.32 -12.46
CA PHE A 78 -8.59 -2.21 -11.44
C PHE A 78 -9.21 -0.81 -11.43
N ASP A 79 -10.45 -0.69 -10.95
CA ASP A 79 -11.14 0.61 -10.91
C ASP A 79 -10.50 1.60 -9.93
N ASN A 80 -9.97 1.12 -8.80
CA ASN A 80 -9.45 1.91 -7.69
C ASN A 80 -8.43 1.11 -6.85
N LEU A 81 -7.77 1.80 -5.90
CA LEU A 81 -6.75 1.20 -5.04
C LEU A 81 -7.28 0.06 -4.16
N ASP A 82 -8.47 0.23 -3.57
CA ASP A 82 -9.08 -0.78 -2.68
C ASP A 82 -9.38 -2.10 -3.42
N ALA A 83 -9.79 -2.02 -4.70
CA ALA A 83 -9.96 -3.20 -5.57
C ALA A 83 -8.62 -3.90 -5.88
N ALA A 84 -7.54 -3.15 -6.09
CA ALA A 84 -6.20 -3.71 -6.31
C ALA A 84 -5.65 -4.41 -5.05
N ILE A 85 -5.85 -3.83 -3.86
CA ILE A 85 -5.55 -4.47 -2.57
C ILE A 85 -6.37 -5.76 -2.40
N THR A 86 -7.68 -5.69 -2.62
CA THR A 86 -8.62 -6.82 -2.49
C THR A 86 -8.25 -7.98 -3.43
N PHE A 87 -7.80 -7.72 -4.65
CA PHE A 87 -7.29 -8.76 -5.55
C PHE A 87 -6.11 -9.53 -4.94
N TYR A 88 -5.14 -8.82 -4.35
CA TYR A 88 -4.00 -9.44 -3.67
C TYR A 88 -4.31 -9.98 -2.25
N MET A 89 -5.52 -9.77 -1.73
CA MET A 89 -6.00 -10.47 -0.52
C MET A 89 -6.49 -11.89 -0.91
N GLU A 90 -7.13 -12.02 -2.09
CA GLU A 90 -7.66 -13.28 -2.62
C GLU A 90 -6.59 -14.13 -3.35
N HIS A 91 -5.59 -13.49 -3.96
CA HIS A 91 -4.53 -14.12 -4.75
C HIS A 91 -3.12 -13.72 -4.27
N GLU A 92 -2.12 -14.58 -4.46
CA GLU A 92 -0.73 -14.27 -4.11
C GLU A 92 -0.13 -13.17 -5.01
N LEU A 93 0.63 -12.25 -4.43
CA LEU A 93 1.22 -11.10 -5.11
C LEU A 93 2.47 -11.52 -5.91
N GLU A 94 3.49 -11.98 -5.19
CA GLU A 94 4.74 -12.53 -5.77
C GLU A 94 5.27 -13.70 -4.93
N TYR A 95 5.40 -13.50 -3.62
CA TYR A 95 5.84 -14.51 -2.64
C TYR A 95 4.69 -14.94 -1.72
N SER A 96 3.76 -14.03 -1.41
CA SER A 96 2.55 -14.29 -0.60
C SER A 96 1.39 -13.34 -0.94
N SER A 97 0.20 -13.63 -0.43
CA SER A 97 -0.97 -12.72 -0.45
C SER A 97 -0.91 -11.70 0.70
N LEU A 98 -1.65 -10.60 0.56
CA LEU A 98 -1.84 -9.60 1.62
C LEU A 98 -2.53 -10.21 2.85
N LYS A 99 -2.12 -9.78 4.05
CA LYS A 99 -2.66 -10.27 5.34
C LYS A 99 -3.22 -9.14 6.21
N GLN A 100 -2.51 -8.01 6.33
CA GLN A 100 -2.91 -6.90 7.19
C GLN A 100 -2.32 -5.54 6.75
N PRO A 101 -3.04 -4.41 6.95
CA PRO A 101 -2.50 -3.08 6.73
C PRO A 101 -1.51 -2.67 7.84
N LEU A 102 -0.46 -1.91 7.50
CA LEU A 102 0.41 -1.26 8.48
C LEU A 102 -0.37 -0.14 9.19
N GLN A 103 -0.18 0.04 10.50
CA GLN A 103 -0.85 1.09 11.26
C GLN A 103 -0.29 2.51 10.95
N ARG A 104 -1.19 3.50 10.87
CA ARG A 104 -0.89 4.94 10.79
C ARG A 104 -1.80 5.75 11.71
N GLY A 1 -15.88 30.14 22.44
CA GLY A 1 -14.90 29.23 21.81
C GLY A 1 -15.55 28.32 20.78
N SER A 2 -14.88 27.21 20.45
CA SER A 2 -15.37 26.17 19.51
C SER A 2 -14.87 24.77 19.91
N SER A 3 -15.58 23.73 19.46
CA SER A 3 -15.35 22.32 19.84
C SER A 3 -15.51 21.36 18.65
N GLY A 4 -14.83 20.21 18.70
CA GLY A 4 -14.97 19.12 17.73
C GLY A 4 -14.29 19.35 16.37
N SER A 5 -13.42 20.35 16.25
CA SER A 5 -12.82 20.82 14.98
C SER A 5 -12.00 19.76 14.22
N SER A 6 -11.48 18.75 14.92
CA SER A 6 -10.72 17.62 14.36
C SER A 6 -11.56 16.38 14.02
N GLY A 7 -12.87 16.39 14.30
CA GLY A 7 -13.77 15.25 14.13
C GLY A 7 -13.80 14.70 12.70
N MET A 8 -13.44 13.41 12.54
CA MET A 8 -13.28 12.68 11.28
C MET A 8 -12.46 13.37 10.17
N ALA A 9 -11.57 14.30 10.53
CA ALA A 9 -10.77 15.08 9.58
C ALA A 9 -9.63 14.24 8.95
N GLU A 10 -9.29 14.57 7.69
CA GLU A 10 -8.17 13.98 6.92
C GLU A 10 -8.19 12.43 6.84
N ALA A 11 -9.38 11.84 6.77
CA ALA A 11 -9.58 10.38 6.72
C ALA A 11 -9.12 9.75 5.38
N ALA A 12 -8.53 8.57 5.45
CA ALA A 12 -8.07 7.76 4.32
C ALA A 12 -8.05 6.25 4.67
N ALA A 13 -7.99 5.36 3.67
CA ALA A 13 -7.88 3.91 3.86
C ALA A 13 -6.72 3.53 4.80
N PRO A 14 -6.85 2.50 5.67
CA PRO A 14 -5.90 2.23 6.75
C PRO A 14 -4.48 1.89 6.28
N TRP A 15 -4.33 1.32 5.08
CA TRP A 15 -3.06 0.98 4.44
C TRP A 15 -2.36 2.17 3.75
N TYR A 16 -2.98 3.34 3.64
CA TYR A 16 -2.39 4.51 2.98
C TYR A 16 -1.50 5.33 3.93
N HIS A 17 -0.30 5.68 3.48
CA HIS A 17 0.70 6.48 4.20
C HIS A 17 1.12 7.77 3.46
N GLY A 18 0.56 8.06 2.29
CA GLY A 18 0.87 9.28 1.53
C GLY A 18 2.33 9.35 1.06
N PRO A 19 3.01 10.51 1.18
CA PRO A 19 4.38 10.71 0.70
C PRO A 19 5.45 10.10 1.63
N LEU A 20 5.36 8.79 1.87
CA LEU A 20 6.37 8.01 2.57
C LEU A 20 7.57 7.75 1.64
N SER A 21 8.79 7.66 2.19
CA SER A 21 9.99 7.24 1.45
C SER A 21 10.19 5.72 1.54
N ARG A 22 10.91 5.14 0.58
CA ARG A 22 11.26 3.70 0.59
C ARG A 22 11.92 3.26 1.88
N THR A 23 12.94 3.99 2.33
CA THR A 23 13.68 3.64 3.56
C THR A 23 12.78 3.56 4.80
N ASP A 24 11.77 4.42 4.91
CA ASP A 24 10.76 4.39 5.97
C ASP A 24 9.80 3.20 5.83
N ALA A 25 9.34 2.91 4.61
CA ALA A 25 8.53 1.73 4.31
C ALA A 25 9.27 0.42 4.62
N GLU A 26 10.55 0.33 4.24
CA GLU A 26 11.40 -0.85 4.45
C GLU A 26 11.72 -1.07 5.93
N ASN A 27 12.05 -0.03 6.70
CA ASN A 27 12.27 -0.17 8.14
C ASN A 27 10.99 -0.56 8.89
N SER A 28 9.83 -0.06 8.45
CA SER A 28 8.53 -0.43 9.04
C SER A 28 8.18 -1.89 8.78
N LEU A 29 8.23 -2.34 7.52
CA LEU A 29 7.85 -3.70 7.14
C LEU A 29 8.89 -4.77 7.52
N LEU A 30 10.16 -4.41 7.71
CA LEU A 30 11.18 -5.32 8.26
C LEU A 30 10.99 -5.57 9.76
N ARG A 31 10.41 -4.61 10.50
CA ARG A 31 10.03 -4.75 11.92
C ARG A 31 8.71 -5.53 12.08
N MET A 32 7.79 -5.39 11.14
CA MET A 32 6.50 -6.09 11.10
C MET A 32 6.62 -7.55 10.62
N PRO A 33 5.62 -8.41 10.90
CA PRO A 33 5.57 -9.78 10.38
C PRO A 33 5.27 -9.84 8.88
N GLU A 34 5.54 -11.00 8.26
CA GLU A 34 5.23 -11.30 6.86
C GLU A 34 3.75 -11.09 6.53
N GLY A 35 3.48 -10.40 5.43
CA GLY A 35 2.12 -10.10 4.93
C GLY A 35 1.57 -8.74 5.36
N THR A 36 2.36 -7.95 6.09
CA THR A 36 2.05 -6.54 6.38
C THR A 36 2.31 -5.69 5.13
N PHE A 37 1.38 -4.80 4.77
CA PHE A 37 1.49 -3.98 3.57
C PHE A 37 1.11 -2.51 3.78
N LEU A 38 1.55 -1.65 2.86
CA LEU A 38 1.22 -0.22 2.80
C LEU A 38 1.14 0.27 1.37
N VAL A 39 0.42 1.39 1.15
CA VAL A 39 0.40 2.13 -0.11
C VAL A 39 0.85 3.57 0.12
N ARG A 40 1.67 4.08 -0.79
CA ARG A 40 2.33 5.39 -0.71
C ARG A 40 2.40 6.07 -2.08
N ASP A 41 2.60 7.38 -2.12
CA ASP A 41 2.91 8.15 -3.34
C ASP A 41 4.24 7.70 -3.96
N SER A 42 4.30 7.55 -5.28
CA SER A 42 5.42 6.93 -5.98
C SER A 42 6.66 7.84 -6.09
N THR A 43 7.84 7.26 -5.84
CA THR A 43 9.14 7.95 -5.78
C THR A 43 9.44 8.70 -7.08
N SER A 44 9.56 10.03 -7.00
CA SER A 44 9.79 10.94 -8.14
C SER A 44 8.77 10.81 -9.30
N SER A 45 7.59 10.23 -9.04
CA SER A 45 6.58 9.86 -10.04
C SER A 45 5.17 10.32 -9.61
N PRO A 46 4.89 11.64 -9.63
CA PRO A 46 3.62 12.19 -9.14
C PRO A 46 2.41 11.64 -9.90
N GLY A 47 1.32 11.39 -9.18
CA GLY A 47 0.08 10.78 -9.70
C GLY A 47 0.08 9.24 -9.73
N ASP A 48 1.23 8.59 -9.59
CA ASP A 48 1.34 7.14 -9.39
C ASP A 48 1.53 6.79 -7.90
N TYR A 49 1.23 5.55 -7.53
CA TYR A 49 1.39 5.01 -6.18
C TYR A 49 2.28 3.75 -6.17
N VAL A 50 2.66 3.28 -4.97
CA VAL A 50 3.46 2.07 -4.76
C VAL A 50 2.88 1.27 -3.60
N LEU A 51 2.67 -0.02 -3.83
CA LEU A 51 2.31 -1.02 -2.82
C LEU A 51 3.61 -1.65 -2.30
N SER A 52 3.86 -1.58 -1.00
CA SER A 52 5.02 -2.23 -0.36
C SER A 52 4.54 -3.33 0.58
N CYS A 53 5.21 -4.50 0.58
CA CYS A 53 4.80 -5.70 1.34
C CYS A 53 5.98 -6.42 1.99
N SER A 54 5.83 -6.89 3.23
CA SER A 54 6.82 -7.72 3.91
C SER A 54 6.71 -9.17 3.45
N GLU A 55 7.62 -9.56 2.56
CA GLU A 55 7.61 -10.90 1.93
C GLU A 55 9.03 -11.50 1.79
N ASN A 56 9.12 -12.84 1.77
CA ASN A 56 10.34 -13.61 1.48
C ASN A 56 11.53 -13.26 2.40
N GLY A 57 11.25 -12.86 3.65
CA GLY A 57 12.25 -12.44 4.63
C GLY A 57 12.87 -11.06 4.38
N LYS A 58 12.29 -10.27 3.46
CA LYS A 58 12.70 -8.93 3.02
C LYS A 58 11.47 -8.00 2.91
N VAL A 59 11.64 -6.85 2.27
CA VAL A 59 10.55 -5.94 1.87
C VAL A 59 10.54 -5.79 0.35
N THR A 60 9.34 -5.81 -0.23
CA THR A 60 9.09 -5.79 -1.67
C THR A 60 8.22 -4.60 -2.06
N HIS A 61 8.31 -4.14 -3.32
CA HIS A 61 7.63 -2.94 -3.83
C HIS A 61 7.04 -3.18 -5.23
N TYR A 62 5.82 -2.67 -5.47
CA TYR A 62 5.04 -2.88 -6.70
C TYR A 62 4.35 -1.59 -7.13
N LYS A 63 4.51 -1.17 -8.40
CA LYS A 63 3.89 0.05 -8.93
C LYS A 63 2.37 -0.08 -9.04
N LEU A 64 1.66 0.95 -8.56
CA LEU A 64 0.23 1.18 -8.77
C LEU A 64 0.12 2.41 -9.68
N SER A 65 0.36 2.19 -10.96
CA SER A 65 0.45 3.23 -11.98
C SER A 65 -0.94 3.72 -12.41
N ALA A 66 -1.10 5.03 -12.66
CA ALA A 66 -2.32 5.60 -13.18
C ALA A 66 -2.42 5.43 -14.71
N GLU A 67 -3.56 4.90 -15.18
CA GLU A 67 -3.86 4.64 -16.60
C GLU A 67 -5.33 5.00 -16.89
N GLU A 68 -5.56 6.08 -17.64
CA GLU A 68 -6.91 6.63 -17.94
C GLU A 68 -7.76 6.90 -16.68
N GLY A 69 -7.09 7.21 -15.57
CA GLY A 69 -7.67 7.44 -14.24
C GLY A 69 -7.94 6.17 -13.41
N LYS A 70 -7.63 4.99 -13.96
CA LYS A 70 -7.70 3.66 -13.30
C LYS A 70 -6.30 3.16 -12.90
N ILE A 71 -6.21 2.05 -12.18
CA ILE A 71 -4.98 1.54 -11.55
C ILE A 71 -4.43 0.33 -12.30
N ARG A 72 -3.19 0.43 -12.80
CA ARG A 72 -2.42 -0.67 -13.41
C ARG A 72 -1.30 -1.12 -12.46
N ILE A 73 -1.24 -2.42 -12.16
CA ILE A 73 -0.21 -3.04 -11.31
C ILE A 73 0.24 -4.40 -11.89
N ASP A 74 1.55 -4.57 -12.05
CA ASP A 74 2.21 -5.67 -12.79
C ASP A 74 1.71 -5.76 -14.24
N THR A 75 0.58 -6.44 -14.47
CA THR A 75 -0.18 -6.50 -15.74
C THR A 75 -1.68 -6.31 -15.54
N HIS A 76 -2.18 -6.35 -14.30
CA HIS A 76 -3.59 -6.27 -13.94
C HIS A 76 -4.07 -4.81 -13.91
N LEU A 77 -5.28 -4.58 -14.44
CA LEU A 77 -5.99 -3.31 -14.36
C LEU A 77 -7.18 -3.40 -13.39
N PHE A 78 -7.33 -2.41 -12.52
CA PHE A 78 -8.39 -2.27 -11.53
C PHE A 78 -8.98 -0.86 -11.56
N ASP A 79 -10.24 -0.72 -11.13
CA ASP A 79 -10.91 0.58 -11.11
C ASP A 79 -10.30 1.58 -10.11
N ASN A 80 -9.82 1.08 -8.97
CA ASN A 80 -9.31 1.86 -7.85
C ASN A 80 -8.33 1.04 -6.97
N LEU A 81 -7.68 1.71 -6.02
CA LEU A 81 -6.68 1.11 -5.13
C LEU A 81 -7.27 0.00 -4.24
N ASP A 82 -8.46 0.21 -3.67
CA ASP A 82 -9.11 -0.77 -2.78
C ASP A 82 -9.44 -2.09 -3.50
N ALA A 83 -9.83 -2.02 -4.78
CA ALA A 83 -10.03 -3.20 -5.62
C ALA A 83 -8.72 -3.96 -5.89
N ALA A 84 -7.59 -3.25 -6.09
CA ALA A 84 -6.29 -3.87 -6.27
C ALA A 84 -5.79 -4.58 -4.99
N ILE A 85 -5.94 -3.94 -3.82
CA ILE A 85 -5.65 -4.53 -2.51
C ILE A 85 -6.51 -5.80 -2.29
N THR A 86 -7.82 -5.70 -2.53
CA THR A 86 -8.78 -6.81 -2.38
C THR A 86 -8.45 -7.98 -3.30
N PHE A 87 -8.06 -7.74 -4.56
CA PHE A 87 -7.62 -8.79 -5.48
C PHE A 87 -6.40 -9.54 -4.92
N TYR A 88 -5.42 -8.82 -4.37
CA TYR A 88 -4.24 -9.43 -3.74
C TYR A 88 -4.48 -9.96 -2.31
N MET A 89 -5.71 -9.91 -1.80
CA MET A 89 -6.15 -10.63 -0.59
C MET A 89 -6.80 -11.97 -0.99
N GLU A 90 -7.56 -11.98 -2.09
CA GLU A 90 -8.18 -13.20 -2.66
C GLU A 90 -7.17 -14.09 -3.42
N HIS A 91 -6.12 -13.50 -3.98
CA HIS A 91 -5.07 -14.15 -4.77
C HIS A 91 -3.66 -13.74 -4.31
N GLU A 92 -2.64 -14.54 -4.63
CA GLU A 92 -1.24 -14.20 -4.32
C GLU A 92 -0.70 -13.09 -5.24
N LEU A 93 0.14 -12.21 -4.71
CA LEU A 93 0.76 -11.09 -5.42
C LEU A 93 2.02 -11.56 -6.18
N GLU A 94 3.00 -12.02 -5.41
CA GLU A 94 4.26 -12.60 -5.91
C GLU A 94 4.68 -13.80 -5.04
N TYR A 95 5.11 -13.53 -3.80
CA TYR A 95 5.52 -14.56 -2.83
C TYR A 95 4.35 -15.06 -1.96
N SER A 96 3.37 -14.19 -1.66
CA SER A 96 2.16 -14.49 -0.89
C SER A 96 1.03 -13.49 -1.19
N SER A 97 -0.12 -13.63 -0.52
CA SER A 97 -1.23 -12.66 -0.51
C SER A 97 -1.09 -11.64 0.65
N LEU A 98 -1.79 -10.51 0.53
CA LEU A 98 -1.87 -9.47 1.55
C LEU A 98 -2.59 -9.98 2.82
N LYS A 99 -2.08 -9.66 4.02
CA LYS A 99 -2.67 -10.09 5.31
C LYS A 99 -3.25 -8.93 6.11
N GLN A 100 -2.48 -7.85 6.31
CA GLN A 100 -2.87 -6.74 7.19
C GLN A 100 -2.24 -5.38 6.78
N PRO A 101 -2.95 -4.26 6.98
CA PRO A 101 -2.40 -2.93 6.75
C PRO A 101 -1.39 -2.54 7.86
N LEU A 102 -0.32 -1.84 7.48
CA LEU A 102 0.60 -1.22 8.45
C LEU A 102 -0.15 -0.20 9.32
N GLN A 103 0.16 -0.17 10.62
CA GLN A 103 -0.48 0.72 11.59
C GLN A 103 0.18 2.12 11.59
N ARG A 104 -0.60 3.16 11.93
CA ARG A 104 -0.22 4.59 11.90
C ARG A 104 -0.73 5.37 13.11
N GLY A 1 -20.23 13.96 30.10
CA GLY A 1 -20.50 12.56 29.67
C GLY A 1 -19.22 11.72 29.67
N SER A 2 -19.22 10.63 28.89
CA SER A 2 -18.08 9.69 28.77
C SER A 2 -16.85 10.31 28.10
N SER A 3 -15.65 9.81 28.44
CA SER A 3 -14.36 10.34 27.98
C SER A 3 -13.95 9.93 26.55
N GLY A 4 -14.64 8.95 25.96
CA GLY A 4 -14.36 8.43 24.61
C GLY A 4 -14.67 9.44 23.49
N SER A 5 -13.91 9.36 22.39
CA SER A 5 -14.05 10.21 21.19
C SER A 5 -13.58 9.50 19.92
N SER A 6 -14.04 9.96 18.75
CA SER A 6 -13.78 9.39 17.41
C SER A 6 -14.25 7.93 17.25
N GLY A 7 -13.92 7.31 16.11
CA GLY A 7 -14.22 5.90 15.78
C GLY A 7 -14.65 5.65 14.33
N MET A 8 -14.98 6.69 13.56
CA MET A 8 -15.43 6.61 12.16
C MET A 8 -14.29 6.87 11.17
N ALA A 9 -14.23 6.06 10.11
CA ALA A 9 -13.25 6.17 9.02
C ALA A 9 -13.75 7.12 7.91
N GLU A 10 -13.88 8.41 8.22
CA GLU A 10 -14.53 9.41 7.37
C GLU A 10 -13.70 9.86 6.15
N ALA A 11 -12.41 9.53 6.12
CA ALA A 11 -11.48 9.83 5.02
C ALA A 11 -10.35 8.78 4.90
N ALA A 12 -9.92 8.52 3.66
CA ALA A 12 -8.85 7.60 3.24
C ALA A 12 -9.03 6.11 3.65
N ALA A 13 -8.21 5.25 3.06
CA ALA A 13 -8.07 3.83 3.41
C ALA A 13 -6.97 3.64 4.49
N PRO A 14 -7.05 2.61 5.37
CA PRO A 14 -6.15 2.48 6.52
C PRO A 14 -4.69 2.15 6.13
N TRP A 15 -4.48 1.51 4.97
CA TRP A 15 -3.17 1.14 4.43
C TRP A 15 -2.42 2.29 3.72
N TYR A 16 -3.02 3.47 3.57
CA TYR A 16 -2.36 4.61 2.92
C TYR A 16 -1.47 5.41 3.88
N HIS A 17 -0.27 5.77 3.42
CA HIS A 17 0.76 6.50 4.17
C HIS A 17 1.24 7.81 3.50
N GLY A 18 0.61 8.26 2.40
CA GLY A 18 0.99 9.48 1.70
C GLY A 18 2.36 9.39 1.02
N PRO A 19 3.13 10.50 0.88
CA PRO A 19 4.43 10.52 0.21
C PRO A 19 5.57 9.94 1.08
N LEU A 20 5.41 8.68 1.50
CA LEU A 20 6.42 7.92 2.27
C LEU A 20 7.59 7.52 1.37
N SER A 21 8.82 7.64 1.88
CA SER A 21 10.05 7.18 1.19
C SER A 21 10.27 5.67 1.34
N ARG A 22 11.04 5.08 0.43
CA ARG A 22 11.42 3.65 0.48
C ARG A 22 12.00 3.25 1.84
N THR A 23 13.02 3.97 2.31
CA THR A 23 13.72 3.64 3.56
C THR A 23 12.80 3.60 4.78
N ASP A 24 11.80 4.49 4.84
CA ASP A 24 10.77 4.50 5.88
C ASP A 24 9.80 3.32 5.77
N ALA A 25 9.35 3.00 4.55
CA ALA A 25 8.52 1.82 4.28
C ALA A 25 9.26 0.51 4.62
N GLU A 26 10.53 0.40 4.25
CA GLU A 26 11.37 -0.78 4.49
C GLU A 26 11.68 -0.97 5.98
N ASN A 27 12.02 0.08 6.73
CA ASN A 27 12.23 -0.03 8.18
C ASN A 27 10.95 -0.40 8.93
N SER A 28 9.79 0.09 8.49
CA SER A 28 8.48 -0.26 9.08
C SER A 28 8.14 -1.74 8.83
N LEU A 29 8.26 -2.21 7.60
CA LEU A 29 7.89 -3.58 7.22
C LEU A 29 8.93 -4.63 7.63
N LEU A 30 10.20 -4.27 7.82
CA LEU A 30 11.23 -5.15 8.40
C LEU A 30 11.01 -5.38 9.91
N ARG A 31 10.40 -4.41 10.62
CA ARG A 31 10.00 -4.55 12.03
C ARG A 31 8.69 -5.35 12.19
N MET A 32 7.79 -5.25 11.22
CA MET A 32 6.51 -5.98 11.16
C MET A 32 6.68 -7.45 10.70
N PRO A 33 5.68 -8.32 10.96
CA PRO A 33 5.65 -9.68 10.42
C PRO A 33 5.33 -9.73 8.93
N GLU A 34 5.53 -10.90 8.32
CA GLU A 34 5.23 -11.19 6.90
C GLU A 34 3.75 -10.99 6.55
N GLY A 35 3.50 -10.40 5.38
CA GLY A 35 2.19 -10.05 4.85
C GLY A 35 1.65 -8.68 5.30
N THR A 36 2.43 -7.91 6.06
CA THR A 36 2.11 -6.51 6.37
C THR A 36 2.36 -5.64 5.12
N PHE A 37 1.42 -4.77 4.76
CA PHE A 37 1.53 -3.93 3.57
C PHE A 37 1.11 -2.47 3.79
N LEU A 38 1.55 -1.60 2.89
CA LEU A 38 1.21 -0.18 2.84
C LEU A 38 1.15 0.32 1.40
N VAL A 39 0.43 1.41 1.16
CA VAL A 39 0.41 2.15 -0.11
C VAL A 39 0.89 3.58 0.11
N ARG A 40 1.75 4.07 -0.79
CA ARG A 40 2.38 5.39 -0.73
C ARG A 40 2.38 6.09 -2.08
N ASP A 41 2.38 7.42 -2.10
CA ASP A 41 2.62 8.20 -3.31
C ASP A 41 4.05 7.95 -3.81
N SER A 42 4.22 7.70 -5.11
CA SER A 42 5.46 7.20 -5.70
C SER A 42 6.64 8.17 -5.61
N THR A 43 7.77 7.63 -5.16
CA THR A 43 9.10 8.27 -5.16
C THR A 43 9.73 8.35 -6.55
N SER A 44 9.16 7.67 -7.57
CA SER A 44 9.58 7.81 -8.98
C SER A 44 8.91 9.00 -9.68
N SER A 45 7.61 9.22 -9.45
CA SER A 45 6.87 10.40 -9.92
C SER A 45 5.55 10.59 -9.13
N PRO A 46 5.23 11.80 -8.62
CA PRO A 46 4.01 12.03 -7.84
C PRO A 46 2.73 11.87 -8.69
N GLY A 47 1.65 11.43 -8.05
CA GLY A 47 0.35 11.12 -8.68
C GLY A 47 0.18 9.63 -9.04
N ASP A 48 1.28 8.88 -9.16
CA ASP A 48 1.31 7.42 -9.22
C ASP A 48 1.55 6.87 -7.81
N TYR A 49 1.20 5.60 -7.55
CA TYR A 49 1.32 4.99 -6.22
C TYR A 49 2.23 3.76 -6.22
N VAL A 50 2.62 3.30 -5.03
CA VAL A 50 3.43 2.10 -4.81
C VAL A 50 2.86 1.30 -3.64
N LEU A 51 2.66 -0.01 -3.85
CA LEU A 51 2.32 -1.00 -2.84
C LEU A 51 3.62 -1.60 -2.31
N SER A 52 3.88 -1.47 -1.01
CA SER A 52 5.06 -2.06 -0.35
C SER A 52 4.62 -3.16 0.62
N CYS A 53 5.27 -4.33 0.59
CA CYS A 53 4.87 -5.53 1.34
C CYS A 53 6.06 -6.21 2.02
N SER A 54 5.90 -6.69 3.26
CA SER A 54 6.86 -7.55 3.92
C SER A 54 6.65 -8.99 3.44
N GLU A 55 7.48 -9.44 2.52
CA GLU A 55 7.36 -10.78 1.93
C GLU A 55 8.70 -11.49 1.64
N ASN A 56 8.67 -12.82 1.66
CA ASN A 56 9.81 -13.73 1.54
C ASN A 56 10.99 -13.35 2.48
N GLY A 57 10.66 -12.97 3.73
CA GLY A 57 11.63 -12.53 4.73
C GLY A 57 12.35 -11.19 4.45
N LYS A 58 11.91 -10.44 3.42
CA LYS A 58 12.44 -9.12 2.99
C LYS A 58 11.29 -8.12 2.83
N VAL A 59 11.57 -6.95 2.23
CA VAL A 59 10.55 -5.97 1.83
C VAL A 59 10.59 -5.76 0.32
N THR A 60 9.41 -5.75 -0.31
CA THR A 60 9.22 -5.64 -1.76
C THR A 60 8.31 -4.46 -2.11
N HIS A 61 8.39 -3.97 -3.36
CA HIS A 61 7.66 -2.80 -3.86
C HIS A 61 7.06 -3.07 -5.25
N TYR A 62 5.83 -2.62 -5.48
CA TYR A 62 5.05 -2.85 -6.71
C TYR A 62 4.33 -1.56 -7.14
N LYS A 63 4.48 -1.14 -8.40
CA LYS A 63 3.87 0.10 -8.90
C LYS A 63 2.35 -0.04 -9.10
N LEU A 64 1.61 0.93 -8.59
CA LEU A 64 0.18 1.16 -8.82
C LEU A 64 0.07 2.39 -9.73
N SER A 65 0.28 2.17 -11.01
CA SER A 65 0.35 3.21 -12.05
C SER A 65 -1.03 3.71 -12.44
N ALA A 66 -1.19 5.01 -12.66
CA ALA A 66 -2.42 5.61 -13.15
C ALA A 66 -2.56 5.44 -14.69
N GLU A 67 -3.70 4.92 -15.14
CA GLU A 67 -4.03 4.67 -16.54
C GLU A 67 -5.49 5.06 -16.82
N GLU A 68 -5.71 6.18 -17.52
CA GLU A 68 -7.05 6.77 -17.78
C GLU A 68 -7.91 6.98 -16.51
N GLY A 69 -7.25 7.26 -15.39
CA GLY A 69 -7.84 7.43 -14.05
C GLY A 69 -8.10 6.13 -13.27
N LYS A 70 -7.78 4.97 -13.85
CA LYS A 70 -7.82 3.63 -13.24
C LYS A 70 -6.41 3.15 -12.85
N ILE A 71 -6.29 2.01 -12.19
CA ILE A 71 -5.05 1.50 -11.57
C ILE A 71 -4.50 0.30 -12.32
N ARG A 72 -3.27 0.41 -12.84
CA ARG A 72 -2.50 -0.68 -13.47
C ARG A 72 -1.37 -1.13 -12.54
N ILE A 73 -1.27 -2.42 -12.25
CA ILE A 73 -0.21 -3.03 -11.44
C ILE A 73 0.24 -4.37 -12.04
N ASP A 74 1.56 -4.51 -12.24
CA ASP A 74 2.21 -5.58 -13.01
C ASP A 74 1.68 -5.67 -14.46
N THR A 75 0.56 -6.36 -14.66
CA THR A 75 -0.22 -6.43 -15.91
C THR A 75 -1.73 -6.27 -15.68
N HIS A 76 -2.21 -6.34 -14.43
CA HIS A 76 -3.61 -6.28 -14.04
C HIS A 76 -4.11 -4.82 -14.01
N LEU A 77 -5.30 -4.59 -14.54
CA LEU A 77 -6.04 -3.33 -14.43
C LEU A 77 -7.20 -3.46 -13.44
N PHE A 78 -7.34 -2.50 -12.53
CA PHE A 78 -8.39 -2.37 -11.53
C PHE A 78 -9.00 -0.96 -11.56
N ASP A 79 -10.26 -0.84 -11.12
CA ASP A 79 -10.96 0.45 -11.12
C ASP A 79 -10.33 1.47 -10.13
N ASN A 80 -9.84 0.98 -8.99
CA ASN A 80 -9.32 1.77 -7.88
C ASN A 80 -8.33 0.97 -7.02
N LEU A 81 -7.67 1.65 -6.07
CA LEU A 81 -6.68 1.06 -5.17
C LEU A 81 -7.26 -0.05 -4.27
N ASP A 82 -8.46 0.14 -3.71
CA ASP A 82 -9.09 -0.84 -2.82
C ASP A 82 -9.43 -2.16 -3.55
N ALA A 83 -9.83 -2.09 -4.82
CA ALA A 83 -10.02 -3.26 -5.68
C ALA A 83 -8.70 -4.03 -5.94
N ALA A 84 -7.58 -3.32 -6.13
CA ALA A 84 -6.26 -3.93 -6.30
C ALA A 84 -5.78 -4.63 -5.02
N ILE A 85 -5.92 -3.99 -3.85
CA ILE A 85 -5.64 -4.58 -2.54
C ILE A 85 -6.50 -5.84 -2.31
N THR A 86 -7.80 -5.73 -2.56
CA THR A 86 -8.77 -6.85 -2.41
C THR A 86 -8.44 -8.03 -3.32
N PHE A 87 -8.02 -7.79 -4.57
CA PHE A 87 -7.56 -8.86 -5.45
C PHE A 87 -6.34 -9.60 -4.87
N TYR A 88 -5.36 -8.87 -4.34
CA TYR A 88 -4.18 -9.46 -3.71
C TYR A 88 -4.42 -9.98 -2.26
N MET A 89 -5.62 -9.81 -1.70
CA MET A 89 -6.05 -10.49 -0.46
C MET A 89 -6.58 -11.90 -0.81
N GLU A 90 -7.32 -12.02 -1.93
CA GLU A 90 -7.91 -13.27 -2.42
C GLU A 90 -6.92 -14.15 -3.19
N HIS A 91 -5.93 -13.53 -3.86
CA HIS A 91 -4.92 -14.19 -4.70
C HIS A 91 -3.49 -13.78 -4.31
N GLU A 92 -2.49 -14.60 -4.63
CA GLU A 92 -1.08 -14.27 -4.39
C GLU A 92 -0.58 -13.16 -5.33
N LEU A 93 0.24 -12.23 -4.80
CA LEU A 93 0.81 -11.10 -5.54
C LEU A 93 2.05 -11.55 -6.33
N GLU A 94 3.05 -12.04 -5.60
CA GLU A 94 4.29 -12.63 -6.15
C GLU A 94 4.77 -13.78 -5.24
N TYR A 95 5.16 -13.46 -4.00
CA TYR A 95 5.66 -14.43 -3.02
C TYR A 95 4.55 -14.99 -2.11
N SER A 96 3.54 -14.16 -1.79
CA SER A 96 2.33 -14.55 -1.04
C SER A 96 1.18 -13.55 -1.31
N SER A 97 0.05 -13.71 -0.64
CA SER A 97 -1.07 -12.75 -0.59
C SER A 97 -0.90 -11.71 0.53
N LEU A 98 -1.63 -10.59 0.43
CA LEU A 98 -1.74 -9.56 1.48
C LEU A 98 -2.41 -10.14 2.75
N LYS A 99 -1.97 -9.68 3.94
CA LYS A 99 -2.45 -10.21 5.24
C LYS A 99 -3.00 -9.14 6.17
N GLN A 100 -2.33 -7.99 6.29
CA GLN A 100 -2.79 -6.87 7.14
C GLN A 100 -2.21 -5.50 6.72
N PRO A 101 -2.96 -4.39 6.90
CA PRO A 101 -2.44 -3.04 6.70
C PRO A 101 -1.46 -2.64 7.82
N LEU A 102 -0.45 -1.83 7.48
CA LEU A 102 0.43 -1.18 8.47
C LEU A 102 -0.37 -0.15 9.30
N GLN A 103 -0.03 -0.01 10.59
CA GLN A 103 -0.65 0.97 11.50
C GLN A 103 -0.01 2.36 11.37
N ARG A 104 -0.79 3.42 11.62
CA ARG A 104 -0.39 4.85 11.53
C ARG A 104 -0.90 5.68 12.72
N GLY A 1 -4.85 28.85 9.00
CA GLY A 1 -4.63 27.68 9.88
C GLY A 1 -3.88 28.07 11.14
N SER A 2 -4.12 27.35 12.24
CA SER A 2 -3.54 27.60 13.58
C SER A 2 -3.16 26.31 14.31
N SER A 3 -2.19 26.39 15.22
CA SER A 3 -1.71 25.25 16.03
C SER A 3 -2.81 24.68 16.94
N GLY A 4 -2.89 23.35 17.03
CA GLY A 4 -3.86 22.62 17.86
C GLY A 4 -5.27 22.47 17.25
N SER A 5 -5.55 23.08 16.09
CA SER A 5 -6.84 22.99 15.37
C SER A 5 -6.97 21.69 14.56
N SER A 6 -6.66 20.54 15.17
CA SER A 6 -6.51 19.22 14.53
C SER A 6 -7.83 18.52 14.14
N GLY A 7 -8.99 19.12 14.45
CA GLY A 7 -10.32 18.62 14.09
C GLY A 7 -10.66 18.81 12.60
N MET A 8 -9.98 18.06 11.73
CA MET A 8 -10.03 18.15 10.27
C MET A 8 -10.32 16.78 9.62
N ALA A 9 -10.86 16.80 8.39
CA ALA A 9 -11.28 15.62 7.62
C ALA A 9 -10.09 14.88 6.93
N GLU A 10 -9.04 14.58 7.70
CA GLU A 10 -7.78 13.99 7.22
C GLU A 10 -7.78 12.44 7.13
N ALA A 11 -8.92 11.81 7.37
CA ALA A 11 -9.08 10.35 7.38
C ALA A 11 -8.84 9.71 5.98
N ALA A 12 -8.29 8.49 5.98
CA ALA A 12 -7.97 7.69 4.80
C ALA A 12 -8.08 6.18 5.09
N ALA A 13 -7.90 5.33 4.06
CA ALA A 13 -7.80 3.88 4.21
C ALA A 13 -6.64 3.48 5.15
N PRO A 14 -6.77 2.40 5.96
CA PRO A 14 -5.79 2.04 7.00
C PRO A 14 -4.42 1.63 6.45
N TRP A 15 -4.36 1.23 5.18
CA TRP A 15 -3.12 0.91 4.47
C TRP A 15 -2.43 2.13 3.82
N TYR A 16 -3.05 3.31 3.77
CA TYR A 16 -2.45 4.49 3.11
C TYR A 16 -1.60 5.33 4.09
N HIS A 17 -0.38 5.68 3.67
CA HIS A 17 0.62 6.41 4.46
C HIS A 17 1.12 7.72 3.80
N GLY A 18 0.49 8.18 2.72
CA GLY A 18 0.83 9.44 2.05
C GLY A 18 2.22 9.43 1.38
N PRO A 19 2.97 10.55 1.36
CA PRO A 19 4.28 10.65 0.70
C PRO A 19 5.42 10.00 1.52
N LEU A 20 5.25 8.73 1.90
CA LEU A 20 6.26 7.92 2.57
C LEU A 20 7.38 7.54 1.57
N SER A 21 8.64 7.50 2.03
CA SER A 21 9.80 7.07 1.24
C SER A 21 10.08 5.57 1.42
N ARG A 22 10.85 4.98 0.47
CA ARG A 22 11.28 3.56 0.54
C ARG A 22 11.90 3.21 1.89
N THR A 23 12.90 3.96 2.34
CA THR A 23 13.63 3.65 3.58
C THR A 23 12.71 3.60 4.81
N ASP A 24 11.70 4.46 4.88
CA ASP A 24 10.69 4.47 5.95
C ASP A 24 9.71 3.28 5.85
N ALA A 25 9.28 2.92 4.63
CA ALA A 25 8.46 1.73 4.38
C ALA A 25 9.22 0.43 4.73
N GLU A 26 10.49 0.33 4.33
CA GLU A 26 11.36 -0.83 4.59
C GLU A 26 11.65 -1.00 6.08
N ASN A 27 12.01 0.07 6.80
CA ASN A 27 12.25 0.02 8.25
C ASN A 27 10.96 -0.18 9.07
N SER A 28 9.77 -0.03 8.47
CA SER A 28 8.50 -0.40 9.10
C SER A 28 8.18 -1.89 8.89
N LEU A 29 8.20 -2.35 7.63
CA LEU A 29 7.81 -3.73 7.26
C LEU A 29 8.85 -4.79 7.65
N LEU A 30 10.14 -4.45 7.75
CA LEU A 30 11.19 -5.39 8.20
C LEU A 30 11.01 -5.82 9.67
N ARG A 31 10.34 -5.00 10.49
CA ARG A 31 9.95 -5.31 11.88
C ARG A 31 8.57 -5.97 12.01
N MET A 32 7.76 -5.97 10.95
CA MET A 32 6.43 -6.60 10.89
C MET A 32 6.50 -8.04 10.33
N PRO A 33 5.47 -8.88 10.58
CA PRO A 33 5.39 -10.22 9.99
C PRO A 33 5.06 -10.16 8.49
N GLU A 34 5.31 -11.26 7.78
CA GLU A 34 5.00 -11.41 6.35
C GLU A 34 3.52 -11.18 6.03
N GLY A 35 3.26 -10.48 4.92
CA GLY A 35 1.92 -10.08 4.48
C GLY A 35 1.44 -8.74 5.05
N THR A 36 2.25 -8.04 5.82
CA THR A 36 1.99 -6.65 6.22
C THR A 36 2.27 -5.72 5.03
N PHE A 37 1.34 -4.81 4.71
CA PHE A 37 1.46 -3.95 3.54
C PHE A 37 1.06 -2.50 3.81
N LEU A 38 1.51 -1.62 2.91
CA LEU A 38 1.18 -0.19 2.89
C LEU A 38 1.12 0.34 1.46
N VAL A 39 0.41 1.45 1.26
CA VAL A 39 0.38 2.22 0.01
C VAL A 39 0.84 3.65 0.28
N ARG A 40 1.66 4.18 -0.61
CA ARG A 40 2.26 5.51 -0.52
C ARG A 40 2.24 6.25 -1.86
N ASP A 41 2.26 7.57 -1.84
CA ASP A 41 2.47 8.39 -3.05
C ASP A 41 3.88 8.15 -3.61
N SER A 42 4.03 7.97 -4.93
CA SER A 42 5.28 7.50 -5.54
C SER A 42 6.43 8.50 -5.42
N THR A 43 7.58 7.98 -4.99
CA THR A 43 8.89 8.66 -4.99
C THR A 43 9.65 8.52 -6.33
N SER A 44 9.09 7.76 -7.30
CA SER A 44 9.75 7.38 -8.56
C SER A 44 9.02 7.86 -9.82
N SER A 45 7.69 7.97 -9.80
CA SER A 45 6.86 8.31 -10.97
C SER A 45 5.71 9.28 -10.60
N PRO A 46 5.71 10.53 -11.11
CA PRO A 46 4.66 11.51 -10.79
C PRO A 46 3.24 11.02 -11.10
N GLY A 47 2.31 11.25 -10.17
CA GLY A 47 0.90 10.87 -10.27
C GLY A 47 0.58 9.39 -9.98
N ASP A 48 1.59 8.54 -9.74
CA ASP A 48 1.41 7.13 -9.37
C ASP A 48 1.46 6.90 -7.84
N TYR A 49 0.96 5.75 -7.40
CA TYR A 49 1.11 5.25 -6.03
C TYR A 49 2.02 4.01 -6.02
N VAL A 50 2.44 3.54 -4.85
CA VAL A 50 3.29 2.35 -4.67
C VAL A 50 2.77 1.49 -3.53
N LEU A 51 2.59 0.20 -3.79
CA LEU A 51 2.29 -0.85 -2.80
C LEU A 51 3.60 -1.43 -2.30
N SER A 52 3.84 -1.38 -1.00
CA SER A 52 5.01 -1.98 -0.34
C SER A 52 4.57 -3.11 0.60
N CYS A 53 5.22 -4.27 0.55
CA CYS A 53 4.81 -5.49 1.27
C CYS A 53 5.99 -6.21 1.95
N SER A 54 5.77 -6.78 3.13
CA SER A 54 6.73 -7.68 3.77
C SER A 54 6.58 -9.07 3.14
N GLU A 55 7.61 -9.52 2.44
CA GLU A 55 7.61 -10.79 1.69
C GLU A 55 8.97 -11.50 1.75
N ASN A 56 8.98 -12.82 1.95
CA ASN A 56 10.14 -13.71 1.85
C ASN A 56 11.37 -13.24 2.68
N GLY A 57 11.10 -12.71 3.89
CA GLY A 57 12.12 -12.19 4.80
C GLY A 57 12.75 -10.85 4.39
N LYS A 58 12.22 -10.19 3.35
CA LYS A 58 12.61 -8.87 2.84
C LYS A 58 11.38 -7.95 2.68
N VAL A 59 11.57 -6.79 2.07
CA VAL A 59 10.50 -5.85 1.71
C VAL A 59 10.50 -5.60 0.20
N THR A 60 9.32 -5.67 -0.40
CA THR A 60 9.07 -5.54 -1.85
C THR A 60 8.24 -4.28 -2.15
N HIS A 61 8.33 -3.78 -3.40
CA HIS A 61 7.65 -2.56 -3.86
C HIS A 61 7.10 -2.74 -5.28
N TYR A 62 5.86 -2.26 -5.52
CA TYR A 62 5.11 -2.42 -6.77
C TYR A 62 4.35 -1.14 -7.11
N LYS A 63 4.47 -0.60 -8.33
CA LYS A 63 3.71 0.62 -8.70
C LYS A 63 2.22 0.32 -8.92
N LEU A 64 1.39 1.17 -8.33
CA LEU A 64 -0.05 1.31 -8.56
C LEU A 64 -0.19 2.51 -9.51
N SER A 65 0.07 2.24 -10.78
CA SER A 65 0.21 3.23 -11.85
C SER A 65 -1.14 3.80 -12.29
N ALA A 66 -1.21 5.10 -12.53
CA ALA A 66 -2.42 5.75 -13.06
C ALA A 66 -2.50 5.56 -14.60
N GLU A 67 -3.63 5.03 -15.08
CA GLU A 67 -3.89 4.74 -16.49
C GLU A 67 -5.35 5.12 -16.83
N GLU A 68 -5.56 6.25 -17.51
CA GLU A 68 -6.88 6.78 -17.90
C GLU A 68 -7.89 6.88 -16.73
N GLY A 69 -7.37 7.15 -15.52
CA GLY A 69 -8.13 7.25 -14.26
C GLY A 69 -8.32 5.92 -13.51
N LYS A 70 -7.87 4.79 -14.08
CA LYS A 70 -7.82 3.45 -13.46
C LYS A 70 -6.42 3.14 -12.90
N ILE A 71 -6.32 2.07 -12.11
CA ILE A 71 -5.09 1.61 -11.44
C ILE A 71 -4.54 0.38 -12.16
N ARG A 72 -3.32 0.48 -12.71
CA ARG A 72 -2.54 -0.63 -13.30
C ARG A 72 -1.44 -1.07 -12.34
N ILE A 73 -1.34 -2.36 -12.06
CA ILE A 73 -0.26 -2.95 -11.23
C ILE A 73 0.23 -4.28 -11.81
N ASP A 74 1.55 -4.37 -12.04
CA ASP A 74 2.28 -5.41 -12.79
C ASP A 74 1.78 -5.61 -14.23
N THR A 75 0.57 -6.17 -14.39
CA THR A 75 -0.19 -6.26 -15.65
C THR A 75 -1.71 -6.09 -15.47
N HIS A 76 -2.22 -6.09 -14.24
CA HIS A 76 -3.63 -6.11 -13.89
C HIS A 76 -4.19 -4.69 -13.78
N LEU A 77 -5.39 -4.47 -14.31
CA LEU A 77 -6.10 -3.19 -14.29
C LEU A 77 -7.35 -3.24 -13.38
N PHE A 78 -7.53 -2.21 -12.56
CA PHE A 78 -8.61 -2.08 -11.57
C PHE A 78 -9.23 -0.68 -11.58
N ASP A 79 -10.48 -0.57 -11.13
CA ASP A 79 -11.19 0.70 -11.04
C ASP A 79 -10.54 1.68 -10.03
N ASN A 80 -10.02 1.15 -8.92
CA ASN A 80 -9.51 1.92 -7.78
C ASN A 80 -8.47 1.12 -6.95
N LEU A 81 -7.84 1.80 -5.98
CA LEU A 81 -6.83 1.21 -5.11
C LEU A 81 -7.36 0.06 -4.24
N ASP A 82 -8.54 0.21 -3.64
CA ASP A 82 -9.13 -0.81 -2.75
C ASP A 82 -9.42 -2.14 -3.50
N ALA A 83 -9.83 -2.06 -4.76
CA ALA A 83 -9.99 -3.22 -5.64
C ALA A 83 -8.66 -3.92 -5.95
N ALA A 84 -7.58 -3.16 -6.17
CA ALA A 84 -6.23 -3.71 -6.39
C ALA A 84 -5.67 -4.40 -5.13
N ILE A 85 -5.89 -3.82 -3.94
CA ILE A 85 -5.57 -4.44 -2.65
C ILE A 85 -6.37 -5.74 -2.47
N THR A 86 -7.69 -5.69 -2.67
CA THR A 86 -8.61 -6.85 -2.54
C THR A 86 -8.23 -8.00 -3.46
N PHE A 87 -7.81 -7.72 -4.71
CA PHE A 87 -7.32 -8.75 -5.63
C PHE A 87 -6.12 -9.52 -5.04
N TYR A 88 -5.16 -8.81 -4.44
CA TYR A 88 -4.01 -9.42 -3.77
C TYR A 88 -4.30 -9.94 -2.35
N MET A 89 -5.55 -9.84 -1.86
CA MET A 89 -6.01 -10.55 -0.66
C MET A 89 -6.63 -11.91 -1.06
N GLU A 90 -7.31 -11.97 -2.20
CA GLU A 90 -7.87 -13.20 -2.78
C GLU A 90 -6.82 -14.08 -3.47
N HIS A 91 -5.75 -13.48 -4.00
CA HIS A 91 -4.65 -14.13 -4.74
C HIS A 91 -3.27 -13.71 -4.20
N GLU A 92 -2.24 -14.53 -4.42
CA GLU A 92 -0.85 -14.18 -4.07
C GLU A 92 -0.27 -13.11 -5.01
N LEU A 93 0.57 -12.22 -4.48
CA LEU A 93 1.18 -11.10 -5.21
C LEU A 93 2.43 -11.56 -5.97
N GLU A 94 3.45 -12.01 -5.23
CA GLU A 94 4.71 -12.54 -5.79
C GLU A 94 5.24 -13.71 -4.94
N TYR A 95 5.39 -13.48 -3.64
CA TYR A 95 5.84 -14.47 -2.65
C TYR A 95 4.71 -14.84 -1.66
N SER A 96 3.80 -13.91 -1.37
CA SER A 96 2.61 -14.13 -0.53
C SER A 96 1.44 -13.22 -0.91
N SER A 97 0.28 -13.39 -0.27
CA SER A 97 -0.88 -12.50 -0.34
C SER A 97 -0.82 -11.37 0.71
N LEU A 98 -1.67 -10.36 0.55
CA LEU A 98 -1.88 -9.29 1.54
C LEU A 98 -2.65 -9.84 2.75
N LYS A 99 -2.13 -9.63 3.97
CA LYS A 99 -2.71 -10.15 5.22
C LYS A 99 -3.25 -9.04 6.13
N GLN A 100 -2.51 -7.92 6.26
CA GLN A 100 -2.91 -6.81 7.15
C GLN A 100 -2.30 -5.46 6.72
N PRO A 101 -3.01 -4.34 6.90
CA PRO A 101 -2.43 -3.01 6.74
C PRO A 101 -1.44 -2.70 7.86
N LEU A 102 -0.39 -1.92 7.57
CA LEU A 102 0.55 -1.41 8.57
C LEU A 102 -0.17 -0.51 9.61
N GLN A 103 0.21 -0.62 10.88
CA GLN A 103 -0.30 0.21 11.99
C GLN A 103 0.22 1.65 11.96
N ARG A 104 -0.59 2.61 12.44
CA ARG A 104 -0.25 4.03 12.54
C ARG A 104 -0.83 4.71 13.81
N GLY A 1 6.79 23.48 8.53
CA GLY A 1 6.43 22.37 9.44
C GLY A 1 5.01 21.86 9.16
N SER A 2 4.30 21.44 10.22
CA SER A 2 2.92 20.93 10.16
C SER A 2 1.83 22.03 10.20
N SER A 3 2.20 23.27 10.57
CA SER A 3 1.30 24.43 10.58
C SER A 3 0.85 24.81 9.16
N GLY A 4 -0.47 24.94 8.97
CA GLY A 4 -1.11 25.24 7.67
C GLY A 4 -1.12 24.08 6.65
N SER A 5 -0.53 22.92 6.98
CA SER A 5 -0.43 21.75 6.09
C SER A 5 -1.07 20.47 6.68
N SER A 6 -1.15 20.35 8.01
CA SER A 6 -1.89 19.28 8.70
C SER A 6 -3.41 19.45 8.56
N GLY A 7 -4.16 18.35 8.70
CA GLY A 7 -5.62 18.31 8.52
C GLY A 7 -6.21 16.91 8.74
N MET A 8 -7.42 16.67 8.21
CA MET A 8 -8.20 15.44 8.38
C MET A 8 -7.73 14.25 7.51
N ALA A 9 -6.41 14.16 7.24
CA ALA A 9 -5.81 13.10 6.41
C ALA A 9 -5.93 11.68 7.00
N GLU A 10 -6.27 11.58 8.30
CA GLU A 10 -6.57 10.30 8.97
C GLU A 10 -7.89 9.65 8.53
N ALA A 11 -8.71 10.36 7.74
CA ALA A 11 -9.92 9.82 7.12
C ALA A 11 -9.66 8.96 5.86
N ALA A 12 -8.40 8.85 5.46
CA ALA A 12 -7.94 7.94 4.39
C ALA A 12 -7.87 6.47 4.88
N ALA A 13 -7.99 5.53 3.95
CA ALA A 13 -7.91 4.07 4.20
C ALA A 13 -6.67 3.71 5.04
N PRO A 14 -6.74 2.73 5.96
CA PRO A 14 -5.69 2.48 6.96
C PRO A 14 -4.33 2.11 6.36
N TRP A 15 -4.32 1.46 5.18
CA TRP A 15 -3.12 1.09 4.45
C TRP A 15 -2.42 2.25 3.72
N TYR A 16 -3.03 3.43 3.59
CA TYR A 16 -2.40 4.58 2.95
C TYR A 16 -1.50 5.37 3.92
N HIS A 17 -0.28 5.71 3.48
CA HIS A 17 0.74 6.41 4.27
C HIS A 17 1.23 7.73 3.63
N GLY A 18 0.60 8.20 2.55
CA GLY A 18 0.98 9.47 1.89
C GLY A 18 2.36 9.41 1.24
N PRO A 19 3.13 10.52 1.19
CA PRO A 19 4.44 10.59 0.54
C PRO A 19 5.57 9.96 1.37
N LEU A 20 5.40 8.70 1.76
CA LEU A 20 6.41 7.89 2.46
C LEU A 20 7.55 7.50 1.51
N SER A 21 8.79 7.50 1.99
CA SER A 21 9.98 7.05 1.24
C SER A 21 10.23 5.54 1.41
N ARG A 22 11.00 4.95 0.49
CA ARG A 22 11.39 3.52 0.55
C ARG A 22 11.98 3.13 1.90
N THR A 23 13.01 3.84 2.36
CA THR A 23 13.73 3.50 3.61
C THR A 23 12.80 3.44 4.83
N ASP A 24 11.80 4.33 4.90
CA ASP A 24 10.78 4.33 5.95
C ASP A 24 9.81 3.14 5.82
N ALA A 25 9.35 2.83 4.60
CA ALA A 25 8.50 1.68 4.32
C ALA A 25 9.23 0.35 4.62
N GLU A 26 10.50 0.23 4.25
CA GLU A 26 11.32 -0.95 4.47
C GLU A 26 11.59 -1.19 5.97
N ASN A 27 11.95 -0.16 6.73
CA ASN A 27 12.14 -0.29 8.18
C ASN A 27 10.82 -0.60 8.92
N SER A 28 9.69 -0.07 8.44
CA SER A 28 8.37 -0.35 9.03
C SER A 28 7.94 -1.81 8.83
N LEU A 29 8.12 -2.37 7.62
CA LEU A 29 7.71 -3.73 7.28
C LEU A 29 8.72 -4.81 7.70
N LEU A 30 10.02 -4.51 7.78
CA LEU A 30 11.03 -5.44 8.30
C LEU A 30 10.80 -5.77 9.80
N ARG A 31 10.16 -4.86 10.54
CA ARG A 31 9.70 -5.06 11.93
C ARG A 31 8.42 -5.92 12.04
N MET A 32 7.64 -6.01 10.96
CA MET A 32 6.31 -6.64 10.92
C MET A 32 6.34 -8.08 10.34
N PRO A 33 5.30 -8.89 10.60
CA PRO A 33 5.17 -10.23 10.00
C PRO A 33 4.84 -10.17 8.49
N GLU A 34 5.03 -11.29 7.80
CA GLU A 34 4.77 -11.43 6.35
C GLU A 34 3.32 -11.13 5.97
N GLY A 35 3.14 -10.40 4.86
CA GLY A 35 1.85 -9.94 4.37
C GLY A 35 1.37 -8.62 4.99
N THR A 36 2.18 -7.95 5.82
CA THR A 36 1.91 -6.57 6.26
C THR A 36 2.21 -5.64 5.09
N PHE A 37 1.29 -4.74 4.75
CA PHE A 37 1.41 -3.89 3.57
C PHE A 37 1.02 -2.43 3.80
N LEU A 38 1.51 -1.56 2.91
CA LEU A 38 1.19 -0.13 2.87
C LEU A 38 1.15 0.37 1.43
N VAL A 39 0.46 1.48 1.19
CA VAL A 39 0.45 2.20 -0.08
C VAL A 39 0.90 3.64 0.15
N ARG A 40 1.77 4.14 -0.73
CA ARG A 40 2.38 5.46 -0.64
C ARG A 40 2.34 6.19 -1.98
N ASP A 41 2.34 7.52 -1.96
CA ASP A 41 2.52 8.35 -3.16
C ASP A 41 3.92 8.09 -3.76
N SER A 42 4.01 7.89 -5.08
CA SER A 42 5.23 7.41 -5.72
C SER A 42 6.40 8.40 -5.64
N THR A 43 7.54 7.88 -5.18
CA THR A 43 8.85 8.55 -5.21
C THR A 43 9.55 8.48 -6.58
N SER A 44 8.96 7.76 -7.55
CA SER A 44 9.52 7.51 -8.88
C SER A 44 8.81 8.27 -10.01
N SER A 45 7.50 8.51 -9.90
CA SER A 45 6.70 9.19 -10.94
C SER A 45 5.56 10.05 -10.36
N PRO A 46 5.23 11.22 -10.97
CA PRO A 46 4.11 12.04 -10.52
C PRO A 46 2.76 11.36 -10.81
N GLY A 47 1.80 11.52 -9.88
CA GLY A 47 0.42 11.01 -10.01
C GLY A 47 0.23 9.50 -9.81
N ASP A 48 1.30 8.73 -9.62
CA ASP A 48 1.27 7.28 -9.35
C ASP A 48 1.40 6.96 -7.85
N TYR A 49 1.04 5.74 -7.47
CA TYR A 49 1.22 5.19 -6.12
C TYR A 49 2.16 3.96 -6.14
N VAL A 50 2.55 3.48 -4.97
CA VAL A 50 3.40 2.28 -4.78
C VAL A 50 2.85 1.44 -3.63
N LEU A 51 2.65 0.14 -3.87
CA LEU A 51 2.34 -0.87 -2.85
C LEU A 51 3.65 -1.45 -2.33
N SER A 52 3.86 -1.40 -1.01
CA SER A 52 4.99 -2.04 -0.34
C SER A 52 4.49 -3.16 0.58
N CYS A 53 5.13 -4.32 0.58
CA CYS A 53 4.68 -5.51 1.31
C CYS A 53 5.85 -6.29 1.94
N SER A 54 5.67 -6.85 3.14
CA SER A 54 6.63 -7.75 3.75
C SER A 54 6.49 -9.15 3.14
N GLU A 55 7.53 -9.57 2.41
CA GLU A 55 7.54 -10.82 1.63
C GLU A 55 8.87 -11.59 1.72
N ASN A 56 8.81 -12.86 2.15
CA ASN A 56 9.92 -13.81 2.22
C ASN A 56 11.17 -13.24 2.95
N GLY A 57 10.94 -12.67 4.14
CA GLY A 57 11.99 -12.18 5.03
C GLY A 57 12.60 -10.82 4.66
N LYS A 58 12.07 -10.14 3.63
CA LYS A 58 12.46 -8.79 3.18
C LYS A 58 11.24 -7.97 2.78
N VAL A 59 11.43 -6.77 2.24
CA VAL A 59 10.36 -5.86 1.79
C VAL A 59 10.41 -5.67 0.28
N THR A 60 9.24 -5.76 -0.36
CA THR A 60 9.01 -5.60 -1.81
C THR A 60 8.24 -4.32 -2.11
N HIS A 61 8.34 -3.83 -3.36
CA HIS A 61 7.66 -2.60 -3.83
C HIS A 61 7.11 -2.80 -5.26
N TYR A 62 5.89 -2.32 -5.52
CA TYR A 62 5.16 -2.50 -6.78
C TYR A 62 4.43 -1.21 -7.19
N LYS A 63 4.58 -0.78 -8.45
CA LYS A 63 3.89 0.41 -8.99
C LYS A 63 2.37 0.20 -9.10
N LEU A 64 1.61 1.17 -8.62
CA LEU A 64 0.17 1.33 -8.81
C LEU A 64 0.00 2.57 -9.72
N SER A 65 0.18 2.35 -11.01
CA SER A 65 0.25 3.40 -12.04
C SER A 65 -1.13 3.87 -12.48
N ALA A 66 -1.31 5.17 -12.69
CA ALA A 66 -2.58 5.76 -13.11
C ALA A 66 -2.75 5.77 -14.64
N GLU A 67 -3.87 5.24 -15.13
CA GLU A 67 -4.32 5.32 -16.54
C GLU A 67 -5.80 5.67 -16.60
N GLU A 68 -6.15 6.87 -17.11
CA GLU A 68 -7.53 7.40 -17.17
C GLU A 68 -8.27 7.39 -15.80
N GLY A 69 -7.50 7.52 -14.72
CA GLY A 69 -7.96 7.46 -13.32
C GLY A 69 -8.09 6.04 -12.73
N LYS A 70 -7.87 5.00 -13.53
CA LYS A 70 -7.82 3.57 -13.12
C LYS A 70 -6.39 3.13 -12.77
N ILE A 71 -6.25 2.01 -12.06
CA ILE A 71 -5.01 1.55 -11.45
C ILE A 71 -4.43 0.33 -12.17
N ARG A 72 -3.25 0.49 -12.78
CA ARG A 72 -2.44 -0.56 -13.40
C ARG A 72 -1.33 -1.02 -12.44
N ILE A 73 -1.23 -2.33 -12.19
CA ILE A 73 -0.15 -2.92 -11.37
C ILE A 73 0.31 -4.27 -11.97
N ASP A 74 1.62 -4.43 -12.12
CA ASP A 74 2.28 -5.53 -12.86
C ASP A 74 1.73 -5.72 -14.30
N THR A 75 0.73 -6.58 -14.47
CA THR A 75 0.03 -6.89 -15.72
C THR A 75 -1.51 -6.83 -15.59
N HIS A 76 -2.01 -6.36 -14.43
CA HIS A 76 -3.42 -6.26 -14.07
C HIS A 76 -3.89 -4.79 -14.09
N LEU A 77 -5.16 -4.58 -14.43
CA LEU A 77 -5.85 -3.28 -14.38
C LEU A 77 -7.09 -3.38 -13.49
N PHE A 78 -7.24 -2.43 -12.57
CA PHE A 78 -8.33 -2.32 -11.59
C PHE A 78 -8.96 -0.93 -11.61
N ASP A 79 -10.22 -0.84 -11.18
CA ASP A 79 -10.94 0.45 -11.14
C ASP A 79 -10.34 1.46 -10.15
N ASN A 80 -9.82 0.96 -9.02
CA ASN A 80 -9.34 1.77 -7.89
C ASN A 80 -8.33 0.98 -7.02
N LEU A 81 -7.69 1.69 -6.07
CA LEU A 81 -6.69 1.12 -5.17
C LEU A 81 -7.25 0.00 -4.27
N ASP A 82 -8.44 0.16 -3.71
CA ASP A 82 -9.05 -0.83 -2.81
C ASP A 82 -9.34 -2.16 -3.53
N ALA A 83 -9.73 -2.11 -4.81
CA ALA A 83 -9.89 -3.29 -5.67
C ALA A 83 -8.55 -4.01 -5.94
N ALA A 84 -7.46 -3.26 -6.15
CA ALA A 84 -6.12 -3.82 -6.35
C ALA A 84 -5.60 -4.51 -5.08
N ILE A 85 -5.79 -3.90 -3.90
CA ILE A 85 -5.48 -4.50 -2.59
C ILE A 85 -6.30 -5.79 -2.39
N THR A 86 -7.61 -5.73 -2.62
CA THR A 86 -8.53 -6.86 -2.47
C THR A 86 -8.16 -8.03 -3.38
N PHE A 87 -7.75 -7.78 -4.63
CA PHE A 87 -7.26 -8.82 -5.53
C PHE A 87 -6.05 -9.57 -4.94
N TYR A 88 -5.08 -8.84 -4.37
CA TYR A 88 -3.92 -9.44 -3.71
C TYR A 88 -4.20 -9.97 -2.29
N MET A 89 -5.43 -9.88 -1.78
CA MET A 89 -5.90 -10.59 -0.58
C MET A 89 -6.51 -11.94 -0.97
N GLU A 90 -7.22 -12.01 -2.11
CA GLU A 90 -7.80 -13.23 -2.67
C GLU A 90 -6.75 -14.12 -3.38
N HIS A 91 -5.69 -13.53 -3.93
CA HIS A 91 -4.61 -14.19 -4.68
C HIS A 91 -3.23 -13.77 -4.17
N GLU A 92 -2.20 -14.59 -4.39
CA GLU A 92 -0.81 -14.25 -4.04
C GLU A 92 -0.24 -13.16 -4.98
N LEU A 93 0.59 -12.27 -4.43
CA LEU A 93 1.20 -11.14 -5.14
C LEU A 93 2.44 -11.60 -5.93
N GLU A 94 3.47 -12.05 -5.21
CA GLU A 94 4.70 -12.60 -5.79
C GLU A 94 5.26 -13.75 -4.94
N TYR A 95 5.42 -13.52 -3.63
CA TYR A 95 5.89 -14.49 -2.64
C TYR A 95 4.77 -14.90 -1.67
N SER A 96 3.83 -13.98 -1.38
CA SER A 96 2.66 -14.23 -0.53
C SER A 96 1.48 -13.30 -0.89
N SER A 97 0.32 -13.50 -0.27
CA SER A 97 -0.84 -12.60 -0.32
C SER A 97 -0.78 -11.51 0.77
N LEU A 98 -1.57 -10.45 0.61
CA LEU A 98 -1.77 -9.40 1.61
C LEU A 98 -2.54 -9.97 2.83
N LYS A 99 -2.02 -9.76 4.04
CA LYS A 99 -2.63 -10.20 5.30
C LYS A 99 -3.24 -9.05 6.11
N GLN A 100 -2.52 -7.93 6.26
CA GLN A 100 -2.96 -6.82 7.11
C GLN A 100 -2.38 -5.44 6.69
N PRO A 101 -3.16 -4.35 6.79
CA PRO A 101 -2.65 -2.99 6.67
C PRO A 101 -1.66 -2.64 7.79
N LEU A 102 -0.62 -1.86 7.46
CA LEU A 102 0.24 -1.22 8.46
C LEU A 102 -0.56 -0.14 9.22
N GLN A 103 -0.26 0.09 10.50
CA GLN A 103 -0.89 1.14 11.32
C GLN A 103 -0.15 2.48 11.21
N ARG A 104 -0.91 3.59 11.15
CA ARG A 104 -0.38 4.97 11.24
C ARG A 104 -0.15 5.40 12.69
N GLY A 1 2.34 19.46 17.57
CA GLY A 1 1.54 19.79 18.77
C GLY A 1 1.23 18.56 19.60
N SER A 2 0.13 18.60 20.36
CA SER A 2 -0.31 17.50 21.25
C SER A 2 -0.81 16.26 20.48
N SER A 3 -0.73 15.09 21.12
CA SER A 3 -1.13 13.78 20.55
C SER A 3 -2.63 13.47 20.63
N GLY A 4 -3.42 14.30 21.33
CA GLY A 4 -4.89 14.15 21.44
C GLY A 4 -5.62 14.33 20.10
N SER A 5 -6.83 13.75 20.01
CA SER A 5 -7.69 13.72 18.80
C SER A 5 -6.99 13.17 17.54
N SER A 6 -6.06 12.22 17.70
CA SER A 6 -5.35 11.58 16.59
C SER A 6 -6.31 10.83 15.64
N GLY A 7 -6.09 10.94 14.33
CA GLY A 7 -6.92 10.34 13.28
C GLY A 7 -8.25 11.07 12.99
N MET A 8 -8.55 12.17 13.69
CA MET A 8 -9.77 12.96 13.46
C MET A 8 -9.80 13.56 12.05
N ALA A 9 -10.91 13.34 11.32
CA ALA A 9 -11.14 13.78 9.94
C ALA A 9 -10.04 13.36 8.92
N GLU A 10 -9.32 12.26 9.18
CA GLU A 10 -8.21 11.79 8.33
C GLU A 10 -8.69 11.24 6.97
N ALA A 11 -9.87 10.61 6.98
CA ALA A 11 -10.64 10.11 5.84
C ALA A 11 -9.93 9.13 4.87
N ALA A 12 -8.73 8.65 5.20
CA ALA A 12 -7.92 7.75 4.38
C ALA A 12 -8.14 6.26 4.72
N ALA A 13 -7.80 5.38 3.78
CA ALA A 13 -7.74 3.93 4.01
C ALA A 13 -6.61 3.56 5.01
N PRO A 14 -6.76 2.51 5.83
CA PRO A 14 -5.77 2.17 6.88
C PRO A 14 -4.41 1.75 6.32
N TRP A 15 -4.34 1.29 5.07
CA TRP A 15 -3.11 0.95 4.37
C TRP A 15 -2.43 2.15 3.68
N TYR A 16 -3.05 3.34 3.60
CA TYR A 16 -2.45 4.50 2.94
C TYR A 16 -1.58 5.33 3.90
N HIS A 17 -0.34 5.61 3.49
CA HIS A 17 0.68 6.34 4.24
C HIS A 17 1.17 7.63 3.54
N GLY A 18 0.63 7.97 2.36
CA GLY A 18 0.94 9.22 1.66
C GLY A 18 2.40 9.34 1.20
N PRO A 19 3.03 10.53 1.31
CA PRO A 19 4.44 10.79 0.92
C PRO A 19 5.53 10.10 1.76
N LEU A 20 5.39 8.79 2.05
CA LEU A 20 6.42 7.99 2.71
C LEU A 20 7.59 7.72 1.75
N SER A 21 8.81 7.57 2.28
CA SER A 21 9.99 7.14 1.51
C SER A 21 10.17 5.61 1.57
N ARG A 22 10.85 5.03 0.57
CA ARG A 22 11.18 3.59 0.56
C ARG A 22 11.88 3.14 1.85
N THR A 23 12.90 3.86 2.27
CA THR A 23 13.68 3.52 3.49
C THR A 23 12.80 3.43 4.74
N ASP A 24 11.79 4.30 4.88
CA ASP A 24 10.81 4.27 5.97
C ASP A 24 9.83 3.08 5.83
N ALA A 25 9.37 2.80 4.61
CA ALA A 25 8.54 1.63 4.31
C ALA A 25 9.27 0.32 4.62
N GLU A 26 10.54 0.21 4.23
CA GLU A 26 11.39 -0.97 4.46
C GLU A 26 11.69 -1.19 5.95
N ASN A 27 12.06 -0.14 6.69
CA ASN A 27 12.30 -0.27 8.14
C ASN A 27 11.02 -0.63 8.92
N SER A 28 9.86 -0.19 8.45
CA SER A 28 8.56 -0.56 9.05
C SER A 28 8.21 -2.03 8.77
N LEU A 29 8.25 -2.46 7.50
CA LEU A 29 7.82 -3.80 7.10
C LEU A 29 8.82 -4.91 7.46
N LEU A 30 10.12 -4.60 7.59
CA LEU A 30 11.13 -5.54 8.08
C LEU A 30 10.96 -5.86 9.59
N ARG A 31 10.39 -4.93 10.36
CA ARG A 31 10.03 -5.12 11.78
C ARG A 31 8.70 -5.88 11.94
N MET A 32 7.76 -5.69 11.02
CA MET A 32 6.43 -6.31 11.01
C MET A 32 6.44 -7.79 10.56
N PRO A 33 5.38 -8.56 10.88
CA PRO A 33 5.17 -9.91 10.33
C PRO A 33 4.91 -9.90 8.81
N GLU A 34 5.04 -11.07 8.18
CA GLU A 34 4.76 -11.27 6.75
C GLU A 34 3.30 -10.96 6.37
N GLY A 35 3.10 -10.42 5.17
CA GLY A 35 1.79 -9.99 4.67
C GLY A 35 1.34 -8.63 5.19
N THR A 36 2.22 -7.89 5.89
CA THR A 36 1.99 -6.49 6.24
C THR A 36 2.25 -5.61 5.03
N PHE A 37 1.32 -4.70 4.70
CA PHE A 37 1.44 -3.86 3.51
C PHE A 37 1.05 -2.41 3.76
N LEU A 38 1.52 -1.55 2.85
CA LEU A 38 1.21 -0.11 2.81
C LEU A 38 1.15 0.38 1.37
N VAL A 39 0.43 1.47 1.14
CA VAL A 39 0.38 2.22 -0.12
C VAL A 39 0.83 3.65 0.11
N ARG A 40 1.68 4.15 -0.77
CA ARG A 40 2.35 5.46 -0.65
C ARG A 40 2.43 6.17 -2.00
N ASP A 41 2.71 7.47 -1.99
CA ASP A 41 3.01 8.25 -3.20
C ASP A 41 4.29 7.73 -3.89
N SER A 42 4.27 7.61 -5.23
CA SER A 42 5.34 6.93 -5.96
C SER A 42 6.62 7.76 -6.10
N THR A 43 7.76 7.11 -5.86
CA THR A 43 9.10 7.71 -5.96
C THR A 43 9.35 8.24 -7.37
N SER A 44 9.62 9.56 -7.48
CA SER A 44 9.89 10.27 -8.74
C SER A 44 8.83 10.12 -9.86
N SER A 45 7.58 9.77 -9.50
CA SER A 45 6.47 9.55 -10.45
C SER A 45 5.18 10.25 -9.99
N PRO A 46 4.97 11.54 -10.34
CA PRO A 46 3.78 12.29 -9.97
C PRO A 46 2.46 11.61 -10.44
N GLY A 47 1.47 11.54 -9.54
CA GLY A 47 0.16 10.93 -9.80
C GLY A 47 0.10 9.40 -9.73
N ASP A 48 1.23 8.71 -9.58
CA ASP A 48 1.30 7.25 -9.35
C ASP A 48 1.46 6.93 -7.85
N TYR A 49 1.16 5.69 -7.47
CA TYR A 49 1.34 5.15 -6.11
C TYR A 49 2.23 3.90 -6.11
N VAL A 50 2.63 3.43 -4.92
CA VAL A 50 3.43 2.22 -4.71
C VAL A 50 2.86 1.39 -3.57
N LEU A 51 2.63 0.11 -3.83
CA LEU A 51 2.30 -0.92 -2.84
C LEU A 51 3.61 -1.51 -2.34
N SER A 52 3.87 -1.43 -1.04
CA SER A 52 5.01 -2.08 -0.39
C SER A 52 4.52 -3.18 0.55
N CYS A 53 5.16 -4.36 0.51
CA CYS A 53 4.71 -5.55 1.24
C CYS A 53 5.88 -6.29 1.93
N SER A 54 5.65 -6.83 3.13
CA SER A 54 6.58 -7.74 3.77
C SER A 54 6.37 -9.14 3.20
N GLU A 55 7.37 -9.63 2.47
CA GLU A 55 7.35 -10.90 1.75
C GLU A 55 8.68 -11.66 1.86
N ASN A 56 8.64 -12.97 2.10
CA ASN A 56 9.79 -13.89 2.06
C ASN A 56 10.98 -13.44 2.94
N GLY A 57 10.68 -12.88 4.12
CA GLY A 57 11.69 -12.37 5.06
C GLY A 57 12.37 -11.05 4.65
N LYS A 58 11.89 -10.40 3.59
CA LYS A 58 12.36 -9.11 3.04
C LYS A 58 11.18 -8.16 2.77
N VAL A 59 11.45 -7.03 2.12
CA VAL A 59 10.43 -6.05 1.71
C VAL A 59 10.45 -5.86 0.20
N THR A 60 9.26 -5.83 -0.40
CA THR A 60 9.00 -5.69 -1.84
C THR A 60 8.22 -4.42 -2.16
N HIS A 61 8.31 -3.93 -3.39
CA HIS A 61 7.66 -2.70 -3.86
C HIS A 61 7.09 -2.88 -5.29
N TYR A 62 5.88 -2.37 -5.54
CA TYR A 62 5.13 -2.53 -6.79
C TYR A 62 4.41 -1.22 -7.16
N LYS A 63 4.58 -0.69 -8.37
CA LYS A 63 3.86 0.52 -8.79
C LYS A 63 2.37 0.25 -9.04
N LEU A 64 1.54 1.15 -8.51
CA LEU A 64 0.12 1.32 -8.74
C LEU A 64 -0.01 2.55 -9.65
N SER A 65 0.20 2.33 -10.94
CA SER A 65 0.28 3.37 -11.96
C SER A 65 -1.10 3.85 -12.39
N ALA A 66 -1.27 5.17 -12.60
CA ALA A 66 -2.51 5.75 -13.10
C ALA A 66 -2.62 5.60 -14.63
N GLU A 67 -3.72 5.02 -15.10
CA GLU A 67 -4.00 4.74 -16.52
C GLU A 67 -5.48 5.05 -16.82
N GLU A 68 -5.74 6.13 -17.57
CA GLU A 68 -7.10 6.64 -17.88
C GLU A 68 -7.99 6.86 -16.63
N GLY A 69 -7.37 7.21 -15.51
CA GLY A 69 -8.00 7.40 -14.20
C GLY A 69 -8.23 6.11 -13.38
N LYS A 70 -7.82 4.96 -13.90
CA LYS A 70 -7.85 3.63 -13.25
C LYS A 70 -6.43 3.18 -12.86
N ILE A 71 -6.31 2.05 -12.15
CA ILE A 71 -5.07 1.58 -11.51
C ILE A 71 -4.48 0.37 -12.25
N ARG A 72 -3.25 0.50 -12.76
CA ARG A 72 -2.46 -0.59 -13.36
C ARG A 72 -1.33 -1.02 -12.40
N ILE A 73 -1.22 -2.31 -12.12
CA ILE A 73 -0.16 -2.90 -11.29
C ILE A 73 0.32 -4.22 -11.90
N ASP A 74 1.64 -4.36 -12.09
CA ASP A 74 2.28 -5.42 -12.88
C ASP A 74 1.71 -5.49 -14.31
N THR A 75 0.73 -6.35 -14.57
CA THR A 75 -0.07 -6.39 -15.80
C THR A 75 -1.57 -6.18 -15.56
N HIS A 76 -2.04 -6.26 -14.32
CA HIS A 76 -3.45 -6.22 -13.93
C HIS A 76 -3.96 -4.77 -13.88
N LEU A 77 -5.15 -4.57 -14.43
CA LEU A 77 -5.91 -3.30 -14.35
C LEU A 77 -7.10 -3.45 -13.37
N PHE A 78 -7.27 -2.47 -12.50
CA PHE A 78 -8.35 -2.36 -11.51
C PHE A 78 -8.98 -0.96 -11.54
N ASP A 79 -10.24 -0.85 -11.13
CA ASP A 79 -10.95 0.43 -11.13
C ASP A 79 -10.35 1.46 -10.15
N ASN A 80 -9.85 0.99 -9.00
CA ASN A 80 -9.36 1.80 -7.89
C ASN A 80 -8.36 1.02 -7.01
N LEU A 81 -7.73 1.72 -6.06
CA LEU A 81 -6.72 1.14 -5.16
C LEU A 81 -7.30 0.02 -4.27
N ASP A 82 -8.49 0.20 -3.70
CA ASP A 82 -9.12 -0.79 -2.81
C ASP A 82 -9.42 -2.11 -3.53
N ALA A 83 -9.80 -2.06 -4.81
CA ALA A 83 -9.97 -3.24 -5.65
C ALA A 83 -8.64 -3.98 -5.91
N ALA A 84 -7.53 -3.25 -6.12
CA ALA A 84 -6.21 -3.85 -6.29
C ALA A 84 -5.70 -4.54 -5.00
N ILE A 85 -5.90 -3.90 -3.84
CA ILE A 85 -5.62 -4.51 -2.52
C ILE A 85 -6.47 -5.77 -2.32
N THR A 86 -7.78 -5.68 -2.57
CA THR A 86 -8.74 -6.80 -2.43
C THR A 86 -8.38 -7.99 -3.33
N PHE A 87 -7.91 -7.75 -4.56
CA PHE A 87 -7.41 -8.82 -5.43
C PHE A 87 -6.20 -9.56 -4.81
N TYR A 88 -5.23 -8.82 -4.27
CA TYR A 88 -4.05 -9.42 -3.63
C TYR A 88 -4.30 -9.95 -2.20
N MET A 89 -5.49 -9.73 -1.62
CA MET A 89 -5.94 -10.42 -0.40
C MET A 89 -6.39 -11.86 -0.73
N GLU A 90 -7.02 -12.04 -1.90
CA GLU A 90 -7.55 -13.33 -2.38
C GLU A 90 -6.52 -14.16 -3.16
N HIS A 91 -5.55 -13.52 -3.81
CA HIS A 91 -4.53 -14.14 -4.67
C HIS A 91 -3.10 -13.70 -4.28
N GLU A 92 -2.12 -14.59 -4.44
CA GLU A 92 -0.72 -14.27 -4.10
C GLU A 92 -0.14 -13.19 -5.04
N LEU A 93 0.60 -12.24 -4.47
CA LEU A 93 1.14 -11.08 -5.18
C LEU A 93 2.38 -11.48 -6.01
N GLU A 94 3.42 -11.94 -5.33
CA GLU A 94 4.64 -12.49 -5.93
C GLU A 94 5.20 -13.67 -5.11
N TYR A 95 5.32 -13.49 -3.80
CA TYR A 95 5.76 -14.51 -2.84
C TYR A 95 4.60 -14.96 -1.92
N SER A 96 3.69 -14.04 -1.57
CA SER A 96 2.51 -14.33 -0.74
C SER A 96 1.35 -13.34 -0.97
N SER A 97 0.20 -13.59 -0.33
CA SER A 97 -0.99 -12.70 -0.32
C SER A 97 -0.88 -11.61 0.77
N LEU A 98 -1.64 -10.52 0.60
CA LEU A 98 -1.84 -9.48 1.63
C LEU A 98 -2.57 -10.06 2.85
N LYS A 99 -2.25 -9.56 4.06
CA LYS A 99 -2.82 -10.08 5.34
C LYS A 99 -3.23 -8.98 6.33
N GLN A 100 -2.45 -7.91 6.49
CA GLN A 100 -2.81 -6.78 7.35
C GLN A 100 -2.23 -5.43 6.87
N PRO A 101 -2.94 -4.30 7.05
CA PRO A 101 -2.38 -2.96 6.80
C PRO A 101 -1.37 -2.57 7.89
N LEU A 102 -0.43 -1.67 7.57
CA LEU A 102 0.46 -1.04 8.54
C LEU A 102 -0.26 0.03 9.39
N GLN A 103 0.23 0.27 10.61
CA GLN A 103 -0.32 1.23 11.58
C GLN A 103 0.38 2.60 11.47
N ARG A 104 -0.38 3.69 11.66
CA ARG A 104 0.10 5.08 11.73
C ARG A 104 -0.60 5.91 12.82
N GLY A 1 -23.61 24.78 24.42
CA GLY A 1 -22.58 24.06 25.21
C GLY A 1 -21.74 23.14 24.34
N SER A 2 -21.13 22.13 24.96
CA SER A 2 -20.21 21.14 24.34
C SER A 2 -18.93 21.75 23.73
N SER A 3 -18.01 20.89 23.27
CA SER A 3 -16.70 21.27 22.70
C SER A 3 -16.76 21.82 21.27
N GLY A 4 -17.85 21.58 20.54
CA GLY A 4 -18.05 22.02 19.15
C GLY A 4 -17.27 21.24 18.09
N SER A 5 -16.67 20.09 18.45
CA SER A 5 -15.92 19.20 17.54
C SER A 5 -16.09 17.73 17.90
N SER A 6 -16.09 16.85 16.87
CA SER A 6 -16.12 15.39 17.02
C SER A 6 -14.75 14.79 17.39
N GLY A 7 -13.65 15.54 17.22
CA GLY A 7 -12.28 15.09 17.51
C GLY A 7 -11.77 13.93 16.62
N MET A 8 -12.41 13.71 15.47
CA MET A 8 -12.19 12.55 14.59
C MET A 8 -10.92 12.64 13.72
N ALA A 9 -10.41 11.49 13.29
CA ALA A 9 -9.29 11.36 12.37
C ALA A 9 -9.68 11.61 10.89
N GLU A 10 -8.69 11.67 9.99
CA GLU A 10 -8.86 11.76 8.56
C GLU A 10 -9.40 10.44 7.98
N ALA A 11 -10.21 10.60 6.94
CA ALA A 11 -10.98 9.55 6.27
C ALA A 11 -10.18 8.69 5.25
N ALA A 12 -8.85 8.80 5.25
CA ALA A 12 -7.95 8.01 4.40
C ALA A 12 -7.96 6.51 4.75
N ALA A 13 -7.66 5.65 3.78
CA ALA A 13 -7.61 4.20 3.95
C ALA A 13 -6.60 3.76 5.05
N PRO A 14 -6.83 2.63 5.75
CA PRO A 14 -6.00 2.21 6.88
C PRO A 14 -4.57 1.80 6.47
N TRP A 15 -4.36 1.45 5.20
CA TRP A 15 -3.05 1.11 4.60
C TRP A 15 -2.30 2.30 3.98
N TYR A 16 -2.87 3.50 3.93
CA TYR A 16 -2.31 4.62 3.18
C TYR A 16 -1.46 5.55 4.06
N HIS A 17 -0.22 5.84 3.62
CA HIS A 17 0.79 6.62 4.36
C HIS A 17 1.18 7.96 3.71
N GLY A 18 0.62 8.31 2.54
CA GLY A 18 0.99 9.55 1.82
C GLY A 18 2.43 9.50 1.27
N PRO A 19 3.21 10.61 1.31
CA PRO A 19 4.55 10.69 0.72
C PRO A 19 5.65 10.02 1.58
N LEU A 20 5.46 8.73 1.88
CA LEU A 20 6.45 7.88 2.56
C LEU A 20 7.60 7.51 1.61
N SER A 21 8.83 7.48 2.12
CA SER A 21 10.02 7.02 1.40
C SER A 21 10.22 5.50 1.54
N ARG A 22 10.99 4.89 0.63
CA ARG A 22 11.35 3.45 0.69
C ARG A 22 11.92 3.05 2.03
N THR A 23 12.94 3.76 2.52
CA THR A 23 13.65 3.41 3.77
C THR A 23 12.71 3.33 4.98
N ASP A 24 11.70 4.20 5.07
CA ASP A 24 10.68 4.18 6.11
C ASP A 24 9.73 2.98 5.97
N ALA A 25 9.31 2.67 4.74
CA ALA A 25 8.50 1.49 4.44
C ALA A 25 9.24 0.17 4.74
N GLU A 26 10.52 0.08 4.34
CA GLU A 26 11.37 -1.10 4.53
C GLU A 26 11.67 -1.37 6.01
N ASN A 27 11.98 -0.34 6.81
CA ASN A 27 12.20 -0.52 8.25
C ASN A 27 10.92 -0.97 8.97
N SER A 28 9.74 -0.44 8.59
CA SER A 28 8.47 -0.84 9.21
C SER A 28 8.05 -2.25 8.83
N LEU A 29 8.14 -2.64 7.55
CA LEU A 29 7.75 -3.99 7.13
C LEU A 29 8.78 -5.07 7.51
N LEU A 30 10.03 -4.70 7.82
CA LEU A 30 11.02 -5.60 8.43
C LEU A 30 10.78 -5.79 9.94
N ARG A 31 10.22 -4.78 10.61
CA ARG A 31 9.76 -4.85 12.01
C ARG A 31 8.47 -5.67 12.17
N MET A 32 7.58 -5.60 11.16
CA MET A 32 6.30 -6.31 11.10
C MET A 32 6.44 -7.76 10.57
N PRO A 33 5.43 -8.63 10.79
CA PRO A 33 5.38 -9.97 10.21
C PRO A 33 5.04 -9.95 8.71
N GLU A 34 5.23 -11.09 8.04
CA GLU A 34 4.88 -11.33 6.63
C GLU A 34 3.40 -11.06 6.33
N GLY A 35 3.14 -10.47 5.15
CA GLY A 35 1.80 -10.07 4.70
C GLY A 35 1.32 -8.72 5.21
N THR A 36 2.15 -7.99 5.98
CA THR A 36 1.90 -6.59 6.34
C THR A 36 2.20 -5.71 5.13
N PHE A 37 1.27 -4.82 4.76
CA PHE A 37 1.41 -3.96 3.59
C PHE A 37 1.04 -2.49 3.85
N LEU A 38 1.50 -1.63 2.95
CA LEU A 38 1.18 -0.20 2.92
C LEU A 38 1.10 0.32 1.49
N VAL A 39 0.45 1.46 1.29
CA VAL A 39 0.46 2.21 0.04
C VAL A 39 0.96 3.63 0.31
N ARG A 40 1.79 4.13 -0.60
CA ARG A 40 2.41 5.47 -0.54
C ARG A 40 2.32 6.19 -1.89
N ASP A 41 2.41 7.51 -1.88
CA ASP A 41 2.56 8.34 -3.08
C ASP A 41 3.90 8.03 -3.77
N SER A 42 3.89 7.88 -5.10
CA SER A 42 5.06 7.36 -5.83
C SER A 42 6.24 8.34 -5.87
N THR A 43 7.43 7.81 -5.58
CA THR A 43 8.72 8.54 -5.55
C THR A 43 9.42 8.60 -6.92
N SER A 44 8.79 8.09 -7.99
CA SER A 44 9.22 8.26 -9.39
C SER A 44 8.00 8.37 -10.31
N SER A 45 7.95 9.44 -11.11
CA SER A 45 6.81 9.90 -11.93
C SER A 45 5.56 10.36 -11.12
N PRO A 46 4.91 11.47 -11.50
CA PRO A 46 3.78 12.05 -10.76
C PRO A 46 2.46 11.30 -10.96
N GLY A 47 1.53 11.47 -10.01
CA GLY A 47 0.15 10.96 -10.08
C GLY A 47 -0.03 9.45 -9.82
N ASP A 48 1.07 8.71 -9.59
CA ASP A 48 1.08 7.27 -9.32
C ASP A 48 1.21 6.97 -7.82
N TYR A 49 0.95 5.72 -7.44
CA TYR A 49 1.15 5.20 -6.08
C TYR A 49 2.10 3.98 -6.08
N VAL A 50 2.46 3.48 -4.90
CA VAL A 50 3.30 2.29 -4.72
C VAL A 50 2.76 1.43 -3.59
N LEU A 51 2.55 0.14 -3.84
CA LEU A 51 2.22 -0.89 -2.85
C LEU A 51 3.54 -1.48 -2.33
N SER A 52 3.73 -1.52 -1.02
CA SER A 52 4.86 -2.19 -0.39
C SER A 52 4.37 -3.30 0.55
N CYS A 53 5.00 -4.47 0.55
CA CYS A 53 4.57 -5.65 1.31
C CYS A 53 5.76 -6.41 1.92
N SER A 54 5.58 -6.98 3.12
CA SER A 54 6.56 -7.88 3.74
C SER A 54 6.39 -9.29 3.16
N GLU A 55 7.39 -9.72 2.38
CA GLU A 55 7.32 -10.95 1.57
C GLU A 55 8.61 -11.78 1.62
N ASN A 56 8.57 -12.95 2.27
CA ASN A 56 9.64 -13.95 2.35
C ASN A 56 10.98 -13.38 2.86
N GLY A 57 10.94 -12.80 4.07
CA GLY A 57 12.14 -12.35 4.79
C GLY A 57 12.75 -11.01 4.31
N LYS A 58 12.05 -10.30 3.43
CA LYS A 58 12.43 -9.00 2.83
C LYS A 58 11.18 -8.11 2.64
N VAL A 59 11.39 -6.90 2.15
CA VAL A 59 10.32 -5.96 1.77
C VAL A 59 10.33 -5.72 0.27
N THR A 60 9.16 -5.80 -0.36
CA THR A 60 8.93 -5.63 -1.80
C THR A 60 8.15 -4.34 -2.09
N HIS A 61 8.25 -3.83 -3.32
CA HIS A 61 7.61 -2.59 -3.79
C HIS A 61 7.08 -2.75 -5.24
N TYR A 62 5.87 -2.24 -5.50
CA TYR A 62 5.15 -2.40 -6.77
C TYR A 62 4.44 -1.10 -7.17
N LYS A 63 4.67 -0.63 -8.41
CA LYS A 63 4.00 0.56 -8.95
C LYS A 63 2.50 0.33 -9.17
N LEU A 64 1.69 1.26 -8.67
CA LEU A 64 0.26 1.40 -8.93
C LEU A 64 0.09 2.63 -9.84
N SER A 65 0.27 2.41 -11.13
CA SER A 65 0.35 3.45 -12.15
C SER A 65 -1.04 3.90 -12.62
N ALA A 66 -1.24 5.20 -12.78
CA ALA A 66 -2.54 5.77 -13.17
C ALA A 66 -2.75 5.79 -14.69
N GLU A 67 -3.89 5.28 -15.17
CA GLU A 67 -4.36 5.37 -16.55
C GLU A 67 -5.85 5.73 -16.57
N GLU A 68 -6.20 6.95 -17.05
CA GLU A 68 -7.58 7.46 -17.08
C GLU A 68 -8.33 7.38 -15.72
N GLY A 69 -7.58 7.46 -14.62
CA GLY A 69 -8.05 7.33 -13.23
C GLY A 69 -8.13 5.89 -12.70
N LYS A 70 -7.91 4.88 -13.54
CA LYS A 70 -7.78 3.46 -13.17
C LYS A 70 -6.33 3.10 -12.79
N ILE A 71 -6.15 1.99 -12.10
CA ILE A 71 -4.90 1.56 -11.45
C ILE A 71 -4.29 0.33 -12.14
N ARG A 72 -3.14 0.51 -12.79
CA ARG A 72 -2.33 -0.55 -13.43
C ARG A 72 -1.23 -1.00 -12.47
N ILE A 73 -1.10 -2.29 -12.23
CA ILE A 73 -0.02 -2.89 -11.41
C ILE A 73 0.43 -4.23 -11.98
N ASP A 74 1.75 -4.40 -12.14
CA ASP A 74 2.40 -5.52 -12.86
C ASP A 74 1.85 -5.72 -14.28
N THR A 75 0.85 -6.60 -14.44
CA THR A 75 0.14 -6.92 -15.69
C THR A 75 -1.39 -6.87 -15.55
N HIS A 76 -1.88 -6.39 -14.40
CA HIS A 76 -3.30 -6.26 -14.04
C HIS A 76 -3.75 -4.79 -14.10
N LEU A 77 -5.03 -4.58 -14.44
CA LEU A 77 -5.70 -3.28 -14.39
C LEU A 77 -6.96 -3.38 -13.51
N PHE A 78 -7.08 -2.45 -12.56
CA PHE A 78 -8.18 -2.34 -11.59
C PHE A 78 -8.83 -0.97 -11.64
N ASP A 79 -10.09 -0.86 -11.22
CA ASP A 79 -10.81 0.42 -11.24
C ASP A 79 -10.24 1.45 -10.26
N ASN A 80 -9.73 1.00 -9.11
CA ASN A 80 -9.28 1.84 -8.00
C ASN A 80 -8.26 1.10 -7.11
N LEU A 81 -7.66 1.81 -6.16
CA LEU A 81 -6.62 1.28 -5.27
C LEU A 81 -7.13 0.08 -4.43
N ASP A 82 -8.31 0.21 -3.81
CA ASP A 82 -8.89 -0.80 -2.91
C ASP A 82 -9.22 -2.11 -3.63
N ALA A 83 -9.59 -2.05 -4.92
CA ALA A 83 -9.76 -3.23 -5.77
C ALA A 83 -8.45 -3.99 -6.01
N ALA A 84 -7.32 -3.28 -6.15
CA ALA A 84 -6.00 -3.90 -6.24
C ALA A 84 -5.57 -4.58 -4.93
N ILE A 85 -5.83 -3.93 -3.77
CA ILE A 85 -5.61 -4.54 -2.44
C ILE A 85 -6.44 -5.83 -2.32
N THR A 86 -7.74 -5.75 -2.63
CA THR A 86 -8.70 -6.86 -2.55
C THR A 86 -8.30 -8.04 -3.44
N PHE A 87 -7.80 -7.79 -4.65
CA PHE A 87 -7.27 -8.85 -5.52
C PHE A 87 -6.07 -9.57 -4.87
N TYR A 88 -5.11 -8.83 -4.31
CA TYR A 88 -3.94 -9.41 -3.65
C TYR A 88 -4.20 -9.94 -2.23
N MET A 89 -5.40 -9.72 -1.67
CA MET A 89 -5.87 -10.42 -0.46
C MET A 89 -6.34 -11.83 -0.80
N GLU A 90 -6.98 -12.01 -1.96
CA GLU A 90 -7.52 -13.29 -2.45
C GLU A 90 -6.48 -14.16 -3.20
N HIS A 91 -5.49 -13.52 -3.84
CA HIS A 91 -4.46 -14.17 -4.67
C HIS A 91 -3.04 -13.72 -4.26
N GLU A 92 -2.05 -14.60 -4.41
CA GLU A 92 -0.65 -14.27 -4.07
C GLU A 92 -0.09 -13.16 -4.98
N LEU A 93 0.64 -12.21 -4.39
CA LEU A 93 1.18 -11.03 -5.07
C LEU A 93 2.40 -11.42 -5.93
N GLU A 94 3.45 -11.91 -5.29
CA GLU A 94 4.64 -12.47 -5.93
C GLU A 94 5.20 -13.65 -5.12
N TYR A 95 5.32 -13.48 -3.81
CA TYR A 95 5.80 -14.47 -2.84
C TYR A 95 4.71 -14.88 -1.85
N SER A 96 3.78 -13.98 -1.51
CA SER A 96 2.61 -14.26 -0.65
C SER A 96 1.43 -13.30 -0.90
N SER A 97 0.28 -13.58 -0.27
CA SER A 97 -0.91 -12.71 -0.29
C SER A 97 -0.84 -11.62 0.80
N LEU A 98 -1.57 -10.52 0.60
CA LEU A 98 -1.80 -9.48 1.61
C LEU A 98 -2.56 -10.05 2.82
N LYS A 99 -2.26 -9.56 4.04
CA LYS A 99 -2.87 -10.05 5.30
C LYS A 99 -3.37 -8.92 6.21
N GLN A 100 -2.61 -7.84 6.35
CA GLN A 100 -2.97 -6.71 7.23
C GLN A 100 -2.33 -5.38 6.80
N PRO A 101 -3.01 -4.23 7.01
CA PRO A 101 -2.42 -2.91 6.79
C PRO A 101 -1.42 -2.52 7.89
N LEU A 102 -0.40 -1.73 7.54
CA LEU A 102 0.47 -1.05 8.50
C LEU A 102 -0.29 0.10 9.16
N GLN A 103 -0.01 0.38 10.44
CA GLN A 103 -0.74 1.37 11.24
C GLN A 103 -0.33 2.81 10.88
N ARG A 104 -1.33 3.68 10.67
CA ARG A 104 -1.18 5.09 10.22
C ARG A 104 -2.07 6.04 11.01
#